data_1HYJ
#
_entry.id   1HYJ
#
_cell.length_a   1.000
_cell.length_b   1.000
_cell.length_c   1.000
_cell.angle_alpha   90.00
_cell.angle_beta   90.00
_cell.angle_gamma   90.00
#
_symmetry.space_group_name_H-M   'P 1'
#
loop_
_entity.id
_entity.type
_entity.pdbx_description
1 polymer 'ENDOSOME-ASSOCIATED PROTEIN'
2 non-polymer 'ZINC ION'
#
_entity_poly.entity_id   1
_entity_poly.type   'polypeptide(L)'
_entity_poly.pdbx_seq_one_letter_code
;RKWAEDNEVQNCMACGKGFSVTVRRHHCRQCGNIFCAECSAKNALTPSSKKPVRVCDACFNDLQG
;
_entity_poly.pdbx_strand_id   A
#
loop_
_chem_comp.id
_chem_comp.type
_chem_comp.name
_chem_comp.formula
ZN non-polymer 'ZINC ION' 'Zn 2'
#
# COMPACT_ATOMS: atom_id res chain seq x y z
N ARG A 1 -7.49 3.62 17.93
CA ARG A 1 -6.30 2.87 17.42
C ARG A 1 -6.54 1.36 17.57
N LYS A 2 -6.77 0.67 16.49
CA LYS A 2 -7.01 -0.80 16.56
C LYS A 2 -5.98 -1.54 15.69
N TRP A 3 -5.91 -1.19 14.44
CA TRP A 3 -4.92 -1.86 13.53
C TRP A 3 -4.53 -0.90 12.40
N ALA A 4 -5.15 -1.02 11.26
CA ALA A 4 -4.81 -0.10 10.14
C ALA A 4 -5.30 1.31 10.46
N GLU A 5 -4.53 2.05 11.22
CA GLU A 5 -4.95 3.42 11.59
C GLU A 5 -3.86 4.43 11.20
N ASP A 6 -3.93 4.92 10.00
CA ASP A 6 -2.92 5.91 9.51
C ASP A 6 -2.47 6.84 10.64
N ASN A 7 -3.33 7.09 11.60
CA ASN A 7 -2.97 7.99 12.73
C ASN A 7 -1.51 7.77 13.16
N GLU A 8 -1.07 6.54 13.17
CA GLU A 8 0.33 6.25 13.58
C GLU A 8 1.17 5.79 12.38
N VAL A 9 0.76 6.13 11.19
CA VAL A 9 1.53 5.70 10.00
C VAL A 9 2.57 6.76 9.61
N GLN A 10 3.73 6.71 10.21
CA GLN A 10 4.78 7.71 9.88
C GLN A 10 6.08 6.97 9.55
N ASN A 11 5.98 5.73 9.15
CA ASN A 11 7.20 4.94 8.82
C ASN A 11 6.82 3.71 7.96
N CYS A 12 7.07 3.77 6.68
CA CYS A 12 6.73 2.61 5.81
C CYS A 12 7.13 1.30 6.49
N MET A 13 6.27 0.33 6.47
CA MET A 13 6.60 -0.98 7.12
C MET A 13 7.42 -1.86 6.16
N ALA A 14 7.64 -1.39 4.96
CA ALA A 14 8.41 -2.21 3.98
C ALA A 14 9.85 -1.68 3.86
N CYS A 15 10.02 -0.50 3.31
CA CYS A 15 11.40 0.06 3.17
C CYS A 15 11.83 0.77 4.45
N GLY A 16 10.92 1.44 5.10
CA GLY A 16 11.28 2.16 6.35
C GLY A 16 11.49 3.65 6.06
N LYS A 17 10.82 4.14 5.06
CA LYS A 17 10.98 5.59 4.70
C LYS A 17 10.24 6.46 5.73
N GLY A 18 10.76 7.63 5.99
CA GLY A 18 10.09 8.53 6.97
C GLY A 18 9.08 9.43 6.25
N PHE A 19 7.83 9.17 6.42
CA PHE A 19 6.79 9.99 5.73
C PHE A 19 6.90 11.46 6.16
N SER A 20 6.27 12.35 5.44
CA SER A 20 6.34 13.80 5.81
C SER A 20 5.31 14.59 5.01
N VAL A 21 5.32 15.88 5.12
CA VAL A 21 4.33 16.71 4.36
C VAL A 21 4.70 16.73 2.87
N THR A 22 5.94 16.46 2.56
CA THR A 22 6.37 16.48 1.13
C THR A 22 5.95 15.17 0.45
N VAL A 23 5.77 14.12 1.21
CA VAL A 23 5.36 12.82 0.61
C VAL A 23 3.97 12.43 1.11
N ARG A 24 3.21 11.73 0.32
CA ARG A 24 1.84 11.34 0.76
C ARG A 24 1.87 9.93 1.34
N ARG A 25 0.88 9.59 2.13
CA ARG A 25 0.84 8.23 2.73
C ARG A 25 0.04 7.28 1.86
N HIS A 26 0.45 6.04 1.78
CA HIS A 26 -0.30 5.05 0.95
C HIS A 26 -0.67 3.84 1.81
N HIS A 27 -1.63 3.07 1.40
CA HIS A 27 -2.02 1.88 2.22
C HIS A 27 -2.68 0.81 1.32
N CYS A 28 -2.10 -0.36 1.29
CA CYS A 28 -2.65 -1.46 0.44
C CYS A 28 -3.97 -1.98 1.01
N ARG A 29 -4.96 -2.14 0.18
CA ARG A 29 -6.29 -2.65 0.67
C ARG A 29 -6.34 -4.18 0.60
N GLN A 30 -5.51 -4.77 -0.22
CA GLN A 30 -5.51 -6.26 -0.33
C GLN A 30 -4.96 -6.90 0.94
N CYS A 31 -3.76 -6.55 1.32
CA CYS A 31 -3.17 -7.13 2.56
C CYS A 31 -3.51 -6.26 3.78
N GLY A 32 -3.63 -4.98 3.57
CA GLY A 32 -3.95 -4.07 4.72
C GLY A 32 -2.64 -3.59 5.35
N ASN A 33 -1.69 -3.22 4.54
CA ASN A 33 -0.38 -2.73 5.09
C ASN A 33 -0.07 -1.35 4.53
N ILE A 34 0.21 -0.40 5.38
CA ILE A 34 0.52 0.97 4.91
C ILE A 34 1.85 0.98 4.16
N PHE A 35 1.88 1.58 2.99
CA PHE A 35 3.14 1.61 2.20
C PHE A 35 3.45 3.04 1.75
N CYS A 36 4.68 3.30 1.38
CA CYS A 36 5.05 4.67 0.92
C CYS A 36 4.99 4.74 -0.60
N ALA A 37 5.22 5.90 -1.16
CA ALA A 37 5.16 6.04 -2.65
C ALA A 37 6.16 5.07 -3.31
N GLU A 38 7.09 4.55 -2.56
CA GLU A 38 8.08 3.61 -3.16
C GLU A 38 7.50 2.19 -3.27
N CYS A 39 6.84 1.73 -2.24
CA CYS A 39 6.26 0.36 -2.28
C CYS A 39 4.85 0.39 -2.87
N SER A 40 4.16 1.49 -2.75
CA SER A 40 2.78 1.56 -3.31
C SER A 40 2.82 2.07 -4.76
N ALA A 41 3.99 2.17 -5.33
CA ALA A 41 4.08 2.65 -6.74
C ALA A 41 3.63 1.55 -7.70
N LYS A 42 2.44 1.04 -7.51
CA LYS A 42 1.94 -0.04 -8.42
C LYS A 42 0.41 -0.09 -8.38
N ASN A 43 -0.20 -0.47 -9.46
CA ASN A 43 -1.69 -0.55 -9.50
C ASN A 43 -2.12 -1.81 -10.27
N ALA A 44 -2.81 -2.70 -9.61
CA ALA A 44 -3.25 -3.95 -10.30
C ALA A 44 -4.77 -4.00 -10.37
N LEU A 45 -5.30 -4.65 -11.38
CA LEU A 45 -6.79 -4.74 -11.50
C LEU A 45 -7.32 -5.93 -10.70
N THR A 46 -8.55 -5.87 -10.27
CA THR A 46 -9.12 -7.00 -9.49
C THR A 46 -10.21 -7.70 -10.31
N PRO A 47 -10.34 -8.98 -10.08
CA PRO A 47 -11.35 -9.79 -10.81
C PRO A 47 -12.75 -9.50 -10.26
N SER A 48 -12.84 -8.92 -9.10
CA SER A 48 -14.17 -8.61 -8.52
C SER A 48 -14.70 -7.28 -9.07
N SER A 49 -13.90 -6.59 -9.83
CA SER A 49 -14.35 -5.29 -10.39
C SER A 49 -13.39 -4.82 -11.49
N LYS A 50 -13.87 -4.03 -12.41
CA LYS A 50 -12.98 -3.55 -13.50
C LYS A 50 -12.30 -2.23 -13.10
N LYS A 51 -11.27 -2.31 -12.30
CA LYS A 51 -10.57 -1.07 -11.88
C LYS A 51 -9.18 -1.41 -11.32
N PRO A 52 -8.22 -0.60 -11.67
CA PRO A 52 -6.84 -0.83 -11.20
C PRO A 52 -6.70 -0.43 -9.72
N VAL A 53 -6.54 -1.39 -8.86
CA VAL A 53 -6.40 -1.09 -7.41
C VAL A 53 -4.91 -0.88 -7.06
N ARG A 54 -4.62 -0.07 -6.08
CA ARG A 54 -3.21 0.16 -5.70
C ARG A 54 -2.77 -0.85 -4.64
N VAL A 55 -1.80 -1.66 -4.93
CA VAL A 55 -1.34 -2.67 -3.93
C VAL A 55 0.18 -2.74 -3.94
N CYS A 56 0.78 -3.16 -2.86
CA CYS A 56 2.27 -3.26 -2.82
C CYS A 56 2.75 -4.30 -3.83
N ASP A 57 3.94 -4.14 -4.32
CA ASP A 57 4.48 -5.12 -5.32
C ASP A 57 4.11 -6.55 -4.91
N ALA A 58 4.41 -6.93 -3.69
CA ALA A 58 4.09 -8.30 -3.23
C ALA A 58 2.71 -8.71 -3.73
N CYS A 59 1.68 -8.08 -3.24
CA CYS A 59 0.30 -8.42 -3.69
C CYS A 59 0.23 -8.43 -5.21
N PHE A 60 0.89 -7.50 -5.85
CA PHE A 60 0.87 -7.44 -7.33
C PHE A 60 1.16 -8.83 -7.90
N ASN A 61 2.04 -9.57 -7.27
CA ASN A 61 2.37 -10.93 -7.78
C ASN A 61 1.22 -11.90 -7.48
N ASP A 62 0.57 -11.74 -6.37
CA ASP A 62 -0.56 -12.65 -6.01
C ASP A 62 -1.74 -12.44 -6.96
N LEU A 63 -1.71 -11.41 -7.76
CA LEU A 63 -2.83 -11.16 -8.70
C LEU A 63 -2.39 -11.36 -10.15
N GLN A 64 -1.12 -11.23 -10.42
CA GLN A 64 -0.64 -11.43 -11.82
C GLN A 64 -0.23 -12.89 -12.04
N GLY A 65 -0.56 -13.75 -11.11
CA GLY A 65 -0.20 -15.19 -11.26
C GLY A 65 -1.43 -16.00 -11.64
ZN ZN B . 8.88 1.53 1.25
ZN ZN C . -0.72 -6.18 0.00
N ARG A 1 -11.85 2.31 15.51
CA ARG A 1 -10.69 1.68 16.23
C ARG A 1 -10.68 0.17 16.00
N LYS A 2 -9.54 -0.38 15.65
CA LYS A 2 -9.45 -1.84 15.41
C LYS A 2 -7.99 -2.26 15.24
N TRP A 3 -7.67 -3.02 14.23
CA TRP A 3 -6.26 -3.44 14.03
C TRP A 3 -5.37 -2.22 13.78
N ALA A 4 -5.00 -1.97 12.55
CA ALA A 4 -4.13 -0.79 12.28
C ALA A 4 -4.99 0.44 11.99
N GLU A 5 -6.11 0.25 11.35
CA GLU A 5 -7.00 1.40 11.03
C GLU A 5 -6.20 2.53 10.37
N ASP A 6 -5.04 2.22 9.84
CA ASP A 6 -4.21 3.27 9.18
C ASP A 6 -4.33 4.62 9.91
N ASN A 7 -4.58 4.59 11.18
CA ASN A 7 -4.72 5.88 11.94
C ASN A 7 -3.62 5.97 13.00
N GLU A 8 -2.64 5.12 12.95
CA GLU A 8 -1.55 5.16 13.97
C GLU A 8 -0.18 4.98 13.30
N VAL A 9 -0.15 4.83 12.00
CA VAL A 9 1.17 4.64 11.31
C VAL A 9 1.71 6.00 10.87
N GLN A 10 3.01 6.14 10.80
CA GLN A 10 3.60 7.45 10.37
C GLN A 10 4.82 7.25 9.46
N ASN A 11 5.22 6.03 9.22
CA ASN A 11 6.41 5.82 8.34
C ASN A 11 6.35 4.43 7.68
N CYS A 12 6.74 4.34 6.43
CA CYS A 12 6.70 3.02 5.73
C CYS A 12 7.54 1.99 6.49
N MET A 13 6.90 1.02 7.09
CA MET A 13 7.65 -0.02 7.84
C MET A 13 8.41 -0.94 6.89
N ALA A 14 8.13 -0.85 5.62
CA ALA A 14 8.84 -1.72 4.63
C ALA A 14 10.22 -1.14 4.32
N CYS A 15 10.26 -0.05 3.59
CA CYS A 15 11.58 0.56 3.25
C CYS A 15 12.00 1.56 4.34
N GLY A 16 11.06 2.09 5.06
CA GLY A 16 11.41 3.07 6.13
C GLY A 16 11.07 4.49 5.65
N LYS A 17 10.72 4.64 4.40
CA LYS A 17 10.38 6.00 3.89
C LYS A 17 9.53 6.76 4.92
N GLY A 18 9.89 7.98 5.21
CA GLY A 18 9.11 8.78 6.19
C GLY A 18 7.96 9.50 5.48
N PHE A 19 6.75 9.09 5.73
CA PHE A 19 5.60 9.76 5.06
C PHE A 19 5.64 11.27 5.30
N SER A 20 6.08 12.02 4.33
CA SER A 20 6.14 13.50 4.52
C SER A 20 4.85 14.15 4.03
N VAL A 21 4.74 15.44 4.14
CA VAL A 21 3.50 16.13 3.69
C VAL A 21 3.36 16.01 2.17
N THR A 22 4.45 15.85 1.47
CA THR A 22 4.38 15.72 -0.01
C THR A 22 4.23 14.24 -0.41
N VAL A 23 4.21 13.36 0.55
CA VAL A 23 4.07 11.91 0.22
C VAL A 23 2.74 11.38 0.76
N ARG A 24 1.87 10.97 -0.11
CA ARG A 24 0.55 10.43 0.35
C ARG A 24 0.73 9.04 0.96
N ARG A 25 -0.14 8.65 1.85
CA ARG A 25 -0.01 7.31 2.48
C ARG A 25 -0.83 6.27 1.70
N HIS A 26 -0.18 5.39 0.99
CA HIS A 26 -0.92 4.35 0.21
C HIS A 26 -0.72 2.98 0.89
N HIS A 27 -1.77 2.39 1.37
CA HIS A 27 -1.63 1.06 2.04
C HIS A 27 -2.13 -0.06 1.13
N CYS A 28 -1.64 -1.25 1.33
CA CYS A 28 -2.09 -2.40 0.48
C CYS A 28 -3.49 -2.85 0.91
N ARG A 29 -4.47 -2.61 0.08
CA ARG A 29 -5.86 -3.03 0.43
C ARG A 29 -5.97 -4.56 0.47
N GLN A 30 -5.18 -5.24 -0.31
CA GLN A 30 -5.24 -6.73 -0.33
C GLN A 30 -4.70 -7.28 1.00
N CYS A 31 -3.43 -7.12 1.23
CA CYS A 31 -2.85 -7.64 2.51
C CYS A 31 -3.30 -6.77 3.68
N GLY A 32 -3.12 -5.47 3.57
CA GLY A 32 -3.53 -4.56 4.67
C GLY A 32 -2.29 -4.04 5.39
N ASN A 33 -1.37 -3.45 4.67
CA ASN A 33 -0.13 -2.92 5.32
C ASN A 33 0.10 -1.46 4.92
N ILE A 34 0.87 -0.74 5.68
CA ILE A 34 1.15 0.69 5.35
C ILE A 34 2.39 0.78 4.46
N PHE A 35 2.22 1.09 3.20
CA PHE A 35 3.39 1.19 2.29
C PHE A 35 3.49 2.60 1.70
N CYS A 36 4.65 2.98 1.21
CA CYS A 36 4.82 4.33 0.61
C CYS A 36 4.91 4.24 -0.91
N ALA A 37 5.09 5.34 -1.58
CA ALA A 37 5.18 5.32 -3.07
C ALA A 37 6.02 4.12 -3.54
N GLU A 38 7.28 4.12 -3.24
CA GLU A 38 8.16 2.99 -3.67
C GLU A 38 7.46 1.65 -3.48
N CYS A 39 7.37 1.19 -2.26
CA CYS A 39 6.71 -0.12 -1.99
C CYS A 39 5.36 -0.23 -2.71
N SER A 40 4.49 0.72 -2.50
CA SER A 40 3.16 0.66 -3.16
C SER A 40 3.22 1.25 -4.57
N ALA A 41 4.38 1.31 -5.16
CA ALA A 41 4.49 1.88 -6.53
C ALA A 41 3.83 0.93 -7.55
N LYS A 42 3.44 -0.24 -7.12
CA LYS A 42 2.80 -1.19 -8.06
C LYS A 42 1.27 -1.05 -8.00
N ASN A 43 0.60 -1.37 -9.07
CA ASN A 43 -0.89 -1.25 -9.06
C ASN A 43 -1.52 -2.44 -9.79
N ALA A 44 -2.46 -3.09 -9.16
CA ALA A 44 -3.13 -4.26 -9.81
C ALA A 44 -4.60 -3.95 -10.07
N LEU A 45 -5.16 -4.50 -11.11
CA LEU A 45 -6.59 -4.22 -11.42
C LEU A 45 -7.47 -5.39 -10.96
N THR A 46 -8.65 -5.11 -10.46
CA THR A 46 -9.56 -6.19 -10.01
C THR A 46 -10.92 -6.05 -10.70
N PRO A 47 -11.49 -7.18 -11.03
CA PRO A 47 -12.82 -7.19 -11.71
C PRO A 47 -13.92 -6.78 -10.73
N SER A 48 -13.58 -6.62 -9.49
CA SER A 48 -14.60 -6.22 -8.47
C SER A 48 -14.66 -4.70 -8.37
N SER A 49 -13.66 -4.02 -8.86
CA SER A 49 -13.66 -2.53 -8.80
C SER A 49 -13.47 -1.93 -10.20
N LYS A 50 -13.04 -2.71 -11.14
CA LYS A 50 -12.85 -2.17 -12.52
C LYS A 50 -11.74 -1.12 -12.53
N LYS A 51 -10.89 -1.13 -11.53
CA LYS A 51 -9.79 -0.12 -11.49
C LYS A 51 -8.54 -0.73 -10.84
N PRO A 52 -7.42 -0.13 -11.13
CA PRO A 52 -6.14 -0.63 -10.57
C PRO A 52 -6.01 -0.26 -9.09
N VAL A 53 -6.06 -1.23 -8.22
CA VAL A 53 -5.94 -0.94 -6.76
C VAL A 53 -4.47 -0.83 -6.37
N ARG A 54 -4.18 -0.11 -5.32
CA ARG A 54 -2.75 0.05 -4.91
C ARG A 54 -2.33 -1.12 -4.00
N VAL A 55 -1.27 -1.80 -4.35
CA VAL A 55 -0.80 -2.95 -3.52
C VAL A 55 0.72 -3.08 -3.63
N CYS A 56 1.36 -3.66 -2.65
CA CYS A 56 2.84 -3.81 -2.70
C CYS A 56 3.25 -4.89 -3.70
N ASP A 57 4.50 -4.94 -4.07
CA ASP A 57 4.97 -5.98 -5.03
C ASP A 57 4.42 -7.34 -4.65
N ALA A 58 4.69 -7.79 -3.45
CA ALA A 58 4.18 -9.13 -3.02
C ALA A 58 2.72 -9.30 -3.47
N CYS A 59 1.83 -8.53 -2.93
CA CYS A 59 0.40 -8.65 -3.34
C CYS A 59 0.28 -8.32 -4.82
N PHE A 60 1.02 -7.37 -5.30
CA PHE A 60 0.97 -7.01 -6.74
C PHE A 60 1.24 -8.25 -7.59
N ASN A 61 2.21 -9.03 -7.20
CA ASN A 61 2.52 -10.28 -7.97
C ASN A 61 1.35 -11.26 -7.85
N ASP A 62 0.82 -11.41 -6.67
CA ASP A 62 -0.33 -12.34 -6.48
C ASP A 62 -1.48 -11.95 -7.41
N LEU A 63 -1.51 -10.71 -7.82
CA LEU A 63 -2.59 -10.24 -8.74
C LEU A 63 -2.03 -10.08 -10.15
N GLN A 64 -0.80 -9.66 -10.25
CA GLN A 64 -0.18 -9.47 -11.59
C GLN A 64 -0.14 -10.81 -12.34
N GLY A 65 -0.26 -11.90 -11.63
CA GLY A 65 -0.24 -13.23 -12.31
C GLY A 65 -1.52 -14.00 -11.98
ZN ZN B . 8.88 1.60 1.23
ZN ZN C . 0.30 -7.00 0.32
N ARG A 1 -9.07 5.10 11.64
CA ARG A 1 -9.15 5.24 13.12
C ARG A 1 -9.33 3.86 13.77
N LYS A 2 -9.44 2.83 12.99
CA LYS A 2 -9.62 1.47 13.57
C LYS A 2 -8.47 0.55 13.13
N TRP A 3 -8.41 0.23 11.87
CA TRP A 3 -7.32 -0.67 11.39
C TRP A 3 -5.96 0.02 11.52
N ALA A 4 -5.57 0.80 10.54
CA ALA A 4 -4.26 1.50 10.61
C ALA A 4 -4.41 2.81 11.39
N GLU A 5 -5.50 3.51 11.19
CA GLU A 5 -5.74 4.81 11.90
C GLU A 5 -4.69 5.86 11.53
N ASP A 6 -3.76 5.55 10.67
CA ASP A 6 -2.71 6.56 10.29
C ASP A 6 -1.83 6.89 11.49
N ASN A 7 -2.40 7.36 12.55
CA ASN A 7 -1.60 7.70 13.76
C ASN A 7 -0.85 6.46 14.25
N GLU A 8 -1.32 5.29 13.91
CA GLU A 8 -0.63 4.05 14.35
C GLU A 8 0.67 3.87 13.55
N VAL A 9 0.62 4.09 12.27
CA VAL A 9 1.86 3.94 11.45
C VAL A 9 2.45 5.32 11.15
N GLN A 10 3.75 5.42 11.11
CA GLN A 10 4.39 6.73 10.83
C GLN A 10 5.57 6.55 9.87
N ASN A 11 5.77 5.37 9.35
CA ASN A 11 6.90 5.14 8.42
C ASN A 11 6.66 3.89 7.57
N CYS A 12 6.93 3.97 6.30
CA CYS A 12 6.74 2.79 5.41
C CYS A 12 7.26 1.51 6.10
N MET A 13 6.38 0.77 6.71
CA MET A 13 6.81 -0.48 7.41
C MET A 13 7.71 -1.33 6.51
N ALA A 14 7.41 -1.39 5.23
CA ALA A 14 8.24 -2.20 4.30
C ALA A 14 9.59 -1.52 4.05
N CYS A 15 9.62 -0.57 3.16
CA CYS A 15 10.90 0.13 2.85
C CYS A 15 11.39 0.92 4.06
N GLY A 16 10.52 1.66 4.69
CA GLY A 16 10.93 2.47 5.87
C GLY A 16 10.93 3.96 5.50
N LYS A 17 10.50 4.28 4.30
CA LYS A 17 10.47 5.70 3.86
C LYS A 17 10.10 6.64 5.02
N GLY A 18 10.75 7.76 5.13
CA GLY A 18 10.43 8.70 6.24
C GLY A 18 9.31 9.64 5.80
N PHE A 19 8.09 9.18 5.84
CA PHE A 19 6.94 10.04 5.42
C PHE A 19 7.14 11.47 5.89
N SER A 20 6.57 12.42 5.18
CA SER A 20 6.73 13.85 5.57
C SER A 20 5.65 14.69 4.87
N VAL A 21 5.62 15.97 5.14
CA VAL A 21 4.60 16.83 4.49
C VAL A 21 4.71 16.74 2.96
N THR A 22 5.88 16.43 2.46
CA THR A 22 6.05 16.32 0.99
C THR A 22 5.62 14.93 0.52
N VAL A 23 5.87 13.92 1.31
CA VAL A 23 5.47 12.54 0.91
C VAL A 23 4.11 12.19 1.50
N ARG A 24 3.29 11.48 0.78
CA ARG A 24 1.94 11.11 1.30
C ARG A 24 1.94 9.68 1.82
N ARG A 25 0.99 9.34 2.64
CA ARG A 25 0.94 7.95 3.20
C ARG A 25 0.06 7.05 2.32
N HIS A 26 0.48 5.83 2.08
CA HIS A 26 -0.34 4.91 1.24
C HIS A 26 -0.63 3.63 2.03
N HIS A 27 -1.63 2.89 1.64
CA HIS A 27 -1.97 1.63 2.36
C HIS A 27 -2.45 0.57 1.37
N CYS A 28 -1.95 -0.63 1.47
CA CYS A 28 -2.39 -1.70 0.52
C CYS A 28 -3.84 -2.08 0.81
N ARG A 29 -4.70 -1.92 -0.16
CA ARG A 29 -6.14 -2.27 0.05
C ARG A 29 -6.32 -3.79 0.05
N GLN A 30 -5.39 -4.51 -0.51
CA GLN A 30 -5.52 -5.99 -0.53
C GLN A 30 -5.22 -6.56 0.86
N CYS A 31 -3.97 -6.84 1.14
CA CYS A 31 -3.63 -7.40 2.48
C CYS A 31 -4.04 -6.42 3.57
N GLY A 32 -3.84 -5.15 3.34
CA GLY A 32 -4.22 -4.13 4.37
C GLY A 32 -2.98 -3.70 5.15
N ASN A 33 -2.05 -3.08 4.48
CA ASN A 33 -0.80 -2.63 5.18
C ASN A 33 -0.36 -1.25 4.65
N ILE A 34 0.10 -0.40 5.53
CA ILE A 34 0.55 0.95 5.09
C ILE A 34 1.81 0.85 4.22
N PHE A 35 1.85 1.57 3.14
CA PHE A 35 3.05 1.53 2.26
C PHE A 35 3.34 2.92 1.69
N CYS A 36 4.52 3.15 1.20
CA CYS A 36 4.86 4.48 0.64
C CYS A 36 4.60 4.50 -0.86
N ALA A 37 4.55 5.67 -1.45
CA ALA A 37 4.30 5.76 -2.92
C ALA A 37 5.09 4.68 -3.67
N GLU A 38 6.35 4.51 -3.36
CA GLU A 38 7.17 3.50 -4.06
C GLU A 38 6.55 2.10 -3.89
N CYS A 39 6.73 1.49 -2.74
CA CYS A 39 6.14 0.14 -2.51
C CYS A 39 4.73 0.08 -3.10
N SER A 40 3.89 1.00 -2.72
CA SER A 40 2.50 1.00 -3.26
C SER A 40 2.45 1.85 -4.53
N ALA A 41 3.52 1.88 -5.28
CA ALA A 41 3.56 2.70 -6.52
C ALA A 41 2.68 2.07 -7.62
N LYS A 42 2.83 0.79 -7.86
CA LYS A 42 2.00 0.16 -8.93
C LYS A 42 0.65 -0.29 -8.37
N ASN A 43 -0.32 -0.49 -9.22
CA ASN A 43 -1.66 -0.93 -8.75
C ASN A 43 -2.08 -2.23 -9.45
N ALA A 44 -2.79 -3.08 -8.76
CA ALA A 44 -3.22 -4.36 -9.39
C ALA A 44 -4.74 -4.36 -9.62
N LEU A 45 -5.20 -5.05 -10.63
CA LEU A 45 -6.67 -5.07 -10.90
C LEU A 45 -7.35 -6.20 -10.12
N THR A 46 -8.65 -6.09 -9.94
CA THR A 46 -9.39 -7.16 -9.21
C THR A 46 -10.59 -7.64 -10.04
N PRO A 47 -11.09 -8.79 -9.71
CA PRO A 47 -12.25 -9.36 -10.44
C PRO A 47 -13.54 -8.65 -10.05
N SER A 48 -13.58 -8.06 -8.88
CA SER A 48 -14.82 -7.35 -8.44
C SER A 48 -15.04 -6.10 -9.30
N SER A 49 -14.09 -5.75 -10.12
CA SER A 49 -14.25 -4.55 -10.98
C SER A 49 -13.14 -4.49 -12.03
N LYS A 50 -13.22 -3.55 -12.95
CA LYS A 50 -12.17 -3.45 -13.99
C LYS A 50 -11.24 -2.28 -13.70
N LYS A 51 -10.70 -2.22 -12.51
CA LYS A 51 -9.78 -1.10 -12.16
C LYS A 51 -8.57 -1.61 -11.38
N PRO A 52 -7.47 -0.94 -11.55
CA PRO A 52 -6.22 -1.31 -10.87
C PRO A 52 -6.16 -0.71 -9.46
N VAL A 53 -6.29 -1.52 -8.44
CA VAL A 53 -6.25 -0.99 -7.05
C VAL A 53 -4.78 -0.79 -6.63
N ARG A 54 -4.55 0.05 -5.65
CA ARG A 54 -3.15 0.29 -5.19
C ARG A 54 -2.70 -0.82 -4.23
N VAL A 55 -1.69 -1.55 -4.60
CA VAL A 55 -1.21 -2.64 -3.70
C VAL A 55 0.32 -2.69 -3.71
N CYS A 56 0.91 -3.25 -2.70
CA CYS A 56 2.39 -3.33 -2.63
C CYS A 56 2.93 -4.32 -3.66
N ASP A 57 4.10 -4.08 -4.19
CA ASP A 57 4.70 -5.00 -5.19
C ASP A 57 4.40 -6.45 -4.84
N ALA A 58 4.72 -6.86 -3.63
CA ALA A 58 4.43 -8.27 -3.24
C ALA A 58 3.03 -8.67 -3.68
N CYS A 59 2.04 -7.88 -3.31
CA CYS A 59 0.64 -8.21 -3.71
C CYS A 59 0.53 -8.24 -5.24
N PHE A 60 1.26 -7.38 -5.90
CA PHE A 60 1.22 -7.35 -7.39
C PHE A 60 1.61 -8.72 -7.95
N ASN A 61 2.57 -9.37 -7.35
CA ASN A 61 3.00 -10.71 -7.85
C ASN A 61 1.91 -11.75 -7.60
N ASP A 62 1.29 -11.71 -6.45
CA ASP A 62 0.23 -12.71 -6.15
C ASP A 62 -1.03 -12.40 -6.96
N LEU A 63 -1.03 -11.34 -7.70
CA LEU A 63 -2.22 -10.98 -8.52
C LEU A 63 -1.93 -11.14 -10.02
N GLN A 64 -0.70 -10.92 -10.41
CA GLN A 64 -0.35 -11.05 -11.86
C GLN A 64 0.27 -12.43 -12.12
N GLY A 65 0.34 -13.26 -11.12
CA GLY A 65 0.91 -14.62 -11.32
C GLY A 65 2.06 -14.83 -10.33
ZN ZN B . 9.15 2.32 0.67
ZN ZN C . -0.34 -6.47 0.54
N ARG A 1 -10.32 4.76 13.17
CA ARG A 1 -9.80 3.71 14.08
C ARG A 1 -10.21 2.33 13.59
N LYS A 2 -9.50 1.78 12.63
CA LYS A 2 -9.85 0.43 12.10
C LYS A 2 -8.79 -0.59 12.53
N TRP A 3 -8.95 -1.84 12.14
CA TRP A 3 -7.96 -2.87 12.52
C TRP A 3 -6.54 -2.36 12.23
N ALA A 4 -6.35 -1.74 11.11
CA ALA A 4 -5.00 -1.23 10.76
C ALA A 4 -4.42 -0.42 11.91
N GLU A 5 -5.24 0.33 12.60
CA GLU A 5 -4.74 1.15 13.74
C GLU A 5 -3.40 1.80 13.36
N ASP A 6 -3.29 2.29 12.16
CA ASP A 6 -2.02 2.93 11.73
C ASP A 6 -1.99 4.40 12.13
N ASN A 7 -2.88 4.82 12.99
CA ASN A 7 -2.88 6.25 13.42
C ASN A 7 -1.49 6.63 13.93
N GLU A 8 -0.70 5.66 14.28
CA GLU A 8 0.67 5.95 14.79
C GLU A 8 1.71 5.51 13.75
N VAL A 9 1.27 5.00 12.63
CA VAL A 9 2.24 4.55 11.59
C VAL A 9 2.73 5.75 10.78
N GLN A 10 3.96 6.14 10.98
CA GLN A 10 4.51 7.31 10.23
C GLN A 10 5.81 6.91 9.52
N ASN A 11 5.90 5.68 9.09
CA ASN A 11 7.14 5.23 8.40
C ASN A 11 6.86 3.94 7.60
N CYS A 12 7.04 3.99 6.31
CA CYS A 12 6.79 2.78 5.48
C CYS A 12 7.33 1.54 6.18
N MET A 13 6.49 0.56 6.41
CA MET A 13 6.95 -0.67 7.09
C MET A 13 7.88 -1.48 6.18
N ALA A 14 7.91 -1.13 4.92
CA ALA A 14 8.79 -1.88 3.96
C ALA A 14 10.19 -1.28 3.97
N CYS A 15 10.39 -0.19 3.27
CA CYS A 15 11.74 0.43 3.22
C CYS A 15 11.99 1.25 4.50
N GLY A 16 10.98 1.87 5.02
CA GLY A 16 11.16 2.67 6.25
C GLY A 16 11.02 4.16 5.92
N LYS A 17 10.64 4.48 4.71
CA LYS A 17 10.49 5.91 4.33
C LYS A 17 9.81 6.69 5.46
N GLY A 18 10.48 7.67 6.00
CA GLY A 18 9.86 8.47 7.09
C GLY A 18 8.67 9.26 6.53
N PHE A 19 7.48 8.81 6.78
CA PHE A 19 6.28 9.53 6.25
C PHE A 19 6.35 11.01 6.64
N SER A 20 6.79 11.84 5.74
CA SER A 20 6.89 13.30 6.06
C SER A 20 5.82 14.08 5.28
N VAL A 21 5.76 15.36 5.46
CA VAL A 21 4.75 16.17 4.73
C VAL A 21 5.00 16.08 3.21
N THR A 22 6.23 15.84 2.82
CA THR A 22 6.53 15.74 1.36
C THR A 22 6.20 14.32 0.88
N VAL A 23 5.91 13.43 1.78
CA VAL A 23 5.58 12.04 1.36
C VAL A 23 4.16 11.70 1.82
N ARG A 24 3.22 11.65 0.91
CA ARG A 24 1.83 11.33 1.30
C ARG A 24 1.71 9.87 1.73
N ARG A 25 0.80 9.58 2.62
CA ARG A 25 0.63 8.18 3.09
C ARG A 25 -0.34 7.42 2.19
N HIS A 26 -0.02 6.20 1.85
CA HIS A 26 -0.92 5.39 0.97
C HIS A 26 -0.80 3.91 1.35
N HIS A 27 -1.87 3.30 1.76
CA HIS A 27 -1.81 1.86 2.16
C HIS A 27 -2.29 0.96 1.02
N CYS A 28 -1.94 -0.30 1.08
CA CYS A 28 -2.38 -1.25 0.01
C CYS A 28 -3.87 -1.55 0.18
N ARG A 29 -4.61 -1.60 -0.90
CA ARG A 29 -6.07 -1.88 -0.78
C ARG A 29 -6.33 -3.39 -0.67
N GLN A 30 -5.46 -4.21 -1.18
CA GLN A 30 -5.69 -5.68 -1.10
C GLN A 30 -5.54 -6.17 0.35
N CYS A 31 -4.37 -6.07 0.90
CA CYS A 31 -4.16 -6.53 2.30
C CYS A 31 -4.47 -5.41 3.29
N GLY A 32 -4.44 -4.18 2.85
CA GLY A 32 -4.71 -3.05 3.77
C GLY A 32 -3.45 -2.78 4.60
N ASN A 33 -2.33 -2.73 3.94
CA ASN A 33 -1.05 -2.50 4.66
C ASN A 33 -0.54 -1.07 4.41
N ILE A 34 0.33 -0.58 5.25
CA ILE A 34 0.87 0.78 5.07
C ILE A 34 2.08 0.74 4.13
N PHE A 35 2.15 1.65 3.21
CA PHE A 35 3.30 1.67 2.25
C PHE A 35 3.56 3.10 1.79
N CYS A 36 4.73 3.38 1.29
CA CYS A 36 5.03 4.76 0.82
C CYS A 36 4.89 4.84 -0.70
N ALA A 37 4.99 6.00 -1.26
CA ALA A 37 4.86 6.15 -2.74
C ALA A 37 5.74 5.14 -3.46
N GLU A 38 6.96 4.96 -3.02
CA GLU A 38 7.87 4.00 -3.70
C GLU A 38 7.30 2.58 -3.64
N CYS A 39 7.17 2.03 -2.46
CA CYS A 39 6.62 0.64 -2.34
C CYS A 39 5.21 0.58 -2.93
N SER A 40 4.43 1.60 -2.76
CA SER A 40 3.05 1.58 -3.32
C SER A 40 3.02 2.18 -4.73
N ALA A 41 4.16 2.28 -5.37
CA ALA A 41 4.18 2.86 -6.75
C ALA A 41 3.86 1.77 -7.78
N LYS A 42 2.87 0.97 -7.50
CA LYS A 42 2.49 -0.11 -8.45
C LYS A 42 0.97 -0.30 -8.43
N ASN A 43 0.37 -0.58 -9.54
CA ASN A 43 -1.11 -0.75 -9.55
C ASN A 43 -1.52 -2.09 -10.18
N ALA A 44 -2.58 -2.67 -9.67
CA ALA A 44 -3.07 -3.97 -10.22
C ALA A 44 -4.59 -4.03 -10.07
N LEU A 45 -5.29 -4.45 -11.09
CA LEU A 45 -6.77 -4.51 -11.01
C LEU A 45 -7.24 -5.86 -10.48
N THR A 46 -8.39 -5.88 -9.87
CA THR A 46 -8.94 -7.16 -9.32
C THR A 46 -10.19 -7.58 -10.11
N PRO A 47 -10.51 -8.83 -10.03
CA PRO A 47 -11.69 -9.37 -10.75
C PRO A 47 -12.99 -8.93 -10.04
N SER A 48 -12.91 -8.57 -8.80
CA SER A 48 -14.13 -8.13 -8.06
C SER A 48 -14.70 -6.86 -8.68
N SER A 49 -14.01 -5.76 -8.53
CA SER A 49 -14.50 -4.48 -9.10
C SER A 49 -14.10 -4.37 -10.58
N LYS A 50 -13.26 -5.25 -11.05
CA LYS A 50 -12.84 -5.19 -12.47
C LYS A 50 -12.17 -3.85 -12.77
N LYS A 51 -11.36 -3.37 -11.87
CA LYS A 51 -10.66 -2.07 -12.09
C LYS A 51 -9.27 -2.11 -11.48
N PRO A 52 -8.40 -1.29 -12.00
CA PRO A 52 -7.00 -1.25 -11.51
C PRO A 52 -6.95 -0.67 -10.09
N VAL A 53 -6.59 -1.48 -9.13
CA VAL A 53 -6.50 -0.98 -7.73
C VAL A 53 -5.03 -0.96 -7.28
N ARG A 54 -4.68 -0.07 -6.40
CA ARG A 54 -3.27 0.02 -5.94
C ARG A 54 -2.96 -1.12 -4.95
N VAL A 55 -1.80 -1.70 -5.07
CA VAL A 55 -1.41 -2.81 -4.14
C VAL A 55 0.12 -2.91 -4.07
N CYS A 56 0.64 -3.30 -2.95
CA CYS A 56 2.12 -3.41 -2.81
C CYS A 56 2.68 -4.49 -3.76
N ASP A 57 3.91 -4.36 -4.16
CA ASP A 57 4.51 -5.37 -5.09
C ASP A 57 4.08 -6.78 -4.71
N ALA A 58 4.32 -7.20 -3.50
CA ALA A 58 3.92 -8.56 -3.07
C ALA A 58 2.53 -8.91 -3.63
N CYS A 59 1.51 -8.22 -3.20
CA CYS A 59 0.15 -8.52 -3.72
C CYS A 59 0.18 -8.59 -5.25
N PHE A 60 0.80 -7.63 -5.87
CA PHE A 60 0.87 -7.62 -7.37
C PHE A 60 1.20 -9.03 -7.88
N ASN A 61 2.21 -9.65 -7.35
CA ASN A 61 2.58 -11.02 -7.80
C ASN A 61 1.43 -12.00 -7.51
N ASP A 62 0.91 -11.97 -6.33
CA ASP A 62 -0.20 -12.90 -5.98
C ASP A 62 -1.33 -12.80 -7.02
N LEU A 63 -1.48 -11.67 -7.65
CA LEU A 63 -2.55 -11.52 -8.66
C LEU A 63 -2.01 -11.78 -10.07
N GLN A 64 -0.79 -11.40 -10.32
CA GLN A 64 -0.20 -11.61 -11.67
C GLN A 64 -0.02 -13.11 -11.94
N GLY A 65 -0.13 -13.92 -10.93
CA GLY A 65 0.04 -15.39 -11.13
C GLY A 65 -1.15 -15.94 -11.93
ZN ZN B . 9.30 2.10 1.51
ZN ZN C . -0.92 -5.92 0.47
N ARG A 1 -9.83 6.47 13.10
CA ARG A 1 -9.03 5.82 14.18
C ARG A 1 -9.37 4.33 14.29
N LYS A 2 -9.07 3.72 15.40
CA LYS A 2 -9.37 2.27 15.55
C LYS A 2 -8.65 1.47 14.46
N TRP A 3 -7.51 1.92 14.04
CA TRP A 3 -6.75 1.19 12.98
C TRP A 3 -5.36 0.80 13.50
N ALA A 4 -4.63 0.02 12.76
CA ALA A 4 -3.26 -0.38 13.22
C ALA A 4 -2.56 0.84 13.80
N GLU A 5 -2.44 1.89 13.05
CA GLU A 5 -1.78 3.12 13.55
C GLU A 5 -2.29 4.34 12.78
N ASP A 6 -1.94 4.47 11.53
CA ASP A 6 -2.41 5.63 10.73
C ASP A 6 -1.82 6.93 11.27
N ASN A 7 -2.06 7.23 12.51
CA ASN A 7 -1.52 8.47 13.11
C ASN A 7 -0.29 8.14 13.96
N GLU A 8 0.05 6.88 14.06
CA GLU A 8 1.24 6.49 14.87
C GLU A 8 2.39 6.09 13.95
N VAL A 9 2.09 5.62 12.77
CA VAL A 9 3.18 5.23 11.83
C VAL A 9 3.88 6.46 11.28
N GLN A 10 5.18 6.49 11.29
CA GLN A 10 5.91 7.67 10.76
C GLN A 10 6.97 7.24 9.74
N ASN A 11 7.11 5.96 9.53
CA ASN A 11 8.12 5.48 8.53
C ASN A 11 7.64 4.17 7.89
N CYS A 12 7.67 4.11 6.58
CA CYS A 12 7.23 2.87 5.88
C CYS A 12 8.04 1.66 6.35
N MET A 13 7.38 0.67 6.88
CA MET A 13 8.11 -0.54 7.36
C MET A 13 8.97 -1.12 6.24
N ALA A 14 8.60 -0.89 5.00
CA ALA A 14 9.39 -1.45 3.87
C ALA A 14 10.62 -0.58 3.59
N CYS A 15 10.45 0.51 2.88
CA CYS A 15 11.62 1.38 2.56
C CYS A 15 11.92 2.35 3.71
N GLY A 16 11.05 2.42 4.68
CA GLY A 16 11.30 3.36 5.81
C GLY A 16 11.18 4.80 5.33
N LYS A 17 10.54 5.01 4.21
CA LYS A 17 10.37 6.39 3.68
C LYS A 17 9.82 7.31 4.78
N GLY A 18 10.06 8.58 4.68
CA GLY A 18 9.55 9.52 5.71
C GLY A 18 8.16 10.01 5.32
N PHE A 19 7.15 9.62 6.06
CA PHE A 19 5.77 10.06 5.74
C PHE A 19 5.59 11.55 6.09
N SER A 20 5.07 12.32 5.18
CA SER A 20 4.88 13.77 5.47
C SER A 20 3.96 14.41 4.42
N VAL A 21 3.75 15.69 4.50
CA VAL A 21 2.86 16.36 3.51
C VAL A 21 3.37 16.11 2.09
N THR A 22 4.66 15.98 1.93
CA THR A 22 5.23 15.75 0.58
C THR A 22 5.07 14.26 0.19
N VAL A 23 5.30 13.38 1.11
CA VAL A 23 5.16 11.92 0.80
C VAL A 23 3.80 11.42 1.29
N ARG A 24 2.93 11.08 0.38
CA ARG A 24 1.59 10.59 0.78
C ARG A 24 1.71 9.20 1.43
N ARG A 25 0.76 8.82 2.24
CA ARG A 25 0.83 7.48 2.88
C ARG A 25 0.08 6.46 2.03
N HIS A 26 0.60 5.28 1.90
CA HIS A 26 -0.09 4.24 1.08
C HIS A 26 -0.26 2.95 1.90
N HIS A 27 -1.46 2.47 2.04
CA HIS A 27 -1.66 1.23 2.83
C HIS A 27 -2.10 0.08 1.89
N CYS A 28 -1.60 -1.09 2.14
CA CYS A 28 -1.99 -2.25 1.28
C CYS A 28 -3.44 -2.64 1.55
N ARG A 29 -4.32 -2.34 0.63
CA ARG A 29 -5.76 -2.68 0.84
C ARG A 29 -5.95 -4.19 0.88
N GLN A 30 -5.12 -4.93 0.20
CA GLN A 30 -5.26 -6.42 0.22
C GLN A 30 -4.88 -6.96 1.61
N CYS A 31 -3.70 -6.67 2.07
CA CYS A 31 -3.27 -7.15 3.42
C CYS A 31 -3.78 -6.20 4.50
N GLY A 32 -3.55 -4.92 4.33
CA GLY A 32 -4.02 -3.94 5.34
C GLY A 32 -2.82 -3.40 6.13
N ASN A 33 -1.72 -3.17 5.47
CA ASN A 33 -0.53 -2.65 6.19
C ASN A 33 -0.12 -1.27 5.64
N ILE A 34 0.59 -0.50 6.42
CA ILE A 34 1.02 0.85 5.94
C ILE A 34 2.20 0.71 4.99
N PHE A 35 2.28 1.57 3.99
CA PHE A 35 3.39 1.48 3.00
C PHE A 35 3.64 2.85 2.35
N CYS A 36 4.80 3.03 1.77
CA CYS A 36 5.10 4.34 1.10
C CYS A 36 4.76 4.26 -0.38
N ALA A 37 5.11 5.26 -1.14
CA ALA A 37 4.79 5.25 -2.60
C ALA A 37 5.67 4.23 -3.32
N GLU A 38 6.93 4.17 -2.98
CA GLU A 38 7.84 3.19 -3.64
C GLU A 38 7.29 1.77 -3.55
N CYS A 39 7.04 1.29 -2.37
CA CYS A 39 6.52 -0.10 -2.22
C CYS A 39 5.16 -0.24 -2.91
N SER A 40 4.22 0.62 -2.57
CA SER A 40 2.88 0.53 -3.22
C SER A 40 2.81 1.38 -4.49
N ALA A 41 3.93 1.59 -5.13
CA ALA A 41 3.92 2.42 -6.39
C ALA A 41 3.37 1.59 -7.56
N LYS A 42 3.12 0.33 -7.34
CA LYS A 42 2.59 -0.52 -8.44
C LYS A 42 1.06 -0.65 -8.33
N ASN A 43 0.35 -0.49 -9.42
CA ASN A 43 -1.13 -0.60 -9.36
C ASN A 43 -1.59 -1.91 -9.99
N ALA A 44 -2.77 -2.35 -9.67
CA ALA A 44 -3.28 -3.63 -10.26
C ALA A 44 -4.79 -3.56 -10.45
N LEU A 45 -5.26 -3.88 -11.63
CA LEU A 45 -6.73 -3.83 -11.89
C LEU A 45 -7.35 -5.21 -11.69
N THR A 46 -8.45 -5.28 -10.99
CA THR A 46 -9.09 -6.61 -10.77
C THR A 46 -10.14 -6.88 -11.85
N PRO A 47 -10.33 -8.14 -12.14
CA PRO A 47 -11.31 -8.54 -13.18
C PRO A 47 -12.74 -8.32 -12.65
N SER A 48 -12.89 -8.21 -11.36
CA SER A 48 -14.24 -7.99 -10.78
C SER A 48 -14.59 -6.50 -10.83
N SER A 49 -13.74 -5.67 -10.28
CA SER A 49 -14.02 -4.21 -10.30
C SER A 49 -13.16 -3.52 -11.36
N LYS A 50 -13.76 -2.90 -12.32
CA LYS A 50 -12.96 -2.21 -13.38
C LYS A 50 -12.17 -1.05 -12.79
N LYS A 51 -11.21 -1.34 -11.95
CA LYS A 51 -10.40 -0.25 -11.34
C LYS A 51 -9.03 -0.78 -10.89
N PRO A 52 -8.01 -0.02 -11.20
CA PRO A 52 -6.62 -0.41 -10.83
C PRO A 52 -6.38 -0.17 -9.33
N VAL A 53 -6.55 -1.18 -8.53
CA VAL A 53 -6.34 -1.01 -7.06
C VAL A 53 -4.85 -1.18 -6.73
N ARG A 54 -4.24 -0.19 -6.11
CA ARG A 54 -2.80 -0.31 -5.76
C ARG A 54 -2.63 -1.34 -4.64
N VAL A 55 -1.59 -2.13 -4.70
CA VAL A 55 -1.37 -3.15 -3.64
C VAL A 55 0.12 -3.46 -3.47
N CYS A 56 0.50 -3.93 -2.32
CA CYS A 56 1.93 -4.27 -2.07
C CYS A 56 2.47 -5.14 -3.21
N ASP A 57 3.65 -4.85 -3.71
CA ASP A 57 4.22 -5.67 -4.82
C ASP A 57 3.87 -7.15 -4.63
N ALA A 58 4.23 -7.71 -3.50
CA ALA A 58 3.89 -9.15 -3.25
C ALA A 58 2.45 -9.39 -3.68
N CYS A 59 1.53 -8.61 -3.18
CA CYS A 59 0.11 -8.79 -3.57
C CYS A 59 -0.01 -8.70 -5.09
N PHE A 60 0.65 -7.74 -5.68
CA PHE A 60 0.60 -7.58 -7.15
C PHE A 60 0.74 -8.95 -7.82
N ASN A 61 1.62 -9.77 -7.34
CA ASN A 61 1.79 -11.12 -7.94
C ASN A 61 0.57 -11.99 -7.63
N ASP A 62 0.02 -11.83 -6.46
CA ASP A 62 -1.18 -12.65 -6.08
C ASP A 62 -2.36 -12.31 -6.99
N LEU A 63 -2.33 -11.17 -7.62
CA LEU A 63 -3.47 -10.79 -8.51
C LEU A 63 -3.12 -11.10 -9.97
N GLN A 64 -1.88 -10.99 -10.35
CA GLN A 64 -1.49 -11.29 -11.75
C GLN A 64 -1.81 -12.74 -12.09
N GLY A 65 -2.00 -13.56 -11.08
CA GLY A 65 -2.31 -15.00 -11.34
C GLY A 65 -3.78 -15.26 -11.03
ZN ZN B . 8.06 0.78 1.04
ZN ZN C . 0.90 -6.66 0.70
N ARG A 1 -5.13 -1.42 15.30
CA ARG A 1 -4.71 -1.10 16.69
C ARG A 1 -3.99 -2.29 17.33
N LYS A 2 -4.36 -3.49 16.97
CA LYS A 2 -3.69 -4.69 17.56
C LYS A 2 -2.83 -5.39 16.49
N TRP A 3 -2.67 -4.77 15.36
CA TRP A 3 -1.82 -5.39 14.28
C TRP A 3 -1.10 -4.30 13.50
N ALA A 4 -1.64 -3.88 12.38
CA ALA A 4 -0.97 -2.80 11.60
C ALA A 4 -0.81 -1.56 12.48
N GLU A 5 -1.58 -1.49 13.54
CA GLU A 5 -1.49 -0.31 14.45
C GLU A 5 -1.97 0.97 13.75
N ASP A 6 -1.44 1.28 12.60
CA ASP A 6 -1.85 2.51 11.86
C ASP A 6 -1.24 3.76 12.52
N ASN A 7 -1.40 3.89 13.80
CA ASN A 7 -0.83 5.09 14.50
C ASN A 7 0.63 4.81 14.89
N GLU A 8 1.04 3.57 14.87
CA GLU A 8 2.44 3.25 15.25
C GLU A 8 3.34 3.18 14.00
N VAL A 9 2.78 2.92 12.86
CA VAL A 9 3.61 2.87 11.63
C VAL A 9 3.62 4.22 10.92
N GLN A 10 4.32 5.17 11.47
CA GLN A 10 4.38 6.52 10.83
C GLN A 10 5.55 6.57 9.84
N ASN A 11 6.00 5.43 9.40
CA ASN A 11 7.13 5.39 8.42
C ASN A 11 7.03 4.12 7.56
N CYS A 12 7.45 4.20 6.32
CA CYS A 12 7.37 2.99 5.44
C CYS A 12 8.08 1.81 6.11
N MET A 13 7.34 0.83 6.54
CA MET A 13 7.97 -0.35 7.21
C MET A 13 8.75 -1.20 6.20
N ALA A 14 8.56 -0.96 4.93
CA ALA A 14 9.30 -1.76 3.91
C ALA A 14 10.74 -1.28 3.80
N CYS A 15 10.97 -0.17 3.15
CA CYS A 15 12.36 0.34 3.01
C CYS A 15 12.70 1.27 4.18
N GLY A 16 11.70 1.77 4.87
CA GLY A 16 11.98 2.67 6.02
C GLY A 16 11.84 4.13 5.59
N LYS A 17 11.19 4.36 4.48
CA LYS A 17 11.02 5.77 4.00
C LYS A 17 10.35 6.63 5.09
N GLY A 18 10.95 7.75 5.41
CA GLY A 18 10.35 8.63 6.45
C GLY A 18 9.19 9.43 5.84
N PHE A 19 7.98 9.10 6.19
CA PHE A 19 6.82 9.82 5.62
C PHE A 19 6.92 11.33 5.92
N SER A 20 6.42 12.14 5.03
CA SER A 20 6.48 13.62 5.24
C SER A 20 5.22 14.27 4.65
N VAL A 21 5.19 15.58 4.59
CA VAL A 21 4.00 16.28 4.03
C VAL A 21 3.91 16.05 2.52
N THR A 22 5.03 15.95 1.86
CA THR A 22 5.02 15.72 0.38
C THR A 22 4.68 14.26 0.08
N VAL A 23 4.94 13.37 1.00
CA VAL A 23 4.64 11.94 0.76
C VAL A 23 3.42 11.51 1.58
N ARG A 24 2.43 10.94 0.95
CA ARG A 24 1.22 10.49 1.70
C ARG A 24 1.35 9.01 2.08
N ARG A 25 0.69 8.60 3.13
CA ARG A 25 0.78 7.18 3.56
C ARG A 25 -0.18 6.31 2.73
N HIS A 26 0.34 5.47 1.89
CA HIS A 26 -0.54 4.60 1.06
C HIS A 26 -0.49 3.16 1.58
N HIS A 27 -1.47 2.77 2.34
CA HIS A 27 -1.47 1.38 2.88
C HIS A 27 -2.05 0.41 1.85
N CYS A 28 -1.66 -0.83 1.88
CA CYS A 28 -2.21 -1.81 0.90
C CYS A 28 -3.69 -2.07 1.21
N ARG A 29 -4.55 -1.56 0.37
CA ARG A 29 -6.01 -1.76 0.59
C ARG A 29 -6.37 -3.23 0.56
N GLN A 30 -5.58 -4.04 -0.09
CA GLN A 30 -5.89 -5.50 -0.15
C GLN A 30 -5.32 -6.22 1.08
N CYS A 31 -4.04 -6.07 1.32
CA CYS A 31 -3.43 -6.75 2.51
C CYS A 31 -3.69 -5.94 3.77
N GLY A 32 -3.62 -4.64 3.68
CA GLY A 32 -3.86 -3.80 4.88
C GLY A 32 -2.52 -3.41 5.50
N ASN A 33 -1.52 -3.21 4.69
CA ASN A 33 -0.19 -2.83 5.23
C ASN A 33 0.13 -1.37 4.88
N ILE A 34 1.04 -0.75 5.58
CA ILE A 34 1.37 0.67 5.28
C ILE A 34 2.59 0.73 4.33
N PHE A 35 2.50 1.52 3.29
CA PHE A 35 3.64 1.62 2.32
C PHE A 35 3.79 3.06 1.84
N CYS A 36 4.95 3.40 1.30
CA CYS A 36 5.16 4.79 0.82
C CYS A 36 5.13 4.85 -0.71
N ALA A 37 5.31 6.03 -1.25
CA ALA A 37 5.28 6.19 -2.73
C ALA A 37 6.14 5.14 -3.42
N GLU A 38 7.14 4.63 -2.75
CA GLU A 38 8.01 3.60 -3.37
C GLU A 38 7.28 2.26 -3.42
N CYS A 39 7.27 1.54 -2.33
CA CYS A 39 6.58 0.22 -2.30
C CYS A 39 5.19 0.33 -2.93
N SER A 40 4.50 1.42 -2.69
CA SER A 40 3.14 1.58 -3.27
C SER A 40 3.21 2.25 -4.64
N ALA A 41 4.32 2.12 -5.32
CA ALA A 41 4.44 2.75 -6.66
C ALA A 41 3.80 1.86 -7.74
N LYS A 42 3.04 0.88 -7.34
CA LYS A 42 2.40 -0.02 -8.34
C LYS A 42 0.90 -0.20 -8.05
N ASN A 43 0.10 -0.25 -9.08
CA ASN A 43 -1.37 -0.43 -8.90
C ASN A 43 -1.86 -1.55 -9.82
N ALA A 44 -2.75 -2.37 -9.36
CA ALA A 44 -3.25 -3.48 -10.22
C ALA A 44 -4.77 -3.57 -10.18
N LEU A 45 -5.38 -3.87 -11.29
CA LEU A 45 -6.87 -3.96 -11.34
C LEU A 45 -7.33 -5.42 -11.21
N THR A 46 -8.56 -5.62 -10.83
CA THR A 46 -9.07 -7.01 -10.70
C THR A 46 -9.99 -7.33 -11.89
N PRO A 47 -9.92 -8.55 -12.35
CA PRO A 47 -10.74 -8.98 -13.50
C PRO A 47 -12.20 -9.12 -13.08
N SER A 48 -12.48 -9.13 -11.79
CA SER A 48 -13.89 -9.27 -11.33
C SER A 48 -14.53 -7.89 -11.16
N SER A 49 -13.91 -7.01 -10.43
CA SER A 49 -14.49 -5.65 -10.23
C SER A 49 -14.17 -4.75 -11.43
N LYS A 50 -13.25 -5.14 -12.25
CA LYS A 50 -12.90 -4.30 -13.43
C LYS A 50 -12.48 -2.90 -12.97
N LYS A 51 -11.43 -2.81 -12.21
CA LYS A 51 -10.97 -1.49 -11.71
C LYS A 51 -9.56 -1.61 -11.12
N PRO A 52 -8.71 -0.69 -11.51
CA PRO A 52 -7.31 -0.69 -11.01
C PRO A 52 -7.25 -0.37 -9.53
N VAL A 53 -6.60 -1.21 -8.77
CA VAL A 53 -6.47 -0.97 -7.30
C VAL A 53 -5.00 -0.87 -6.91
N ARG A 54 -4.68 0.06 -6.04
CA ARG A 54 -3.26 0.22 -5.62
C ARG A 54 -2.93 -0.76 -4.49
N VAL A 55 -1.88 -1.53 -4.64
CA VAL A 55 -1.51 -2.49 -3.57
C VAL A 55 -0.03 -2.86 -3.68
N CYS A 56 0.69 -2.80 -2.59
CA CYS A 56 2.15 -3.13 -2.62
C CYS A 56 2.41 -4.37 -3.47
N ASP A 57 3.62 -4.49 -3.98
CA ASP A 57 3.97 -5.67 -4.81
C ASP A 57 3.38 -6.94 -4.21
N ALA A 58 3.49 -7.09 -2.92
CA ALA A 58 2.93 -8.31 -2.26
C ALA A 58 1.58 -8.68 -2.88
N CYS A 59 0.64 -7.79 -2.82
CA CYS A 59 -0.69 -8.08 -3.43
C CYS A 59 -0.57 -8.05 -4.96
N PHE A 60 0.15 -7.08 -5.47
CA PHE A 60 0.31 -7.00 -6.95
C PHE A 60 0.61 -8.37 -7.53
N ASN A 61 1.46 -9.13 -6.89
CA ASN A 61 1.79 -10.49 -7.39
C ASN A 61 0.70 -11.49 -7.01
N ASP A 62 0.07 -11.29 -5.89
CA ASP A 62 -1.01 -12.25 -5.46
C ASP A 62 -2.15 -12.23 -6.47
N LEU A 63 -2.66 -11.07 -6.81
CA LEU A 63 -3.78 -11.00 -7.80
C LEU A 63 -3.26 -11.32 -9.20
N GLN A 64 -2.03 -10.98 -9.47
CA GLN A 64 -1.46 -11.27 -10.82
C GLN A 64 -0.77 -12.64 -10.81
N GLY A 65 -1.04 -13.43 -9.80
CA GLY A 65 -0.41 -14.77 -9.72
C GLY A 65 1.11 -14.65 -9.92
ZN ZN B . 8.75 1.48 0.79
ZN ZN C . -0.12 -6.47 0.08
N ARG A 1 -7.77 -0.31 15.63
CA ARG A 1 -6.76 -1.01 16.48
C ARG A 1 -6.78 -2.52 16.17
N LYS A 2 -6.40 -2.89 14.99
CA LYS A 2 -6.38 -4.34 14.62
C LYS A 2 -5.10 -4.68 13.88
N TRP A 3 -4.86 -4.05 12.76
CA TRP A 3 -3.61 -4.34 11.99
C TRP A 3 -3.67 -3.61 10.64
N ALA A 4 -4.77 -3.71 9.95
CA ALA A 4 -4.88 -3.02 8.63
C ALA A 4 -4.87 -1.50 8.83
N GLU A 5 -5.52 -1.03 9.86
CA GLU A 5 -5.55 0.44 10.11
C GLU A 5 -4.95 0.75 11.48
N ASP A 6 -3.69 0.46 11.67
CA ASP A 6 -3.05 0.73 12.99
C ASP A 6 -3.15 2.21 13.33
N ASN A 7 -3.13 3.06 12.34
CA ASN A 7 -3.24 4.53 12.62
C ASN A 7 -2.15 4.96 13.61
N GLU A 8 -1.06 4.25 13.66
CA GLU A 8 0.03 4.62 14.61
C GLU A 8 1.38 4.24 14.02
N VAL A 9 1.51 4.29 12.72
CA VAL A 9 2.81 3.92 12.09
C VAL A 9 3.48 5.16 11.47
N GLN A 10 2.77 5.89 10.66
CA GLN A 10 3.37 7.11 10.04
C GLN A 10 4.76 6.78 9.48
N ASN A 11 4.94 5.59 9.02
CA ASN A 11 6.27 5.20 8.46
C ASN A 11 6.16 3.90 7.67
N CYS A 12 6.60 3.91 6.44
CA CYS A 12 6.52 2.67 5.61
C CYS A 12 7.13 1.48 6.37
N MET A 13 6.57 0.31 6.20
CA MET A 13 7.12 -0.88 6.90
C MET A 13 8.18 -1.55 6.03
N ALA A 14 8.05 -1.43 4.73
CA ALA A 14 9.05 -2.05 3.82
C ALA A 14 10.33 -1.23 3.78
N CYS A 15 10.34 -0.15 3.05
CA CYS A 15 11.57 0.70 2.97
C CYS A 15 11.74 1.51 4.26
N GLY A 16 10.66 1.98 4.83
CA GLY A 16 10.77 2.77 6.09
C GLY A 16 10.80 4.27 5.75
N LYS A 17 10.31 4.63 4.60
CA LYS A 17 10.31 6.06 4.20
C LYS A 17 9.54 6.91 5.23
N GLY A 18 10.14 7.97 5.71
CA GLY A 18 9.45 8.84 6.70
C GLY A 18 8.36 9.64 6.00
N PHE A 19 7.13 9.21 6.11
CA PHE A 19 6.03 9.96 5.44
C PHE A 19 6.12 11.46 5.76
N SER A 20 6.50 12.25 4.81
CA SER A 20 6.62 13.71 5.05
C SER A 20 5.55 14.46 4.26
N VAL A 21 5.45 15.75 4.47
CA VAL A 21 4.42 16.53 3.72
C VAL A 21 4.64 16.40 2.20
N THR A 22 5.80 15.96 1.81
CA THR A 22 6.07 15.81 0.35
C THR A 22 5.61 14.43 -0.15
N VAL A 23 5.18 13.58 0.75
CA VAL A 23 4.72 12.23 0.32
C VAL A 23 3.52 11.80 1.17
N ARG A 24 2.51 11.24 0.55
CA ARG A 24 1.31 10.80 1.33
C ARG A 24 1.41 9.31 1.65
N ARG A 25 0.94 8.91 2.79
CA ARG A 25 1.01 7.47 3.17
C ARG A 25 -0.20 6.72 2.58
N HIS A 26 0.05 5.60 1.96
CA HIS A 26 -1.07 4.81 1.36
C HIS A 26 -0.93 3.33 1.73
N HIS A 27 -1.89 2.80 2.44
CA HIS A 27 -1.80 1.35 2.83
C HIS A 27 -2.26 0.47 1.68
N CYS A 28 -1.76 -0.74 1.60
CA CYS A 28 -2.20 -1.65 0.50
C CYS A 28 -3.64 -2.08 0.72
N ARG A 29 -4.46 -2.02 -0.28
CA ARG A 29 -5.89 -2.43 -0.12
C ARG A 29 -6.03 -3.95 -0.23
N GLN A 30 -5.10 -4.60 -0.87
CA GLN A 30 -5.19 -6.08 -1.02
C GLN A 30 -4.95 -6.76 0.33
N CYS A 31 -3.76 -6.68 0.85
CA CYS A 31 -3.48 -7.33 2.17
C CYS A 31 -3.91 -6.40 3.32
N GLY A 32 -3.71 -5.12 3.17
CA GLY A 32 -4.12 -4.18 4.25
C GLY A 32 -2.90 -3.76 5.07
N ASN A 33 -1.84 -3.36 4.42
CA ASN A 33 -0.63 -2.93 5.17
C ASN A 33 -0.22 -1.51 4.76
N ILE A 34 0.55 -0.84 5.57
CA ILE A 34 0.97 0.55 5.23
C ILE A 34 2.21 0.55 4.35
N PHE A 35 2.18 1.27 3.28
CA PHE A 35 3.36 1.33 2.37
C PHE A 35 3.52 2.74 1.81
N CYS A 36 4.68 3.09 1.33
CA CYS A 36 4.87 4.46 0.77
C CYS A 36 4.79 4.42 -0.76
N ALA A 37 4.79 5.57 -1.39
CA ALA A 37 4.70 5.61 -2.88
C ALA A 37 5.55 4.49 -3.49
N GLU A 38 6.79 4.40 -3.10
CA GLU A 38 7.67 3.34 -3.65
C GLU A 38 7.03 1.96 -3.49
N CYS A 39 6.89 1.50 -2.28
CA CYS A 39 6.27 0.16 -2.07
C CYS A 39 4.92 0.07 -2.78
N SER A 40 4.10 1.08 -2.63
CA SER A 40 2.77 1.06 -3.31
C SER A 40 2.88 1.68 -4.70
N ALA A 41 4.06 1.71 -5.26
CA ALA A 41 4.24 2.30 -6.61
C ALA A 41 3.60 1.41 -7.68
N LYS A 42 3.43 0.15 -7.38
CA LYS A 42 2.83 -0.78 -8.38
C LYS A 42 1.32 -0.93 -8.14
N ASN A 43 0.54 -1.10 -9.17
CA ASN A 43 -0.92 -1.26 -9.00
C ASN A 43 -1.43 -2.41 -9.87
N ALA A 44 -2.58 -2.96 -9.56
CA ALA A 44 -3.11 -4.09 -10.38
C ALA A 44 -4.64 -4.03 -10.42
N LEU A 45 -5.24 -4.65 -11.40
CA LEU A 45 -6.72 -4.64 -11.50
C LEU A 45 -7.31 -5.80 -10.69
N THR A 46 -8.44 -5.59 -10.08
CA THR A 46 -9.07 -6.69 -9.28
C THR A 46 -10.39 -7.13 -9.91
N PRO A 47 -10.74 -8.34 -9.64
CA PRO A 47 -12.01 -8.91 -10.17
C PRO A 47 -13.22 -8.29 -9.46
N SER A 48 -12.97 -7.58 -8.39
CA SER A 48 -14.10 -6.94 -7.66
C SER A 48 -14.37 -5.55 -8.23
N SER A 49 -13.33 -4.83 -8.55
CA SER A 49 -13.52 -3.46 -9.13
C SER A 49 -12.92 -3.38 -10.53
N LYS A 50 -13.57 -2.71 -11.43
CA LYS A 50 -13.03 -2.60 -12.82
C LYS A 50 -11.94 -1.52 -12.88
N LYS A 51 -10.87 -1.68 -12.16
CA LYS A 51 -9.79 -0.66 -12.20
C LYS A 51 -8.53 -1.19 -11.49
N PRO A 52 -7.43 -0.58 -11.82
CA PRO A 52 -6.13 -0.97 -11.21
C PRO A 52 -6.07 -0.49 -9.76
N VAL A 53 -6.38 -1.35 -8.83
CA VAL A 53 -6.35 -0.94 -7.39
C VAL A 53 -4.91 -0.83 -6.89
N ARG A 54 -4.70 -0.03 -5.88
CA ARG A 54 -3.32 0.11 -5.33
C ARG A 54 -2.93 -1.15 -4.55
N VAL A 55 -1.86 -1.79 -4.94
CA VAL A 55 -1.43 -3.03 -4.22
C VAL A 55 0.09 -3.10 -4.16
N CYS A 56 0.64 -3.38 -3.00
CA CYS A 56 2.12 -3.47 -2.87
C CYS A 56 2.66 -4.54 -3.83
N ASP A 57 3.91 -4.45 -4.18
CA ASP A 57 4.50 -5.47 -5.11
C ASP A 57 4.04 -6.87 -4.72
N ALA A 58 4.35 -7.30 -3.53
CA ALA A 58 3.93 -8.67 -3.09
C ALA A 58 2.54 -9.01 -3.62
N CYS A 59 1.52 -8.34 -3.12
CA CYS A 59 0.14 -8.62 -3.61
C CYS A 59 0.07 -8.34 -5.12
N PHE A 60 0.65 -7.26 -5.55
CA PHE A 60 0.63 -6.93 -7.00
C PHE A 60 1.16 -8.11 -7.81
N ASN A 61 2.24 -8.70 -7.37
CA ASN A 61 2.80 -9.87 -8.10
C ASN A 61 2.06 -11.15 -7.70
N ASP A 62 1.55 -11.19 -6.50
CA ASP A 62 0.83 -12.40 -6.04
C ASP A 62 -0.51 -12.54 -6.77
N LEU A 63 -1.04 -11.44 -7.26
CA LEU A 63 -2.34 -11.51 -7.99
C LEU A 63 -2.13 -11.25 -9.48
N GLN A 64 -1.10 -10.51 -9.82
CA GLN A 64 -0.83 -10.23 -11.26
C GLN A 64 -0.27 -11.49 -11.93
N GLY A 65 -0.13 -12.56 -11.18
CA GLY A 65 0.41 -13.81 -11.79
C GLY A 65 -0.64 -14.43 -12.71
ZN ZN B . 8.88 2.02 1.46
ZN ZN C . -0.76 -6.28 -0.51
N ARG A 1 -8.82 7.15 13.71
CA ARG A 1 -8.53 5.76 14.17
C ARG A 1 -9.47 4.76 13.48
N LYS A 2 -10.07 5.14 12.39
CA LYS A 2 -10.99 4.21 11.68
C LYS A 2 -10.24 2.96 11.20
N TRP A 3 -8.94 2.97 11.27
CA TRP A 3 -8.18 1.78 10.81
C TRP A 3 -6.89 1.63 11.64
N ALA A 4 -5.75 1.92 11.06
CA ALA A 4 -4.49 1.78 11.83
C ALA A 4 -4.26 3.02 12.72
N GLU A 5 -4.95 4.09 12.44
CA GLU A 5 -4.77 5.32 13.26
C GLU A 5 -3.28 5.67 13.35
N ASP A 6 -2.49 5.17 12.44
CA ASP A 6 -1.03 5.47 12.51
C ASP A 6 -0.49 5.02 13.86
N ASN A 7 -1.23 4.20 14.56
CA ASN A 7 -0.78 3.71 15.88
C ASN A 7 0.04 2.44 15.71
N GLU A 8 -0.17 1.75 14.61
CA GLU A 8 0.59 0.50 14.35
C GLU A 8 1.77 0.79 13.42
N VAL A 9 1.67 1.84 12.65
CA VAL A 9 2.77 2.19 11.71
C VAL A 9 2.71 3.67 11.35
N GLN A 10 3.84 4.31 11.16
CA GLN A 10 3.83 5.75 10.80
C GLN A 10 4.92 6.04 9.78
N ASN A 11 5.19 5.09 8.93
CA ASN A 11 6.25 5.29 7.89
C ASN A 11 6.22 4.15 6.89
N CYS A 12 7.21 4.06 6.04
CA CYS A 12 7.23 2.97 5.03
C CYS A 12 7.74 1.68 5.67
N MET A 13 6.85 0.76 5.98
CA MET A 13 7.28 -0.52 6.61
C MET A 13 8.17 -1.32 5.66
N ALA A 14 8.16 -0.99 4.39
CA ALA A 14 9.01 -1.74 3.42
C ALA A 14 10.37 -1.06 3.27
N CYS A 15 10.42 0.05 2.59
CA CYS A 15 11.72 0.75 2.40
C CYS A 15 12.11 1.51 3.69
N GLY A 16 11.15 1.99 4.41
CA GLY A 16 11.48 2.72 5.67
C GLY A 16 11.38 4.24 5.44
N LYS A 17 11.08 4.64 4.24
CA LYS A 17 10.97 6.10 3.95
C LYS A 17 10.17 6.80 5.05
N GLY A 18 10.83 7.51 5.92
CA GLY A 18 10.11 8.21 7.02
C GLY A 18 9.12 9.22 6.41
N PHE A 19 7.85 9.02 6.61
CA PHE A 19 6.85 9.96 6.05
C PHE A 19 7.27 11.41 6.32
N SER A 20 7.93 12.04 5.39
CA SER A 20 8.35 13.45 5.59
C SER A 20 7.20 14.40 5.26
N VAL A 21 7.51 15.60 4.85
CA VAL A 21 6.43 16.58 4.51
C VAL A 21 6.04 16.44 3.04
N THR A 22 6.93 15.97 2.22
CA THR A 22 6.60 15.82 0.77
C THR A 22 6.03 14.43 0.49
N VAL A 23 6.16 13.51 1.41
CA VAL A 23 5.63 12.14 1.19
C VAL A 23 4.29 11.96 1.90
N ARG A 24 3.34 11.37 1.24
CA ARG A 24 2.01 11.15 1.88
C ARG A 24 1.95 9.74 2.46
N ARG A 25 1.05 9.51 3.36
CA ARG A 25 0.94 8.15 3.97
C ARG A 25 0.02 7.25 3.14
N HIS A 26 0.54 6.19 2.59
CA HIS A 26 -0.30 5.27 1.77
C HIS A 26 -0.55 3.97 2.54
N HIS A 27 -1.56 3.23 2.15
CA HIS A 27 -1.85 1.96 2.87
C HIS A 27 -2.32 0.90 1.86
N CYS A 28 -1.79 -0.29 1.96
CA CYS A 28 -2.20 -1.37 1.01
C CYS A 28 -3.64 -1.80 1.29
N ARG A 29 -4.49 -1.74 0.30
CA ARG A 29 -5.91 -2.14 0.49
C ARG A 29 -6.06 -3.66 0.50
N GLN A 30 -5.28 -4.36 -0.28
CA GLN A 30 -5.38 -5.84 -0.32
C GLN A 30 -4.87 -6.43 1.00
N CYS A 31 -3.60 -6.30 1.26
CA CYS A 31 -3.04 -6.85 2.53
C CYS A 31 -3.50 -6.01 3.72
N GLY A 32 -3.22 -4.74 3.71
CA GLY A 32 -3.63 -3.86 4.84
C GLY A 32 -2.38 -3.40 5.60
N ASN A 33 -1.54 -2.64 4.96
CA ASN A 33 -0.30 -2.15 5.64
C ASN A 33 0.09 -0.77 5.08
N ILE A 34 0.46 0.13 5.94
CA ILE A 34 0.83 1.50 5.47
C ILE A 34 2.14 1.44 4.66
N PHE A 35 2.11 1.94 3.45
CA PHE A 35 3.34 1.91 2.60
C PHE A 35 3.61 3.29 2.01
N CYS A 36 4.81 3.55 1.58
CA CYS A 36 5.13 4.87 0.99
C CYS A 36 4.67 4.89 -0.48
N ALA A 37 4.97 5.94 -1.19
CA ALA A 37 4.55 6.01 -2.61
C ALA A 37 5.23 4.89 -3.42
N GLU A 38 6.53 4.79 -3.31
CA GLU A 38 7.26 3.73 -4.07
C GLU A 38 6.58 2.37 -3.90
N CYS A 39 6.60 1.84 -2.71
CA CYS A 39 5.97 0.50 -2.47
C CYS A 39 4.52 0.49 -2.99
N SER A 40 3.74 1.48 -2.63
CA SER A 40 2.32 1.50 -3.10
C SER A 40 2.20 2.25 -4.43
N ALA A 41 3.27 2.39 -5.16
CA ALA A 41 3.18 3.10 -6.46
C ALA A 41 2.80 2.12 -7.58
N LYS A 42 1.87 1.25 -7.32
CA LYS A 42 1.46 0.27 -8.37
C LYS A 42 0.05 -0.25 -8.11
N ASN A 43 -0.79 -0.24 -9.12
CA ASN A 43 -2.18 -0.73 -8.94
C ASN A 43 -2.38 -2.02 -9.73
N ALA A 44 -3.27 -2.87 -9.30
CA ALA A 44 -3.50 -4.15 -10.04
C ALA A 44 -4.97 -4.30 -10.42
N LEU A 45 -5.26 -4.36 -11.69
CA LEU A 45 -6.68 -4.51 -12.14
C LEU A 45 -7.15 -5.94 -11.87
N THR A 46 -8.41 -6.10 -11.51
CA THR A 46 -8.93 -7.47 -11.24
C THR A 46 -9.91 -7.89 -12.34
N PRO A 47 -9.80 -9.12 -12.74
CA PRO A 47 -10.70 -9.67 -13.78
C PRO A 47 -12.12 -9.87 -13.23
N SER A 48 -12.27 -9.82 -11.94
CA SER A 48 -13.62 -10.01 -11.34
C SER A 48 -14.42 -8.70 -11.40
N SER A 49 -13.79 -7.61 -11.08
CA SER A 49 -14.52 -6.30 -11.13
C SER A 49 -14.15 -5.54 -12.40
N LYS A 50 -13.51 -4.41 -12.29
CA LYS A 50 -13.14 -3.64 -13.52
C LYS A 50 -12.37 -2.38 -13.13
N LYS A 51 -11.49 -2.47 -12.18
CA LYS A 51 -10.71 -1.29 -11.75
C LYS A 51 -9.36 -1.72 -11.15
N PRO A 52 -8.39 -0.87 -11.28
CA PRO A 52 -7.04 -1.16 -10.75
C PRO A 52 -7.02 -1.00 -9.23
N VAL A 53 -7.05 -2.08 -8.51
CA VAL A 53 -7.03 -1.98 -7.02
C VAL A 53 -5.66 -1.50 -6.53
N ARG A 54 -5.64 -0.71 -5.50
CA ARG A 54 -4.32 -0.21 -4.98
C ARG A 54 -3.69 -1.27 -4.07
N VAL A 55 -2.47 -1.66 -4.35
CA VAL A 55 -1.81 -2.69 -3.51
C VAL A 55 -0.30 -2.57 -3.60
N CYS A 56 0.41 -3.10 -2.65
CA CYS A 56 1.90 -3.03 -2.68
C CYS A 56 2.46 -4.05 -3.66
N ASP A 57 3.73 -3.99 -3.94
CA ASP A 57 4.34 -4.98 -4.88
C ASP A 57 3.92 -6.40 -4.50
N ALA A 58 4.20 -6.79 -3.28
CA ALA A 58 3.83 -8.17 -2.84
C ALA A 58 2.42 -8.52 -3.32
N CYS A 59 1.41 -7.91 -2.78
CA CYS A 59 0.02 -8.21 -3.22
C CYS A 59 -0.06 -8.19 -4.74
N PHE A 60 0.59 -7.26 -5.38
CA PHE A 60 0.55 -7.19 -6.86
C PHE A 60 0.89 -8.56 -7.45
N ASN A 61 1.71 -9.32 -6.78
CA ASN A 61 2.07 -10.66 -7.30
C ASN A 61 0.96 -11.67 -6.97
N ASP A 62 0.49 -11.66 -5.75
CA ASP A 62 -0.60 -12.61 -5.36
C ASP A 62 -1.89 -12.28 -6.10
N LEU A 63 -1.92 -11.17 -6.80
CA LEU A 63 -3.16 -10.79 -7.54
C LEU A 63 -3.01 -11.14 -9.02
N GLN A 64 -1.83 -11.01 -9.55
CA GLN A 64 -1.62 -11.34 -10.99
C GLN A 64 -1.34 -12.83 -11.16
N GLY A 65 -1.45 -13.59 -10.11
CA GLY A 65 -1.19 -15.05 -10.21
C GLY A 65 -2.18 -15.68 -11.20
ZN ZN B . 9.22 2.24 0.08
ZN ZN C . -0.02 -6.18 0.38
N ARG A 1 -4.82 -0.71 19.87
CA ARG A 1 -3.85 -0.91 18.76
C ARG A 1 -4.39 -1.94 17.77
N LYS A 2 -4.49 -3.17 18.19
CA LYS A 2 -5.01 -4.24 17.28
C LYS A 2 -4.07 -4.41 16.09
N TRP A 3 -4.03 -3.45 15.20
CA TRP A 3 -3.14 -3.58 14.01
C TRP A 3 -2.70 -2.20 13.53
N ALA A 4 -1.93 -2.15 12.47
CA ALA A 4 -1.46 -0.83 11.96
C ALA A 4 -2.65 0.00 11.44
N GLU A 5 -3.42 0.54 12.34
CA GLU A 5 -4.60 1.35 11.91
C GLU A 5 -4.32 2.84 12.13
N ASP A 6 -3.20 3.33 11.65
CA ASP A 6 -2.88 4.76 11.84
C ASP A 6 -2.68 5.05 13.34
N ASN A 7 -2.57 4.03 14.13
CA ASN A 7 -2.38 4.24 15.60
C ASN A 7 -0.90 4.50 15.91
N GLU A 8 -0.01 4.16 15.02
CA GLU A 8 1.44 4.39 15.28
C GLU A 8 2.25 4.18 14.00
N VAL A 9 1.72 4.53 12.86
CA VAL A 9 2.48 4.33 11.60
C VAL A 9 3.36 5.54 11.29
N GLN A 10 4.63 5.44 11.58
CA GLN A 10 5.55 6.58 11.28
C GLN A 10 6.72 6.10 10.44
N ASN A 11 6.64 4.89 9.93
CA ASN A 11 7.74 4.35 9.08
C ASN A 11 7.20 3.27 8.14
N CYS A 12 7.31 3.48 6.86
CA CYS A 12 6.81 2.46 5.88
C CYS A 12 7.27 1.06 6.29
N MET A 13 6.40 0.10 6.22
CA MET A 13 6.79 -1.29 6.59
C MET A 13 7.53 -1.94 5.42
N ALA A 14 7.70 -1.22 4.34
CA ALA A 14 8.40 -1.79 3.15
C ALA A 14 9.76 -1.09 2.97
N CYS A 15 9.75 0.16 2.62
CA CYS A 15 11.03 0.90 2.42
C CYS A 15 11.47 1.55 3.73
N GLY A 16 10.63 1.54 4.72
CA GLY A 16 11.00 2.17 6.02
C GLY A 16 11.26 3.66 5.78
N LYS A 17 10.68 4.20 4.75
CA LYS A 17 10.89 5.66 4.44
C LYS A 17 10.32 6.52 5.57
N GLY A 18 10.83 7.72 5.71
CA GLY A 18 10.31 8.61 6.78
C GLY A 18 9.06 9.33 6.29
N PHE A 19 7.91 8.96 6.77
CA PHE A 19 6.65 9.61 6.31
C PHE A 19 6.72 11.13 6.54
N SER A 20 7.16 11.86 5.56
CA SER A 20 7.24 13.34 5.70
C SER A 20 6.15 14.01 4.87
N VAL A 21 6.14 15.31 4.81
CA VAL A 21 5.09 16.01 4.01
C VAL A 21 5.22 15.64 2.53
N THR A 22 6.40 15.33 2.09
CA THR A 22 6.58 14.96 0.65
C THR A 22 6.06 13.54 0.41
N VAL A 23 5.88 12.78 1.45
CA VAL A 23 5.38 11.38 1.29
C VAL A 23 3.98 11.26 1.89
N ARG A 24 3.02 10.80 1.11
CA ARG A 24 1.65 10.63 1.65
C ARG A 24 1.46 9.20 2.14
N ARG A 25 0.63 9.00 3.13
CA ARG A 25 0.42 7.62 3.65
C ARG A 25 -0.59 6.85 2.79
N HIS A 26 -0.12 6.01 1.91
CA HIS A 26 -1.06 5.22 1.06
C HIS A 26 -1.01 3.75 1.48
N HIS A 27 -1.96 3.31 2.24
CA HIS A 27 -1.96 1.88 2.69
C HIS A 27 -2.53 0.97 1.60
N CYS A 28 -2.05 -0.24 1.52
CA CYS A 28 -2.57 -1.18 0.49
C CYS A 28 -4.00 -1.59 0.85
N ARG A 29 -4.92 -1.43 -0.06
CA ARG A 29 -6.34 -1.80 0.23
C ARG A 29 -6.49 -3.32 0.28
N GLN A 30 -5.76 -4.03 -0.53
CA GLN A 30 -5.88 -5.52 -0.52
C GLN A 30 -5.30 -6.09 0.77
N CYS A 31 -4.03 -5.93 0.98
CA CYS A 31 -3.41 -6.47 2.23
C CYS A 31 -3.81 -5.61 3.44
N GLY A 32 -3.86 -4.33 3.26
CA GLY A 32 -4.25 -3.44 4.40
C GLY A 32 -2.99 -3.07 5.19
N ASN A 33 -1.95 -2.70 4.51
CA ASN A 33 -0.68 -2.33 5.21
C ASN A 33 -0.30 -0.89 4.87
N ILE A 34 0.52 -0.27 5.67
CA ILE A 34 0.92 1.13 5.37
C ILE A 34 2.10 1.14 4.40
N PHE A 35 1.97 1.87 3.32
CA PHE A 35 3.09 1.91 2.33
C PHE A 35 3.25 3.34 1.80
N CYS A 36 4.39 3.63 1.23
CA CYS A 36 4.62 5.00 0.67
C CYS A 36 4.26 5.04 -0.81
N ALA A 37 4.72 6.04 -1.51
CA ALA A 37 4.41 6.14 -2.97
C ALA A 37 5.09 4.99 -3.72
N GLU A 38 6.37 4.82 -3.53
CA GLU A 38 7.10 3.72 -4.24
C GLU A 38 6.37 2.40 -4.04
N CYS A 39 6.14 2.01 -2.82
CA CYS A 39 5.43 0.72 -2.54
C CYS A 39 4.13 0.63 -3.34
N SER A 40 3.23 1.56 -3.14
CA SER A 40 1.93 1.52 -3.88
C SER A 40 2.02 2.29 -5.19
N ALA A 41 3.20 2.60 -5.64
CA ALA A 41 3.34 3.36 -6.92
C ALA A 41 2.69 2.58 -8.06
N LYS A 42 2.69 1.28 -7.98
CA LYS A 42 2.07 0.45 -9.05
C LYS A 42 0.68 -0.03 -8.61
N ASN A 43 -0.16 -0.39 -9.55
CA ASN A 43 -1.52 -0.86 -9.18
C ASN A 43 -1.80 -2.22 -9.84
N ALA A 44 -2.76 -2.95 -9.34
CA ALA A 44 -3.07 -4.28 -9.96
C ALA A 44 -4.55 -4.35 -10.33
N LEU A 45 -4.89 -5.14 -11.31
CA LEU A 45 -6.32 -5.25 -11.71
C LEU A 45 -7.02 -6.31 -10.87
N THR A 46 -8.20 -6.03 -10.38
CA THR A 46 -8.91 -7.04 -9.55
C THR A 46 -10.00 -7.74 -10.39
N PRO A 47 -10.12 -9.01 -10.18
CA PRO A 47 -11.14 -9.81 -10.91
C PRO A 47 -12.54 -9.46 -10.42
N SER A 48 -12.64 -8.84 -9.28
CA SER A 48 -13.99 -8.45 -8.76
C SER A 48 -14.56 -7.32 -9.60
N SER A 49 -13.85 -6.23 -9.70
CA SER A 49 -14.33 -5.08 -10.52
C SER A 49 -13.59 -5.06 -11.86
N LYS A 50 -13.40 -3.90 -12.44
CA LYS A 50 -12.68 -3.83 -13.73
C LYS A 50 -11.66 -2.70 -13.71
N LYS A 51 -11.25 -2.27 -12.54
CA LYS A 51 -10.26 -1.17 -12.45
C LYS A 51 -8.98 -1.65 -11.75
N PRO A 52 -7.91 -0.95 -12.02
CA PRO A 52 -6.61 -1.29 -11.40
C PRO A 52 -6.54 -0.76 -9.98
N VAL A 53 -6.60 -1.61 -9.00
CA VAL A 53 -6.54 -1.16 -7.59
C VAL A 53 -5.10 -0.87 -7.18
N ARG A 54 -4.90 0.09 -6.31
CA ARG A 54 -3.52 0.43 -5.86
C ARG A 54 -3.02 -0.61 -4.85
N VAL A 55 -1.90 -1.21 -5.12
CA VAL A 55 -1.37 -2.24 -4.17
C VAL A 55 0.17 -2.21 -4.15
N CYS A 56 0.77 -2.69 -3.10
CA CYS A 56 2.26 -2.70 -3.02
C CYS A 56 2.84 -3.75 -3.97
N ASP A 57 4.13 -3.89 -4.01
CA ASP A 57 4.75 -4.91 -4.91
C ASP A 57 4.46 -6.31 -4.37
N ALA A 58 4.22 -6.43 -3.10
CA ALA A 58 3.92 -7.78 -2.52
C ALA A 58 2.63 -8.33 -3.11
N CYS A 59 1.54 -7.62 -2.96
CA CYS A 59 0.25 -8.09 -3.52
C CYS A 59 0.37 -8.24 -5.04
N PHE A 60 1.02 -7.31 -5.68
CA PHE A 60 1.19 -7.39 -7.16
C PHE A 60 1.57 -8.81 -7.57
N ASN A 61 2.42 -9.44 -6.81
CA ASN A 61 2.84 -10.83 -7.15
C ASN A 61 1.75 -11.84 -6.74
N ASP A 62 1.27 -11.74 -5.53
CA ASP A 62 0.21 -12.69 -5.08
C ASP A 62 -1.01 -12.62 -6.01
N LEU A 63 -1.22 -11.49 -6.63
CA LEU A 63 -2.39 -11.36 -7.54
C LEU A 63 -2.01 -11.80 -8.96
N GLN A 64 -0.79 -11.56 -9.36
CA GLN A 64 -0.35 -11.96 -10.72
C GLN A 64 -0.47 -13.47 -10.89
N GLY A 65 -0.57 -14.19 -9.81
CA GLY A 65 -0.68 -15.68 -9.91
C GLY A 65 -2.11 -16.05 -10.32
ZN ZN B . 7.84 3.02 1.21
ZN ZN C . -0.57 -5.75 -0.23
N ARG A 1 -0.62 0.78 20.14
CA ARG A 1 -0.53 1.50 18.84
C ARG A 1 0.36 0.74 17.87
N LYS A 2 -0.13 -0.33 17.31
CA LYS A 2 0.69 -1.13 16.36
C LYS A 2 1.03 -0.30 15.11
N TRP A 3 0.34 -0.52 14.02
CA TRP A 3 0.65 0.25 12.78
C TRP A 3 -0.32 -0.13 11.65
N ALA A 4 -1.49 -0.58 12.00
CA ALA A 4 -2.47 -1.00 10.95
C ALA A 4 -3.41 0.15 10.56
N GLU A 5 -3.02 1.37 10.79
CA GLU A 5 -3.94 2.49 10.44
C GLU A 5 -3.18 3.79 10.19
N ASP A 6 -2.59 4.35 11.21
CA ASP A 6 -1.85 5.63 11.02
C ASP A 6 -1.29 6.10 12.36
N ASN A 7 -2.16 6.49 13.26
CA ASN A 7 -1.69 6.97 14.60
C ASN A 7 -0.58 6.05 15.11
N GLU A 8 -0.58 4.82 14.68
CA GLU A 8 0.48 3.88 15.13
C GLU A 8 1.60 3.79 14.09
N VAL A 9 1.30 4.09 12.85
CA VAL A 9 2.35 4.02 11.79
C VAL A 9 2.54 5.38 11.12
N GLN A 10 3.73 5.91 11.17
CA GLN A 10 3.99 7.24 10.52
C GLN A 10 5.17 7.11 9.55
N ASN A 11 5.47 5.91 9.14
CA ASN A 11 6.60 5.70 8.19
C ASN A 11 6.42 4.37 7.45
N CYS A 12 6.93 4.26 6.25
CA CYS A 12 6.78 2.99 5.49
C CYS A 12 7.40 1.83 6.27
N MET A 13 6.59 0.89 6.70
CA MET A 13 7.14 -0.27 7.47
C MET A 13 7.92 -1.20 6.54
N ALA A 14 7.79 -1.01 5.25
CA ALA A 14 8.54 -1.88 4.29
C ALA A 14 9.88 -1.25 3.94
N CYS A 15 9.87 -0.01 3.50
CA CYS A 15 11.14 0.67 3.14
C CYS A 15 11.73 1.37 4.37
N GLY A 16 10.89 1.88 5.22
CA GLY A 16 11.39 2.57 6.45
C GLY A 16 11.45 4.09 6.20
N LYS A 17 11.11 4.51 5.01
CA LYS A 17 11.16 5.97 4.70
C LYS A 17 10.29 6.75 5.69
N GLY A 18 10.68 7.96 5.98
CA GLY A 18 9.87 8.79 6.94
C GLY A 18 8.81 9.57 6.18
N PHE A 19 7.56 9.20 6.33
CA PHE A 19 6.48 9.92 5.60
C PHE A 19 6.63 11.43 5.81
N SER A 20 6.65 12.18 4.74
CA SER A 20 6.78 13.66 4.86
C SER A 20 5.72 14.34 4.00
N VAL A 21 5.47 15.60 4.22
CA VAL A 21 4.45 16.31 3.41
C VAL A 21 4.60 15.97 1.92
N THR A 22 5.81 15.84 1.45
CA THR A 22 6.02 15.52 0.01
C THR A 22 5.82 14.02 -0.23
N VAL A 23 5.81 13.23 0.81
CA VAL A 23 5.63 11.76 0.62
C VAL A 23 4.38 11.28 1.38
N ARG A 24 3.33 10.97 0.69
CA ARG A 24 2.10 10.49 1.37
C ARG A 24 2.15 8.96 1.49
N ARG A 25 1.49 8.39 2.46
CA ARG A 25 1.53 6.91 2.62
C ARG A 25 0.24 6.28 2.07
N HIS A 26 0.39 5.27 1.26
CA HIS A 26 -0.82 4.60 0.66
C HIS A 26 -0.91 3.17 1.21
N HIS A 27 -1.96 2.86 1.92
CA HIS A 27 -2.10 1.50 2.48
C HIS A 27 -2.50 0.50 1.40
N CYS A 28 -2.16 -0.76 1.55
CA CYS A 28 -2.53 -1.76 0.52
C CYS A 28 -3.95 -2.27 0.77
N ARG A 29 -4.80 -2.17 -0.22
CA ARG A 29 -6.20 -2.64 -0.05
C ARG A 29 -6.27 -4.17 0.03
N GLN A 30 -5.25 -4.84 -0.43
CA GLN A 30 -5.27 -6.34 -0.38
C GLN A 30 -5.04 -6.81 1.07
N CYS A 31 -3.81 -6.88 1.49
CA CYS A 31 -3.52 -7.35 2.88
C CYS A 31 -3.94 -6.27 3.89
N GLY A 32 -3.93 -5.03 3.49
CA GLY A 32 -4.32 -3.94 4.42
C GLY A 32 -3.08 -3.45 5.17
N ASN A 33 -2.01 -3.20 4.48
CA ASN A 33 -0.77 -2.74 5.14
C ASN A 33 -0.47 -1.29 4.74
N ILE A 34 0.21 -0.56 5.59
CA ILE A 34 0.54 0.86 5.26
C ILE A 34 1.85 0.92 4.46
N PHE A 35 1.78 1.31 3.22
CA PHE A 35 3.01 1.37 2.38
C PHE A 35 3.21 2.77 1.79
N CYS A 36 4.41 3.08 1.36
CA CYS A 36 4.67 4.42 0.75
C CYS A 36 4.57 4.33 -0.77
N ALA A 37 4.88 5.40 -1.45
CA ALA A 37 4.79 5.39 -2.94
C ALA A 37 5.64 4.26 -3.52
N GLU A 38 6.83 4.07 -3.03
CA GLU A 38 7.71 2.99 -3.58
C GLU A 38 6.97 1.64 -3.55
N CYS A 39 6.79 1.07 -2.39
CA CYS A 39 6.10 -0.24 -2.31
C CYS A 39 4.78 -0.21 -3.10
N SER A 40 3.89 0.70 -2.78
CA SER A 40 2.61 0.77 -3.52
C SER A 40 2.70 1.73 -4.72
N ALA A 41 3.84 1.80 -5.34
CA ALA A 41 3.99 2.73 -6.51
C ALA A 41 3.20 2.21 -7.72
N LYS A 42 2.72 1.01 -7.64
CA LYS A 42 1.94 0.45 -8.79
C LYS A 42 0.56 -0.02 -8.34
N ASN A 43 -0.36 -0.15 -9.25
CA ASN A 43 -1.72 -0.62 -8.88
C ASN A 43 -2.11 -1.84 -9.70
N ALA A 44 -2.98 -2.68 -9.19
CA ALA A 44 -3.41 -3.88 -9.95
C ALA A 44 -4.92 -3.85 -10.16
N LEU A 45 -5.40 -4.39 -11.25
CA LEU A 45 -6.86 -4.38 -11.51
C LEU A 45 -7.50 -5.67 -10.99
N THR A 46 -8.66 -5.56 -10.40
CA THR A 46 -9.35 -6.78 -9.87
C THR A 46 -10.39 -7.27 -10.88
N PRO A 47 -10.47 -8.57 -11.00
CA PRO A 47 -11.45 -9.18 -11.94
C PRO A 47 -12.88 -9.00 -11.42
N SER A 48 -13.02 -8.67 -10.17
CA SER A 48 -14.38 -8.47 -9.60
C SER A 48 -14.91 -7.08 -9.99
N SER A 49 -14.18 -6.05 -9.62
CA SER A 49 -14.63 -4.67 -9.97
C SER A 49 -13.83 -4.15 -11.17
N LYS A 50 -14.19 -3.00 -11.68
CA LYS A 50 -13.45 -2.46 -12.85
C LYS A 50 -12.54 -1.30 -12.42
N LYS A 51 -11.71 -1.53 -11.43
CA LYS A 51 -10.80 -0.44 -10.96
C LYS A 51 -9.47 -1.03 -10.48
N PRO A 52 -8.42 -0.31 -10.76
CA PRO A 52 -7.06 -0.74 -10.36
C PRO A 52 -6.81 -0.40 -8.89
N VAL A 53 -6.74 -1.40 -8.04
CA VAL A 53 -6.50 -1.12 -6.58
C VAL A 53 -5.00 -0.97 -6.31
N ARG A 54 -4.61 0.03 -5.57
CA ARG A 54 -3.17 0.21 -5.26
C ARG A 54 -2.68 -0.90 -4.32
N VAL A 55 -1.58 -1.53 -4.63
CA VAL A 55 -1.06 -2.61 -3.76
C VAL A 55 0.47 -2.58 -3.72
N CYS A 56 1.06 -3.19 -2.73
CA CYS A 56 2.54 -3.19 -2.64
C CYS A 56 3.14 -4.21 -3.61
N ASP A 57 4.37 -4.01 -4.03
CA ASP A 57 5.00 -4.97 -4.98
C ASP A 57 4.70 -6.41 -4.57
N ALA A 58 4.65 -6.68 -3.30
CA ALA A 58 4.36 -8.07 -2.84
C ALA A 58 3.01 -8.55 -3.40
N CYS A 59 1.98 -7.74 -3.26
CA CYS A 59 0.65 -8.14 -3.78
C CYS A 59 0.69 -8.18 -5.32
N PHE A 60 1.40 -7.27 -5.92
CA PHE A 60 1.49 -7.26 -7.41
C PHE A 60 1.89 -8.64 -7.92
N ASN A 61 2.70 -9.34 -7.18
CA ASN A 61 3.14 -10.69 -7.61
C ASN A 61 2.00 -11.69 -7.38
N ASP A 62 1.25 -11.53 -6.32
CA ASP A 62 0.14 -12.48 -6.05
C ASP A 62 -1.01 -12.26 -7.03
N LEU A 63 -1.04 -11.12 -7.69
CA LEU A 63 -2.14 -10.85 -8.65
C LEU A 63 -1.58 -10.81 -10.08
N GLN A 64 -0.36 -10.40 -10.25
CA GLN A 64 0.24 -10.35 -11.61
C GLN A 64 0.81 -11.70 -12.01
N GLY A 65 0.46 -12.74 -11.29
CA GLY A 65 0.98 -14.09 -11.62
C GLY A 65 0.00 -14.81 -12.55
ZN ZN B . 8.09 1.02 0.72
ZN ZN C . 0.43 -5.32 0.42
N ARG A 1 -5.07 -2.61 17.19
CA ARG A 1 -3.67 -2.42 16.69
C ARG A 1 -3.62 -2.68 15.19
N LYS A 2 -4.64 -2.30 14.46
CA LYS A 2 -4.64 -2.53 12.99
C LYS A 2 -4.12 -1.29 12.26
N TRP A 3 -3.06 -1.42 11.51
CA TRP A 3 -2.52 -0.24 10.78
C TRP A 3 -3.18 -0.12 9.41
N ALA A 4 -4.32 -0.75 9.23
CA ALA A 4 -5.02 -0.67 7.92
C ALA A 4 -5.65 0.72 7.73
N GLU A 5 -6.02 1.36 8.82
CA GLU A 5 -6.63 2.72 8.70
C GLU A 5 -5.58 3.79 9.01
N ASP A 6 -5.13 3.85 10.23
CA ASP A 6 -4.12 4.86 10.61
C ASP A 6 -3.74 4.68 12.09
N ASN A 7 -3.23 3.53 12.44
CA ASN A 7 -2.84 3.29 13.86
C ASN A 7 -1.60 4.11 14.23
N GLU A 8 -1.63 5.39 14.01
CA GLU A 8 -0.45 6.24 14.35
C GLU A 8 0.78 5.80 13.55
N VAL A 9 0.59 5.11 12.46
CA VAL A 9 1.75 4.65 11.65
C VAL A 9 2.37 5.83 10.88
N GLN A 10 3.42 6.41 11.41
CA GLN A 10 4.05 7.57 10.72
C GLN A 10 5.34 7.14 10.02
N ASN A 11 5.49 5.87 9.75
CA ASN A 11 6.73 5.40 9.08
C ASN A 11 6.42 4.14 8.24
N CYS A 12 6.94 4.07 7.04
CA CYS A 12 6.67 2.88 6.20
C CYS A 12 7.25 1.63 6.85
N MET A 13 6.42 0.69 7.21
CA MET A 13 6.93 -0.55 7.86
C MET A 13 7.89 -1.29 6.93
N ALA A 14 7.89 -0.94 5.67
CA ALA A 14 8.80 -1.62 4.71
C ALA A 14 10.12 -0.86 4.57
N CYS A 15 10.13 0.18 3.77
CA CYS A 15 11.38 0.97 3.60
C CYS A 15 11.64 1.83 4.84
N GLY A 16 10.61 2.23 5.52
CA GLY A 16 10.80 3.07 6.74
C GLY A 16 10.98 4.53 6.34
N LYS A 17 10.54 4.89 5.16
CA LYS A 17 10.69 6.31 4.71
C LYS A 17 9.97 7.25 5.69
N GLY A 18 10.46 8.45 5.85
CA GLY A 18 9.80 9.41 6.78
C GLY A 18 8.66 10.11 6.04
N PHE A 19 7.45 9.90 6.47
CA PHE A 19 6.28 10.54 5.79
C PHE A 19 6.23 12.04 6.13
N SER A 20 6.15 12.87 5.14
CA SER A 20 6.08 14.34 5.39
C SER A 20 5.35 15.03 4.23
N VAL A 21 5.82 16.17 3.81
CA VAL A 21 5.15 16.87 2.67
C VAL A 21 5.74 16.41 1.34
N THR A 22 6.90 15.82 1.39
CA THR A 22 7.54 15.34 0.12
C THR A 22 7.13 13.90 -0.17
N VAL A 23 6.71 13.18 0.84
CA VAL A 23 6.30 11.77 0.62
C VAL A 23 4.79 11.60 0.81
N ARG A 24 4.18 10.71 0.07
CA ARG A 24 2.71 10.49 0.20
C ARG A 24 2.42 9.29 1.09
N ARG A 25 1.26 9.21 1.68
CA ARG A 25 0.95 8.04 2.55
C ARG A 25 -0.18 7.21 1.94
N HIS A 26 0.03 5.94 1.78
CA HIS A 26 -1.02 5.06 1.21
C HIS A 26 -0.72 3.60 1.58
N HIS A 27 -1.72 2.89 2.05
CA HIS A 27 -1.50 1.46 2.45
C HIS A 27 -2.00 0.52 1.35
N CYS A 28 -1.63 -0.74 1.41
CA CYS A 28 -2.09 -1.70 0.38
C CYS A 28 -3.55 -2.09 0.68
N ARG A 29 -4.42 -1.88 -0.27
CA ARG A 29 -5.85 -2.23 -0.06
C ARG A 29 -6.04 -3.75 0.03
N GLN A 30 -5.18 -4.49 -0.63
CA GLN A 30 -5.31 -5.98 -0.59
C GLN A 30 -4.90 -6.51 0.78
N CYS A 31 -3.63 -6.68 1.01
CA CYS A 31 -3.16 -7.20 2.33
C CYS A 31 -3.63 -6.28 3.46
N GLY A 32 -3.57 -4.99 3.23
CA GLY A 32 -4.02 -4.03 4.27
C GLY A 32 -2.81 -3.64 5.14
N ASN A 33 -1.75 -3.19 4.52
CA ASN A 33 -0.55 -2.79 5.30
C ASN A 33 -0.12 -1.38 4.94
N ILE A 34 0.42 -0.65 5.89
CA ILE A 34 0.87 0.74 5.61
C ILE A 34 2.10 0.71 4.70
N PHE A 35 2.10 1.49 3.65
CA PHE A 35 3.28 1.49 2.73
C PHE A 35 3.53 2.90 2.20
N CYS A 36 4.73 3.17 1.76
CA CYS A 36 5.05 4.51 1.22
C CYS A 36 5.04 4.47 -0.31
N ALA A 37 5.17 5.60 -0.95
CA ALA A 37 5.17 5.64 -2.44
C ALA A 37 5.90 4.42 -3.02
N GLU A 38 7.19 4.35 -2.86
CA GLU A 38 7.95 3.19 -3.41
C GLU A 38 7.20 1.88 -3.18
N CYS A 39 7.16 1.40 -1.96
CA CYS A 39 6.45 0.11 -1.69
C CYS A 39 5.12 0.06 -2.44
N SER A 40 4.26 1.01 -2.18
CA SER A 40 2.92 1.01 -2.88
C SER A 40 3.00 1.80 -4.19
N ALA A 41 4.14 1.83 -4.83
CA ALA A 41 4.25 2.58 -6.11
C ALA A 41 3.81 1.71 -7.28
N LYS A 42 2.74 0.98 -7.12
CA LYS A 42 2.25 0.12 -8.23
C LYS A 42 0.75 -0.13 -8.09
N ASN A 43 0.02 -0.02 -9.18
CA ASN A 43 -1.44 -0.23 -9.10
C ASN A 43 -1.86 -1.35 -10.07
N ALA A 44 -2.80 -2.17 -9.67
CA ALA A 44 -3.23 -3.29 -10.55
C ALA A 44 -4.76 -3.41 -10.51
N LEU A 45 -5.34 -4.04 -11.51
CA LEU A 45 -6.82 -4.19 -11.53
C LEU A 45 -7.22 -5.61 -11.16
N THR A 46 -8.38 -5.79 -10.59
CA THR A 46 -8.82 -7.16 -10.21
C THR A 46 -9.96 -7.63 -11.11
N PRO A 47 -9.90 -8.88 -11.49
CA PRO A 47 -10.95 -9.46 -12.36
C PRO A 47 -12.25 -9.65 -11.57
N SER A 48 -12.17 -9.55 -10.27
CA SER A 48 -13.40 -9.73 -9.45
C SER A 48 -14.13 -8.38 -9.30
N SER A 49 -13.65 -7.37 -9.96
CA SER A 49 -14.31 -6.04 -9.86
C SER A 49 -14.02 -5.22 -11.12
N LYS A 50 -14.34 -3.95 -11.12
CA LYS A 50 -14.08 -3.12 -12.32
C LYS A 50 -13.16 -1.95 -11.97
N LYS A 51 -12.52 -2.00 -10.83
CA LYS A 51 -11.62 -0.88 -10.44
C LYS A 51 -10.19 -1.39 -10.16
N PRO A 52 -9.26 -0.48 -10.30
CA PRO A 52 -7.85 -0.79 -10.05
C PRO A 52 -7.53 -0.55 -8.57
N VAL A 53 -6.85 -1.47 -7.95
CA VAL A 53 -6.52 -1.28 -6.50
C VAL A 53 -5.01 -1.18 -6.29
N ARG A 54 -4.56 -0.18 -5.59
CA ARG A 54 -3.11 -0.04 -5.34
C ARG A 54 -2.65 -1.12 -4.34
N VAL A 55 -1.71 -1.94 -4.73
CA VAL A 55 -1.24 -3.01 -3.81
C VAL A 55 0.28 -3.12 -3.85
N CYS A 56 0.86 -3.71 -2.83
CA CYS A 56 2.35 -3.85 -2.81
C CYS A 56 2.80 -4.79 -3.92
N ASP A 57 3.99 -4.58 -4.44
CA ASP A 57 4.50 -5.46 -5.53
C ASP A 57 4.11 -6.92 -5.30
N ALA A 58 4.04 -7.34 -4.07
CA ALA A 58 3.66 -8.76 -3.79
C ALA A 58 2.26 -9.04 -4.34
N CYS A 59 1.28 -8.29 -3.91
CA CYS A 59 -0.10 -8.51 -4.43
C CYS A 59 -0.09 -8.42 -5.96
N PHE A 60 0.65 -7.49 -6.50
CA PHE A 60 0.71 -7.35 -7.98
C PHE A 60 0.88 -8.72 -8.63
N ASN A 61 1.78 -9.53 -8.13
CA ASN A 61 2.00 -10.89 -8.72
C ASN A 61 0.77 -11.77 -8.48
N ASP A 62 0.20 -11.70 -7.31
CA ASP A 62 -1.01 -12.54 -7.02
C ASP A 62 -2.14 -12.23 -7.99
N LEU A 63 -2.25 -11.00 -8.41
CA LEU A 63 -3.35 -10.63 -9.36
C LEU A 63 -2.87 -10.77 -10.81
N GLN A 64 -1.61 -10.53 -11.06
CA GLN A 64 -1.10 -10.65 -12.46
C GLN A 64 -1.55 -11.97 -13.08
N GLY A 65 -1.88 -12.94 -12.27
CA GLY A 65 -2.34 -14.25 -12.82
C GLY A 65 -3.81 -14.46 -12.48
ZN ZN B . 8.25 0.95 1.62
ZN ZN C . -0.68 -6.62 0.01
N ARG A 1 -10.56 -0.29 10.74
CA ARG A 1 -10.63 1.17 11.03
C ARG A 1 -9.64 1.53 12.14
N LYS A 2 -9.42 0.65 13.07
CA LYS A 2 -8.45 0.95 14.18
C LYS A 2 -7.06 0.44 13.82
N TRP A 3 -6.76 0.37 12.54
CA TRP A 3 -5.42 -0.13 12.13
C TRP A 3 -5.28 -0.08 10.60
N ALA A 4 -6.06 -0.88 9.91
CA ALA A 4 -5.99 -0.88 8.43
C ALA A 4 -6.86 0.24 7.86
N GLU A 5 -6.48 1.47 8.07
CA GLU A 5 -7.27 2.61 7.55
C GLU A 5 -6.50 3.92 7.77
N ASP A 6 -5.23 3.91 7.52
CA ASP A 6 -4.41 5.14 7.73
C ASP A 6 -4.83 5.86 9.01
N ASN A 7 -5.35 5.13 9.96
CA ASN A 7 -5.78 5.76 11.24
C ASN A 7 -4.92 5.24 12.38
N GLU A 8 -3.63 5.17 12.17
CA GLU A 8 -2.72 4.66 13.23
C GLU A 8 -1.29 4.52 12.68
N VAL A 9 -1.17 4.29 11.40
CA VAL A 9 0.19 4.14 10.80
C VAL A 9 0.77 5.52 10.45
N GLN A 10 2.05 5.69 10.61
CA GLN A 10 2.67 7.01 10.28
C GLN A 10 4.04 6.79 9.61
N ASN A 11 4.30 5.60 9.18
CA ASN A 11 5.61 5.31 8.52
C ASN A 11 5.51 4.04 7.67
N CYS A 12 6.22 3.99 6.57
CA CYS A 12 6.18 2.78 5.71
C CYS A 12 6.65 1.55 6.50
N MET A 13 5.93 0.46 6.42
CA MET A 13 6.33 -0.76 7.16
C MET A 13 7.45 -1.50 6.42
N ALA A 14 7.62 -1.22 5.16
CA ALA A 14 8.69 -1.92 4.38
C ALA A 14 9.99 -1.11 4.43
N CYS A 15 10.13 -0.13 3.58
CA CYS A 15 11.38 0.69 3.58
C CYS A 15 11.53 1.46 4.90
N GLY A 16 10.45 1.99 5.40
CA GLY A 16 10.53 2.75 6.68
C GLY A 16 10.57 4.25 6.39
N LYS A 17 10.11 4.65 5.24
CA LYS A 17 10.12 6.10 4.89
C LYS A 17 9.17 6.88 5.81
N GLY A 18 9.54 8.08 6.15
CA GLY A 18 8.66 8.89 7.05
C GLY A 18 7.65 9.68 6.21
N PHE A 19 6.40 9.28 6.24
CA PHE A 19 5.39 10.00 5.44
C PHE A 19 5.37 11.49 5.80
N SER A 20 6.08 12.29 5.06
CA SER A 20 6.13 13.75 5.37
C SER A 20 5.12 14.51 4.49
N VAL A 21 5.39 15.75 4.18
CA VAL A 21 4.45 16.54 3.34
C VAL A 21 4.74 16.28 1.85
N THR A 22 5.94 15.90 1.52
CA THR A 22 6.27 15.65 0.09
C THR A 22 6.01 14.18 -0.28
N VAL A 23 5.61 13.37 0.69
CA VAL A 23 5.34 11.94 0.38
C VAL A 23 3.88 11.60 0.68
N ARG A 24 3.28 10.79 -0.16
CA ARG A 24 1.85 10.41 0.06
C ARG A 24 1.77 9.02 0.70
N ARG A 25 0.66 8.70 1.32
CA ARG A 25 0.53 7.36 1.96
C ARG A 25 -0.05 6.34 0.97
N HIS A 26 0.60 5.22 0.83
CA HIS A 26 0.09 4.17 -0.11
C HIS A 26 -0.29 2.93 0.69
N HIS A 27 -1.55 2.75 0.99
CA HIS A 27 -1.96 1.56 1.79
C HIS A 27 -2.47 0.45 0.87
N CYS A 28 -1.94 -0.74 1.01
CA CYS A 28 -2.38 -1.86 0.14
C CYS A 28 -3.79 -2.32 0.53
N ARG A 29 -4.70 -2.33 -0.41
CA ARG A 29 -6.09 -2.76 -0.11
C ARG A 29 -6.17 -4.29 -0.05
N GLN A 30 -5.16 -4.97 -0.53
CA GLN A 30 -5.19 -6.46 -0.50
C GLN A 30 -4.80 -6.96 0.90
N CYS A 31 -3.57 -6.82 1.26
CA CYS A 31 -3.13 -7.30 2.61
C CYS A 31 -3.65 -6.36 3.70
N GLY A 32 -3.79 -5.10 3.38
CA GLY A 32 -4.28 -4.12 4.41
C GLY A 32 -3.08 -3.58 5.18
N ASN A 33 -2.00 -3.33 4.50
CA ASN A 33 -0.79 -2.79 5.19
C ASN A 33 -0.33 -1.50 4.52
N ILE A 34 0.01 -0.50 5.29
CA ILE A 34 0.43 0.81 4.70
C ILE A 34 1.77 0.67 3.97
N PHE A 35 1.93 1.39 2.89
CA PHE A 35 3.19 1.32 2.11
C PHE A 35 3.50 2.68 1.49
N CYS A 36 4.73 2.90 1.10
CA CYS A 36 5.10 4.20 0.47
C CYS A 36 5.05 4.08 -1.05
N ALA A 37 5.50 5.09 -1.76
CA ALA A 37 5.48 5.03 -3.25
C ALA A 37 6.32 3.85 -3.75
N GLU A 38 7.53 3.72 -3.28
CA GLU A 38 8.39 2.60 -3.73
C GLU A 38 7.68 1.25 -3.51
N CYS A 39 7.41 0.92 -2.28
CA CYS A 39 6.71 -0.37 -2.01
C CYS A 39 5.49 -0.52 -2.93
N SER A 40 4.55 0.37 -2.82
CA SER A 40 3.33 0.30 -3.68
C SER A 40 3.54 1.11 -4.96
N ALA A 41 4.75 1.13 -5.47
CA ALA A 41 5.03 1.90 -6.72
C ALA A 41 4.18 1.39 -7.89
N LYS A 42 3.51 0.28 -7.73
CA LYS A 42 2.68 -0.26 -8.85
C LYS A 42 1.24 -0.50 -8.39
N ASN A 43 0.28 -0.16 -9.18
CA ASN A 43 -1.14 -0.38 -8.79
C ASN A 43 -1.70 -1.60 -9.54
N ALA A 44 -2.46 -2.42 -8.87
CA ALA A 44 -3.02 -3.63 -9.54
C ALA A 44 -4.55 -3.58 -9.53
N LEU A 45 -5.19 -4.28 -10.43
CA LEU A 45 -6.68 -4.28 -10.47
C LEU A 45 -7.22 -5.51 -9.72
N THR A 46 -8.39 -5.42 -9.18
CA THR A 46 -8.96 -6.58 -8.44
C THR A 46 -10.24 -7.08 -9.10
N PRO A 47 -10.60 -8.30 -8.79
CA PRO A 47 -11.82 -8.90 -9.36
C PRO A 47 -13.08 -8.30 -8.70
N SER A 48 -12.90 -7.60 -7.61
CA SER A 48 -14.08 -6.99 -6.92
C SER A 48 -14.70 -5.90 -7.80
N SER A 49 -13.88 -5.09 -8.41
CA SER A 49 -14.43 -4.01 -9.29
C SER A 49 -13.51 -3.80 -10.49
N LYS A 50 -13.93 -2.97 -11.42
CA LYS A 50 -13.08 -2.71 -12.62
C LYS A 50 -12.15 -1.52 -12.38
N LYS A 51 -11.44 -1.54 -11.28
CA LYS A 51 -10.52 -0.40 -10.99
C LYS A 51 -9.17 -0.91 -10.48
N PRO A 52 -8.15 -0.16 -10.80
CA PRO A 52 -6.78 -0.51 -10.38
C PRO A 52 -6.49 0.04 -8.99
N VAL A 53 -6.18 -0.82 -8.05
CA VAL A 53 -5.89 -0.33 -6.67
C VAL A 53 -4.38 -0.36 -6.40
N ARG A 54 -3.89 0.56 -5.61
CA ARG A 54 -2.42 0.58 -5.32
C ARG A 54 -2.07 -0.50 -4.30
N VAL A 55 -1.26 -1.45 -4.69
CA VAL A 55 -0.88 -2.53 -3.74
C VAL A 55 0.63 -2.80 -3.81
N CYS A 56 1.22 -3.23 -2.73
CA CYS A 56 2.69 -3.49 -2.74
C CYS A 56 3.04 -4.49 -3.84
N ASP A 57 4.03 -4.19 -4.63
CA ASP A 57 4.43 -5.12 -5.73
C ASP A 57 4.31 -6.57 -5.27
N ALA A 58 4.50 -6.81 -4.00
CA ALA A 58 4.37 -8.20 -3.48
C ALA A 58 3.06 -8.81 -3.99
N CYS A 59 1.96 -8.20 -3.65
CA CYS A 59 0.65 -8.72 -4.12
C CYS A 59 0.51 -8.44 -5.62
N PHE A 60 1.06 -7.36 -6.08
CA PHE A 60 0.98 -7.03 -7.53
C PHE A 60 1.29 -8.28 -8.35
N ASN A 61 2.41 -8.89 -8.11
CA ASN A 61 2.78 -10.13 -8.87
C ASN A 61 1.82 -11.27 -8.48
N ASP A 62 1.44 -11.32 -7.25
CA ASP A 62 0.51 -12.41 -6.80
C ASP A 62 -0.83 -12.28 -7.53
N LEU A 63 -1.12 -11.11 -8.05
CA LEU A 63 -2.40 -10.92 -8.79
C LEU A 63 -2.18 -11.13 -10.28
N GLN A 64 -1.04 -10.72 -10.78
CA GLN A 64 -0.75 -10.88 -12.23
C GLN A 64 -0.28 -12.32 -12.52
N GLY A 65 -0.08 -13.11 -11.51
CA GLY A 65 0.36 -14.51 -11.72
C GLY A 65 0.25 -15.29 -10.42
ZN ZN B . 8.77 1.90 1.78
ZN ZN C . -0.31 -6.46 -1.08
N ARG A 1 -8.81 0.04 8.88
CA ARG A 1 -9.75 0.02 10.03
C ARG A 1 -9.79 -1.38 10.66
N LYS A 2 -9.95 -2.40 9.86
CA LYS A 2 -9.98 -3.79 10.41
C LYS A 2 -8.56 -4.26 10.71
N TRP A 3 -7.70 -4.23 9.74
CA TRP A 3 -6.29 -4.67 9.95
C TRP A 3 -5.38 -3.45 10.06
N ALA A 4 -5.78 -2.34 9.47
CA ALA A 4 -4.94 -1.12 9.53
C ALA A 4 -4.89 -0.59 10.97
N GLU A 5 -4.43 -1.39 11.89
CA GLU A 5 -4.35 -0.95 13.31
C GLU A 5 -3.78 0.46 13.41
N ASP A 6 -2.49 0.61 13.20
CA ASP A 6 -1.87 1.96 13.29
C ASP A 6 -2.78 3.00 12.65
N ASN A 7 -3.21 2.77 11.44
CA ASN A 7 -4.12 3.75 10.76
C ASN A 7 -3.55 5.17 10.83
N GLU A 8 -2.28 5.30 11.10
CA GLU A 8 -1.67 6.65 11.18
C GLU A 8 -0.16 6.52 11.48
N VAL A 9 0.44 5.45 11.04
CA VAL A 9 1.90 5.27 11.30
C VAL A 9 2.71 6.29 10.51
N GLN A 10 3.88 6.60 10.97
CA GLN A 10 4.73 7.59 10.24
C GLN A 10 5.88 6.88 9.54
N ASN A 11 5.98 5.59 9.70
CA ASN A 11 7.08 4.83 9.03
C ASN A 11 6.51 3.85 8.01
N CYS A 12 6.99 3.89 6.80
CA CYS A 12 6.47 2.96 5.76
C CYS A 12 6.53 1.51 6.26
N MET A 13 5.69 0.67 5.74
CA MET A 13 5.70 -0.76 6.19
C MET A 13 6.62 -1.60 5.31
N ALA A 14 6.83 -1.19 4.09
CA ALA A 14 7.70 -2.00 3.17
C ALA A 14 9.12 -1.42 3.11
N CYS A 15 9.36 -0.51 2.20
CA CYS A 15 10.73 0.08 2.07
C CYS A 15 11.17 0.73 3.40
N GLY A 16 10.24 1.00 4.28
CA GLY A 16 10.61 1.62 5.60
C GLY A 16 10.88 3.12 5.45
N LYS A 17 10.57 3.70 4.32
CA LYS A 17 10.81 5.16 4.13
C LYS A 17 10.11 5.94 5.25
N GLY A 18 10.87 6.61 6.08
CA GLY A 18 10.25 7.38 7.20
C GLY A 18 9.75 8.73 6.69
N PHE A 19 8.74 8.72 5.85
CA PHE A 19 8.21 10.02 5.32
C PHE A 19 7.38 10.74 6.39
N SER A 20 6.78 11.84 6.04
CA SER A 20 5.95 12.61 7.01
C SER A 20 5.01 13.56 6.26
N VAL A 21 4.78 14.73 6.79
CA VAL A 21 3.89 15.70 6.11
C VAL A 21 4.49 16.08 4.75
N THR A 22 5.77 15.87 4.58
CA THR A 22 6.42 16.21 3.29
C THR A 22 6.07 15.16 2.24
N VAL A 23 6.00 13.92 2.62
CA VAL A 23 5.67 12.84 1.65
C VAL A 23 4.35 12.16 2.04
N ARG A 24 3.39 12.17 1.17
CA ARG A 24 2.09 11.51 1.51
C ARG A 24 2.29 9.99 1.53
N ARG A 25 1.76 9.32 2.52
CA ARG A 25 1.94 7.85 2.61
C ARG A 25 0.64 7.13 2.19
N HIS A 26 0.74 6.23 1.26
CA HIS A 26 -0.47 5.49 0.79
C HIS A 26 -0.56 4.15 1.52
N HIS A 27 -1.73 3.58 1.58
CA HIS A 27 -1.88 2.27 2.28
C HIS A 27 -2.25 1.18 1.28
N CYS A 28 -1.77 -0.02 1.47
CA CYS A 28 -2.11 -1.12 0.51
C CYS A 28 -3.58 -1.50 0.71
N ARG A 29 -4.39 -1.30 -0.30
CA ARG A 29 -5.84 -1.63 -0.17
C ARG A 29 -6.04 -3.14 0.02
N GLN A 30 -5.06 -3.94 -0.31
CA GLN A 30 -5.22 -5.42 -0.15
C GLN A 30 -4.98 -5.83 1.31
N CYS A 31 -3.76 -6.11 1.66
CA CYS A 31 -3.46 -6.53 3.06
C CYS A 31 -3.80 -5.40 4.04
N GLY A 32 -3.68 -4.17 3.61
CA GLY A 32 -3.99 -3.04 4.53
C GLY A 32 -2.70 -2.63 5.24
N ASN A 33 -1.74 -2.14 4.50
CA ASN A 33 -0.45 -1.73 5.12
C ASN A 33 -0.05 -0.33 4.66
N ILE A 34 0.64 0.40 5.48
CA ILE A 34 1.07 1.78 5.10
C ILE A 34 2.27 1.71 4.14
N PHE A 35 2.13 2.23 2.96
CA PHE A 35 3.26 2.20 1.99
C PHE A 35 3.44 3.56 1.33
N CYS A 36 4.59 3.81 0.77
CA CYS A 36 4.82 5.11 0.10
C CYS A 36 4.43 5.00 -1.38
N ALA A 37 4.82 5.93 -2.19
CA ALA A 37 4.46 5.86 -3.64
C ALA A 37 5.26 4.76 -4.34
N GLU A 38 6.50 4.58 -3.97
CA GLU A 38 7.33 3.53 -4.62
C GLU A 38 6.70 2.13 -4.46
N CYS A 39 6.15 1.84 -3.31
CA CYS A 39 5.55 0.49 -3.10
C CYS A 39 4.16 0.40 -3.75
N SER A 40 3.34 1.40 -3.63
CA SER A 40 1.98 1.33 -4.24
C SER A 40 2.00 1.79 -5.70
N ALA A 41 3.09 2.36 -6.15
CA ALA A 41 3.16 2.82 -7.56
C ALA A 41 2.63 1.73 -8.49
N LYS A 42 2.76 0.49 -8.09
CA LYS A 42 2.28 -0.63 -8.95
C LYS A 42 0.76 -0.74 -8.90
N ASN A 43 0.12 -0.87 -10.03
CA ASN A 43 -1.36 -0.98 -10.06
C ASN A 43 -1.78 -2.43 -10.34
N ALA A 44 -2.73 -2.93 -9.60
CA ALA A 44 -3.19 -4.34 -9.83
C ALA A 44 -4.71 -4.38 -9.98
N LEU A 45 -5.18 -4.95 -11.06
CA LEU A 45 -6.66 -5.02 -11.28
C LEU A 45 -7.24 -6.26 -10.60
N THR A 46 -8.53 -6.26 -10.37
CA THR A 46 -9.17 -7.44 -9.71
C THR A 46 -10.29 -8.00 -10.60
N PRO A 47 -10.50 -9.27 -10.50
CA PRO A 47 -11.56 -9.93 -11.31
C PRO A 47 -12.95 -9.57 -10.79
N SER A 48 -13.02 -9.11 -9.57
CA SER A 48 -14.35 -8.73 -8.99
C SER A 48 -14.75 -7.35 -9.50
N SER A 49 -13.80 -6.54 -9.88
CA SER A 49 -14.14 -5.18 -10.39
C SER A 49 -13.07 -4.71 -11.38
N LYS A 50 -13.45 -4.43 -12.59
CA LYS A 50 -12.46 -3.98 -13.60
C LYS A 50 -11.81 -2.66 -13.17
N LYS A 51 -10.84 -2.74 -12.30
CA LYS A 51 -10.16 -1.49 -11.84
C LYS A 51 -8.80 -1.84 -11.22
N PRO A 52 -7.80 -1.11 -11.64
CA PRO A 52 -6.42 -1.34 -11.14
C PRO A 52 -6.28 -0.81 -9.71
N VAL A 53 -6.34 -1.69 -8.74
CA VAL A 53 -6.20 -1.25 -7.32
C VAL A 53 -4.74 -0.93 -6.99
N ARG A 54 -4.51 -0.03 -6.09
CA ARG A 54 -3.11 0.31 -5.72
C ARG A 54 -2.63 -0.64 -4.62
N VAL A 55 -1.81 -1.60 -4.96
CA VAL A 55 -1.33 -2.56 -3.94
C VAL A 55 0.19 -2.62 -3.94
N CYS A 56 0.78 -3.04 -2.84
CA CYS A 56 2.26 -3.13 -2.77
C CYS A 56 2.78 -4.27 -3.66
N ASP A 57 3.93 -4.09 -4.25
CA ASP A 57 4.49 -5.15 -5.14
C ASP A 57 4.26 -6.54 -4.52
N ALA A 58 4.27 -6.63 -3.22
CA ALA A 58 4.05 -7.94 -2.56
C ALA A 58 2.70 -8.52 -2.99
N CYS A 59 1.63 -7.85 -2.66
CA CYS A 59 0.28 -8.35 -3.06
C CYS A 59 0.20 -8.43 -4.59
N PHE A 60 0.73 -7.45 -5.26
CA PHE A 60 0.70 -7.46 -6.75
C PHE A 60 1.16 -8.80 -7.30
N ASN A 61 2.30 -9.27 -6.87
CA ASN A 61 2.81 -10.58 -7.38
C ASN A 61 1.93 -11.73 -6.91
N ASP A 62 1.30 -11.59 -5.77
CA ASP A 62 0.43 -12.69 -5.25
C ASP A 62 -0.92 -12.68 -5.97
N LEU A 63 -1.23 -11.60 -6.66
CA LEU A 63 -2.53 -11.53 -7.37
C LEU A 63 -2.37 -11.94 -8.83
N GLN A 64 -1.24 -11.62 -9.43
CA GLN A 64 -1.04 -12.01 -10.86
C GLN A 64 -0.87 -13.52 -10.96
N GLY A 65 -0.74 -14.20 -9.86
CA GLY A 65 -0.57 -15.68 -9.90
C GLY A 65 -1.55 -16.28 -10.90
ZN ZN B . 7.05 2.38 0.54
ZN ZN C . -0.43 -6.17 0.62
N ARG A 1 -7.50 3.48 16.52
CA ARG A 1 -6.61 2.84 17.53
C ARG A 1 -6.54 1.32 17.30
N LYS A 2 -6.27 0.90 16.10
CA LYS A 2 -6.19 -0.56 15.82
C LYS A 2 -4.91 -0.88 15.05
N TRP A 3 -4.78 -2.10 14.60
CA TRP A 3 -3.56 -2.49 13.83
C TRP A 3 -3.57 -1.80 12.46
N ALA A 4 -4.65 -1.94 11.73
CA ALA A 4 -4.72 -1.28 10.40
C ALA A 4 -4.88 0.24 10.56
N GLU A 5 -5.58 0.65 11.56
CA GLU A 5 -5.78 2.13 11.78
C GLU A 5 -4.77 2.64 12.81
N ASP A 6 -3.51 2.40 12.61
CA ASP A 6 -2.49 2.89 13.58
C ASP A 6 -2.78 4.34 13.95
N ASN A 7 -3.09 5.16 12.99
CA ASN A 7 -3.38 6.59 13.27
C ASN A 7 -2.16 7.26 13.91
N GLU A 8 -1.03 6.61 13.87
CA GLU A 8 0.19 7.21 14.47
C GLU A 8 1.45 6.55 13.90
N VAL A 9 1.35 5.96 12.74
CA VAL A 9 2.53 5.29 12.14
C VAL A 9 3.54 6.35 11.70
N GLN A 10 4.78 5.97 11.50
CA GLN A 10 5.81 6.96 11.08
C GLN A 10 6.89 6.28 10.24
N ASN A 11 6.60 5.15 9.66
CA ASN A 11 7.62 4.45 8.83
C ASN A 11 6.95 3.36 7.98
N CYS A 12 7.33 3.27 6.73
CA CYS A 12 6.73 2.24 5.84
C CYS A 12 7.14 0.84 6.31
N MET A 13 6.25 -0.11 6.26
CA MET A 13 6.59 -1.49 6.71
C MET A 13 7.24 -2.27 5.56
N ALA A 14 7.22 -1.73 4.38
CA ALA A 14 7.83 -2.44 3.22
C ALA A 14 9.14 -1.75 2.83
N CYS A 15 9.09 -0.48 2.52
CA CYS A 15 10.33 0.24 2.13
C CYS A 15 11.03 0.81 3.37
N GLY A 16 10.36 0.81 4.49
CA GLY A 16 10.99 1.35 5.72
C GLY A 16 11.47 2.78 5.48
N LYS A 17 10.77 3.51 4.65
CA LYS A 17 11.18 4.92 4.37
C LYS A 17 10.64 5.85 5.46
N GLY A 18 11.31 6.95 5.69
CA GLY A 18 10.84 7.90 6.74
C GLY A 18 9.88 8.92 6.13
N PHE A 19 8.61 8.76 6.36
CA PHE A 19 7.62 9.73 5.79
C PHE A 19 8.04 11.16 6.10
N SER A 20 7.64 12.09 5.28
CA SER A 20 8.00 13.51 5.52
C SER A 20 6.87 14.43 5.05
N VAL A 21 7.17 15.66 4.71
CA VAL A 21 6.10 16.57 4.24
C VAL A 21 5.81 16.33 2.76
N THR A 22 6.77 15.85 2.02
CA THR A 22 6.56 15.59 0.57
C THR A 22 6.05 14.16 0.34
N VAL A 23 5.87 13.40 1.38
CA VAL A 23 5.39 12.01 1.18
C VAL A 23 3.99 11.81 1.78
N ARG A 24 3.10 11.22 1.04
CA ARG A 24 1.72 10.98 1.54
C ARG A 24 1.61 9.55 2.07
N ARG A 25 0.63 9.25 2.86
CA ARG A 25 0.51 7.86 3.40
C ARG A 25 -0.36 7.00 2.46
N HIS A 26 0.17 5.90 2.01
CA HIS A 26 -0.62 5.02 1.09
C HIS A 26 -0.78 3.64 1.74
N HIS A 27 -1.92 3.37 2.31
CA HIS A 27 -2.13 2.03 2.94
C HIS A 27 -2.58 1.02 1.88
N CYS A 28 -2.20 -0.21 2.01
CA CYS A 28 -2.62 -1.23 1.01
C CYS A 28 -4.08 -1.63 1.26
N ARG A 29 -4.94 -1.39 0.30
CA ARG A 29 -6.38 -1.73 0.46
C ARG A 29 -6.59 -3.25 0.40
N GLN A 30 -5.61 -3.98 -0.05
CA GLN A 30 -5.76 -5.46 -0.12
C GLN A 30 -5.51 -6.10 1.24
N CYS A 31 -4.28 -6.14 1.68
CA CYS A 31 -3.97 -6.76 3.00
C CYS A 31 -4.26 -5.76 4.12
N GLY A 32 -4.00 -4.50 3.90
CA GLY A 32 -4.25 -3.49 4.96
C GLY A 32 -2.93 -3.11 5.65
N ASN A 33 -2.03 -2.50 4.92
CA ASN A 33 -0.73 -2.10 5.53
C ASN A 33 -0.32 -0.71 5.06
N ILE A 34 0.35 0.04 5.90
CA ILE A 34 0.77 1.41 5.50
C ILE A 34 1.95 1.34 4.51
N PHE A 35 1.89 2.10 3.46
CA PHE A 35 3.01 2.08 2.47
C PHE A 35 3.28 3.49 1.93
N CYS A 36 4.44 3.71 1.37
CA CYS A 36 4.78 5.07 0.85
C CYS A 36 4.53 5.17 -0.66
N ALA A 37 4.87 6.29 -1.24
CA ALA A 37 4.65 6.47 -2.70
C ALA A 37 5.52 5.50 -3.51
N GLU A 38 6.45 4.84 -2.86
CA GLU A 38 7.32 3.88 -3.61
C GLU A 38 6.66 2.50 -3.67
N CYS A 39 6.12 2.05 -2.58
CA CYS A 39 5.47 0.71 -2.56
C CYS A 39 4.01 0.82 -3.05
N SER A 40 3.39 1.95 -2.85
CA SER A 40 1.98 2.10 -3.30
C SER A 40 1.90 2.64 -4.72
N ALA A 41 3.01 2.72 -5.40
CA ALA A 41 2.99 3.24 -6.81
C ALA A 41 2.73 2.08 -7.77
N LYS A 42 1.86 1.18 -7.41
CA LYS A 42 1.56 0.03 -8.31
C LYS A 42 0.05 -0.17 -8.45
N ASN A 43 -0.40 -0.59 -9.60
CA ASN A 43 -1.86 -0.82 -9.80
C ASN A 43 -2.10 -2.27 -10.21
N ALA A 44 -2.99 -2.96 -9.54
CA ALA A 44 -3.26 -4.37 -9.90
C ALA A 44 -4.75 -4.59 -10.16
N LEU A 45 -5.11 -4.90 -11.37
CA LEU A 45 -6.55 -5.12 -11.68
C LEU A 45 -7.00 -6.48 -11.14
N THR A 46 -7.91 -6.49 -10.22
CA THR A 46 -8.39 -7.78 -9.65
C THR A 46 -9.34 -8.46 -10.63
N PRO A 47 -9.28 -9.77 -10.66
CA PRO A 47 -10.16 -10.56 -11.55
C PRO A 47 -11.62 -10.45 -11.10
N SER A 48 -11.83 -10.01 -9.89
CA SER A 48 -13.22 -9.85 -9.38
C SER A 48 -13.83 -8.55 -9.92
N SER A 49 -13.15 -7.46 -9.74
CA SER A 49 -13.68 -6.15 -10.24
C SER A 49 -12.78 -5.64 -11.37
N LYS A 50 -13.32 -5.48 -12.55
CA LYS A 50 -12.47 -4.99 -13.68
C LYS A 50 -11.94 -3.58 -13.38
N LYS A 51 -10.89 -3.51 -12.62
CA LYS A 51 -10.31 -2.17 -12.28
C LYS A 51 -8.93 -2.34 -11.63
N PRO A 52 -7.98 -1.62 -12.15
CA PRO A 52 -6.59 -1.67 -11.61
C PRO A 52 -6.54 -0.95 -10.26
N VAL A 53 -6.78 -1.66 -9.19
CA VAL A 53 -6.75 -1.03 -7.84
C VAL A 53 -5.32 -0.91 -7.33
N ARG A 54 -5.04 0.10 -6.55
CA ARG A 54 -3.65 0.28 -6.02
C ARG A 54 -3.37 -0.73 -4.91
N VAL A 55 -2.23 -1.36 -4.97
CA VAL A 55 -1.88 -2.36 -3.91
C VAL A 55 -0.35 -2.49 -3.80
N CYS A 56 0.16 -2.53 -2.60
CA CYS A 56 1.64 -2.64 -2.42
C CYS A 56 2.21 -3.66 -3.42
N ASP A 57 3.49 -3.57 -3.70
CA ASP A 57 4.11 -4.52 -4.67
C ASP A 57 3.69 -5.96 -4.36
N ALA A 58 3.81 -6.38 -3.12
CA ALA A 58 3.41 -7.76 -2.75
C ALA A 58 2.08 -8.12 -3.40
N CYS A 59 1.02 -7.50 -2.99
CA CYS A 59 -0.32 -7.82 -3.58
C CYS A 59 -0.35 -7.41 -5.06
N PHE A 60 0.35 -6.38 -5.41
CA PHE A 60 0.35 -5.93 -6.83
C PHE A 60 0.85 -7.06 -7.74
N ASN A 61 1.97 -7.64 -7.43
CA ASN A 61 2.52 -8.74 -8.28
C ASN A 61 1.82 -10.06 -7.90
N ASP A 62 1.44 -10.22 -6.67
CA ASP A 62 0.77 -11.48 -6.25
C ASP A 62 -0.62 -11.57 -6.89
N LEU A 63 -1.07 -10.50 -7.51
CA LEU A 63 -2.41 -10.52 -8.16
C LEU A 63 -2.28 -10.75 -9.66
N GLN A 64 -1.25 -10.23 -10.26
CA GLN A 64 -1.07 -10.42 -11.74
C GLN A 64 -0.80 -11.89 -12.05
N GLY A 65 -0.45 -12.68 -11.06
CA GLY A 65 -0.17 -14.11 -11.31
C GLY A 65 -1.23 -14.96 -10.61
ZN ZN B . 7.19 1.19 0.61
ZN ZN C . -0.98 -5.88 0.19
N ARG A 1 -8.55 4.25 13.67
CA ARG A 1 -8.05 4.31 15.07
C ARG A 1 -8.54 3.10 15.86
N LYS A 2 -9.12 2.13 15.20
CA LYS A 2 -9.60 0.92 15.91
C LYS A 2 -9.23 -0.35 15.14
N TRP A 3 -8.55 -0.21 14.04
CA TRP A 3 -8.14 -1.42 13.26
C TRP A 3 -6.64 -1.66 13.37
N ALA A 4 -5.88 -1.18 12.43
CA ALA A 4 -4.40 -1.37 12.48
C ALA A 4 -3.74 -0.23 13.25
N GLU A 5 -4.50 0.80 13.56
CA GLU A 5 -3.91 1.95 14.29
C GLU A 5 -2.73 2.54 13.51
N ASP A 6 -2.96 2.93 12.29
CA ASP A 6 -1.85 3.50 11.47
C ASP A 6 -1.04 4.49 12.32
N ASN A 7 -1.64 5.06 13.32
CA ASN A 7 -0.89 6.03 14.18
C ASN A 7 0.39 5.39 14.70
N GLU A 8 0.36 4.11 14.95
CA GLU A 8 1.59 3.42 15.46
C GLU A 8 2.59 3.22 14.32
N VAL A 9 2.17 3.43 13.11
CA VAL A 9 3.11 3.23 11.95
C VAL A 9 3.77 4.56 11.57
N GLN A 10 2.98 5.53 11.17
CA GLN A 10 3.54 6.85 10.76
C GLN A 10 4.84 6.66 9.99
N ASN A 11 4.98 5.54 9.33
CA ASN A 11 6.23 5.29 8.54
C ASN A 11 6.06 4.04 7.69
N CYS A 12 6.63 4.02 6.51
CA CYS A 12 6.51 2.82 5.64
C CYS A 12 6.93 1.56 6.41
N MET A 13 6.10 0.56 6.43
CA MET A 13 6.46 -0.69 7.16
C MET A 13 7.34 -1.59 6.29
N ALA A 14 7.28 -1.40 4.99
CA ALA A 14 8.10 -2.25 4.08
C ALA A 14 9.50 -1.65 3.91
N CYS A 15 9.61 -0.62 3.11
CA CYS A 15 10.94 0.01 2.89
C CYS A 15 11.40 0.78 4.14
N GLY A 16 10.48 1.46 4.78
CA GLY A 16 10.87 2.22 6.00
C GLY A 16 10.76 3.72 5.72
N LYS A 17 10.58 4.10 4.49
CA LYS A 17 10.48 5.54 4.15
C LYS A 17 9.64 6.28 5.19
N GLY A 18 10.10 7.41 5.65
CA GLY A 18 9.32 8.19 6.66
C GLY A 18 8.32 9.08 5.94
N PHE A 19 7.06 8.89 6.19
CA PHE A 19 6.02 9.73 5.52
C PHE A 19 6.28 11.22 5.78
N SER A 20 6.74 11.93 4.79
CA SER A 20 7.01 13.38 4.97
C SER A 20 6.19 14.20 3.98
N VAL A 21 6.49 15.47 3.85
CA VAL A 21 5.72 16.32 2.90
C VAL A 21 5.92 15.84 1.47
N THR A 22 6.94 15.07 1.23
CA THR A 22 7.19 14.55 -0.15
C THR A 22 6.43 13.24 -0.37
N VAL A 23 6.20 12.50 0.68
CA VAL A 23 5.47 11.21 0.54
C VAL A 23 4.18 11.25 1.34
N ARG A 24 3.14 10.62 0.85
CA ARG A 24 1.85 10.62 1.59
C ARG A 24 1.60 9.24 2.21
N ARG A 25 0.74 9.16 3.18
CA ARG A 25 0.47 7.84 3.83
C ARG A 25 -0.61 7.07 3.07
N HIS A 26 -0.22 6.01 2.39
CA HIS A 26 -1.23 5.19 1.64
C HIS A 26 -1.05 3.72 2.01
N HIS A 27 -2.09 3.08 2.51
CA HIS A 27 -1.97 1.64 2.89
C HIS A 27 -2.43 0.73 1.76
N CYS A 28 -2.07 -0.52 1.80
CA CYS A 28 -2.47 -1.47 0.73
C CYS A 28 -3.96 -1.82 0.85
N ARG A 29 -4.72 -1.61 -0.18
CA ARG A 29 -6.17 -1.94 -0.12
C ARG A 29 -6.36 -3.46 -0.02
N GLN A 30 -5.54 -4.21 -0.70
CA GLN A 30 -5.66 -5.70 -0.64
C GLN A 30 -5.18 -6.22 0.71
N CYS A 31 -3.91 -6.16 0.96
CA CYS A 31 -3.36 -6.65 2.25
C CYS A 31 -3.90 -5.81 3.41
N GLY A 32 -4.05 -4.53 3.21
CA GLY A 32 -4.56 -3.66 4.30
C GLY A 32 -3.38 -3.25 5.19
N ASN A 33 -2.26 -2.96 4.59
CA ASN A 33 -1.07 -2.56 5.38
C ASN A 33 -0.61 -1.16 4.99
N ILE A 34 0.15 -0.51 5.83
CA ILE A 34 0.63 0.87 5.50
C ILE A 34 1.86 0.81 4.58
N PHE A 35 1.83 1.50 3.48
CA PHE A 35 2.99 1.50 2.54
C PHE A 35 3.20 2.89 1.95
N CYS A 36 4.37 3.16 1.43
CA CYS A 36 4.64 4.49 0.82
C CYS A 36 4.48 4.42 -0.69
N ALA A 37 4.73 5.51 -1.38
CA ALA A 37 4.59 5.51 -2.86
C ALA A 37 5.58 4.53 -3.49
N GLU A 38 6.64 4.20 -2.79
CA GLU A 38 7.63 3.25 -3.35
C GLU A 38 7.06 1.83 -3.40
N CYS A 39 6.54 1.35 -2.31
CA CYS A 39 5.97 -0.03 -2.30
C CYS A 39 4.67 -0.07 -3.12
N SER A 40 3.80 0.89 -2.93
CA SER A 40 2.52 0.89 -3.69
C SER A 40 2.69 1.65 -5.01
N ALA A 41 3.90 1.75 -5.50
CA ALA A 41 4.13 2.46 -6.78
C ALA A 41 3.56 1.64 -7.94
N LYS A 42 3.13 0.44 -7.67
CA LYS A 42 2.58 -0.41 -8.77
C LYS A 42 1.06 -0.55 -8.60
N ASN A 43 0.37 -0.89 -9.65
CA ASN A 43 -1.11 -1.04 -9.56
C ASN A 43 -1.55 -2.35 -10.18
N ALA A 44 -2.56 -2.97 -9.64
CA ALA A 44 -3.03 -4.28 -10.20
C ALA A 44 -4.56 -4.30 -10.25
N LEU A 45 -5.13 -4.88 -11.27
CA LEU A 45 -6.61 -4.93 -11.36
C LEU A 45 -7.17 -5.93 -10.34
N THR A 46 -8.41 -5.79 -9.98
CA THR A 46 -9.00 -6.72 -8.98
C THR A 46 -10.06 -7.61 -9.63
N PRO A 47 -10.02 -8.87 -9.28
CA PRO A 47 -11.01 -9.84 -9.82
C PRO A 47 -12.40 -9.53 -9.26
N SER A 48 -12.46 -8.79 -8.18
CA SER A 48 -13.77 -8.44 -7.58
C SER A 48 -14.37 -7.24 -8.33
N SER A 49 -13.66 -6.15 -8.34
CA SER A 49 -14.15 -4.93 -9.05
C SER A 49 -13.63 -4.91 -10.49
N LYS A 50 -13.70 -3.78 -11.13
CA LYS A 50 -13.20 -3.70 -12.54
C LYS A 50 -12.27 -2.50 -12.71
N LYS A 51 -11.31 -2.35 -11.84
CA LYS A 51 -10.38 -1.20 -11.95
C LYS A 51 -9.04 -1.55 -11.32
N PRO A 52 -8.01 -0.90 -11.79
CA PRO A 52 -6.64 -1.15 -11.27
C PRO A 52 -6.48 -0.55 -9.87
N VAL A 53 -6.44 -1.39 -8.86
CA VAL A 53 -6.29 -0.87 -7.47
C VAL A 53 -4.81 -0.79 -7.11
N ARG A 54 -4.42 0.22 -6.38
CA ARG A 54 -2.98 0.36 -5.99
C ARG A 54 -2.60 -0.71 -4.95
N VAL A 55 -1.48 -1.36 -5.14
CA VAL A 55 -1.05 -2.40 -4.17
C VAL A 55 0.48 -2.39 -4.03
N CYS A 56 0.98 -2.88 -2.93
CA CYS A 56 2.46 -2.91 -2.72
C CYS A 56 3.12 -3.89 -3.70
N ASP A 57 4.36 -3.65 -4.04
CA ASP A 57 5.07 -4.56 -4.98
C ASP A 57 4.74 -6.03 -4.68
N ALA A 58 4.81 -6.42 -3.44
CA ALA A 58 4.50 -7.83 -3.07
C ALA A 58 3.15 -8.24 -3.67
N CYS A 59 2.09 -7.64 -3.22
CA CYS A 59 0.75 -7.99 -3.76
C CYS A 59 0.65 -7.57 -5.23
N PHE A 60 1.32 -6.52 -5.61
CA PHE A 60 1.27 -6.06 -7.02
C PHE A 60 1.51 -7.25 -7.96
N ASN A 61 2.46 -8.08 -7.63
CA ASN A 61 2.74 -9.26 -8.51
C ASN A 61 1.69 -10.35 -8.27
N ASP A 62 1.33 -10.59 -7.05
CA ASP A 62 0.31 -11.64 -6.77
C ASP A 62 -0.89 -11.47 -7.69
N LEU A 63 -1.12 -10.27 -8.16
CA LEU A 63 -2.28 -10.04 -9.07
C LEU A 63 -1.82 -10.04 -10.53
N GLN A 64 -0.56 -9.83 -10.77
CA GLN A 64 -0.05 -9.82 -12.18
C GLN A 64 -0.48 -11.11 -12.89
N GLY A 65 -0.80 -12.13 -12.14
CA GLY A 65 -1.22 -13.42 -12.77
C GLY A 65 -0.45 -14.58 -12.13
ZN ZN B . 8.12 1.18 0.90
ZN ZN C . -0.18 -5.97 0.31
N ARG A 1 -7.07 5.27 10.21
CA ARG A 1 -7.99 4.69 11.22
C ARG A 1 -8.15 3.19 11.01
N LYS A 2 -9.13 2.58 11.63
CA LYS A 2 -9.33 1.12 11.46
C LYS A 2 -8.06 0.36 11.86
N TRP A 3 -7.95 -0.88 11.46
CA TRP A 3 -6.74 -1.67 11.81
C TRP A 3 -5.51 -1.09 11.09
N ALA A 4 -5.71 -0.45 9.97
CA ALA A 4 -4.55 0.12 9.23
C ALA A 4 -3.66 0.92 10.19
N GLU A 5 -4.24 1.48 11.22
CA GLU A 5 -3.43 2.26 12.19
C GLU A 5 -2.48 3.22 11.46
N ASP A 6 -3.00 3.99 10.54
CA ASP A 6 -2.14 4.93 9.78
C ASP A 6 -1.62 6.03 10.71
N ASN A 7 -2.31 6.27 11.80
CA ASN A 7 -1.85 7.33 12.76
C ASN A 7 -0.77 6.76 13.68
N GLU A 8 -0.34 5.55 13.44
CA GLU A 8 0.72 4.95 14.30
C GLU A 8 1.86 4.39 13.45
N VAL A 9 1.79 4.61 12.16
CA VAL A 9 2.87 4.10 11.27
C VAL A 9 3.48 5.24 10.46
N GLN A 10 4.43 5.94 11.04
CA GLN A 10 5.07 7.07 10.32
C GLN A 10 6.28 6.56 9.52
N ASN A 11 6.35 5.28 9.29
CA ASN A 11 7.51 4.72 8.54
C ASN A 11 7.04 3.62 7.59
N CYS A 12 7.14 3.83 6.30
CA CYS A 12 6.71 2.79 5.33
C CYS A 12 7.20 1.42 5.78
N MET A 13 6.30 0.51 6.03
CA MET A 13 6.71 -0.85 6.47
C MET A 13 7.61 -1.52 5.43
N ALA A 14 7.54 -1.09 4.20
CA ALA A 14 8.39 -1.71 3.15
C ALA A 14 9.80 -1.13 3.16
N CYS A 15 9.99 0.03 2.59
CA CYS A 15 11.35 0.64 2.58
C CYS A 15 11.68 1.27 3.94
N GLY A 16 10.68 1.69 4.66
CA GLY A 16 10.94 2.31 6.00
C GLY A 16 11.19 3.81 5.83
N LYS A 17 10.68 4.39 4.78
CA LYS A 17 10.88 5.85 4.56
C LYS A 17 10.25 6.65 5.70
N GLY A 18 10.83 7.78 6.03
CA GLY A 18 10.28 8.61 7.14
C GLY A 18 9.12 9.46 6.59
N PHE A 19 7.91 9.02 6.78
CA PHE A 19 6.74 9.80 6.28
C PHE A 19 6.86 11.26 6.70
N SER A 20 6.12 12.13 6.07
CA SER A 20 6.19 13.57 6.43
C SER A 20 5.07 14.36 5.72
N VAL A 21 5.13 15.66 5.75
CA VAL A 21 4.06 16.46 5.08
C VAL A 21 4.26 16.41 3.56
N THR A 22 5.48 16.27 3.11
CA THR A 22 5.74 16.20 1.65
C THR A 22 5.56 14.77 1.16
N VAL A 23 5.58 13.83 2.05
CA VAL A 23 5.39 12.40 1.65
C VAL A 23 3.92 12.01 1.79
N ARG A 24 3.37 11.34 0.83
CA ARG A 24 1.94 10.94 0.92
C ARG A 24 1.82 9.54 1.54
N ARG A 25 0.69 9.24 2.13
CA ARG A 25 0.51 7.90 2.75
C ARG A 25 -0.21 6.95 1.79
N HIS A 26 0.37 5.81 1.50
CA HIS A 26 -0.28 4.86 0.55
C HIS A 26 -0.48 3.50 1.24
N HIS A 27 -1.67 3.25 1.72
CA HIS A 27 -1.94 1.95 2.41
C HIS A 27 -2.44 0.90 1.41
N CYS A 28 -1.97 -0.32 1.50
CA CYS A 28 -2.45 -1.37 0.55
C CYS A 28 -3.87 -1.79 0.92
N ARG A 29 -4.75 -1.83 -0.05
CA ARG A 29 -6.16 -2.23 0.24
C ARG A 29 -6.30 -3.74 0.36
N GLN A 30 -5.57 -4.48 -0.43
CA GLN A 30 -5.67 -5.97 -0.35
C GLN A 30 -5.08 -6.48 0.95
N CYS A 31 -3.79 -6.34 1.12
CA CYS A 31 -3.15 -6.81 2.39
C CYS A 31 -3.56 -5.92 3.55
N GLY A 32 -3.47 -4.63 3.37
CA GLY A 32 -3.84 -3.70 4.47
C GLY A 32 -2.58 -3.23 5.19
N ASN A 33 -1.68 -2.62 4.47
CA ASN A 33 -0.41 -2.14 5.11
C ASN A 33 -0.01 -0.78 4.53
N ILE A 34 0.46 0.11 5.37
CA ILE A 34 0.85 1.45 4.87
C ILE A 34 2.07 1.35 3.97
N PHE A 35 2.13 2.16 2.95
CA PHE A 35 3.30 2.11 2.04
C PHE A 35 3.59 3.49 1.44
N CYS A 36 4.78 3.71 0.95
CA CYS A 36 5.11 5.03 0.36
C CYS A 36 4.82 5.04 -1.14
N ALA A 37 4.86 6.18 -1.76
CA ALA A 37 4.57 6.27 -3.22
C ALA A 37 5.53 5.37 -4.03
N GLU A 38 6.66 5.02 -3.47
CA GLU A 38 7.61 4.16 -4.22
C GLU A 38 7.15 2.69 -4.21
N CYS A 39 6.87 2.16 -3.06
CA CYS A 39 6.42 0.74 -2.98
C CYS A 39 4.99 0.61 -3.49
N SER A 40 4.17 1.58 -3.23
CA SER A 40 2.75 1.50 -3.71
C SER A 40 2.63 2.11 -5.11
N ALA A 41 3.73 2.24 -5.80
CA ALA A 41 3.69 2.81 -7.17
C ALA A 41 3.11 1.79 -8.15
N LYS A 42 3.00 0.56 -7.73
CA LYS A 42 2.45 -0.49 -8.62
C LYS A 42 1.02 -0.87 -8.20
N ASN A 43 0.12 -0.97 -9.13
CA ASN A 43 -1.29 -1.32 -8.77
C ASN A 43 -1.74 -2.55 -9.56
N ALA A 44 -2.67 -3.30 -9.04
CA ALA A 44 -3.15 -4.51 -9.77
C ALA A 44 -4.63 -4.39 -10.10
N LEU A 45 -5.03 -4.88 -11.23
CA LEU A 45 -6.47 -4.78 -11.62
C LEU A 45 -7.20 -6.09 -11.32
N THR A 46 -8.44 -6.01 -10.93
CA THR A 46 -9.22 -7.25 -10.63
C THR A 46 -10.43 -7.34 -11.55
N PRO A 47 -10.79 -8.55 -11.88
CA PRO A 47 -11.96 -8.78 -12.76
C PRO A 47 -13.27 -8.49 -12.02
N SER A 48 -13.20 -8.36 -10.72
CA SER A 48 -14.43 -8.06 -9.94
C SER A 48 -14.72 -6.56 -9.99
N SER A 49 -13.97 -5.78 -9.26
CA SER A 49 -14.20 -4.30 -9.26
C SER A 49 -13.71 -3.70 -10.58
N LYS A 50 -13.11 -4.50 -11.43
CA LYS A 50 -12.61 -3.97 -12.73
C LYS A 50 -11.84 -2.67 -12.52
N LYS A 51 -10.87 -2.68 -11.65
CA LYS A 51 -10.08 -1.43 -11.39
C LYS A 51 -8.71 -1.79 -10.83
N PRO A 52 -7.72 -1.04 -11.27
CA PRO A 52 -6.33 -1.28 -10.80
C PRO A 52 -6.18 -0.85 -9.34
N VAL A 53 -6.30 -1.77 -8.42
CA VAL A 53 -6.19 -1.42 -6.98
C VAL A 53 -4.72 -1.20 -6.60
N ARG A 54 -4.43 -0.10 -5.94
CA ARG A 54 -3.03 0.17 -5.53
C ARG A 54 -2.60 -0.82 -4.44
N VAL A 55 -1.70 -1.70 -4.74
CA VAL A 55 -1.26 -2.70 -3.72
C VAL A 55 0.26 -2.87 -3.76
N CYS A 56 0.85 -3.22 -2.66
CA CYS A 56 2.33 -3.42 -2.62
C CYS A 56 2.73 -4.54 -3.59
N ASP A 57 3.97 -4.58 -3.99
CA ASP A 57 4.41 -5.65 -4.94
C ASP A 57 4.10 -7.03 -4.35
N ALA A 58 3.94 -7.11 -3.06
CA ALA A 58 3.62 -8.42 -2.42
C ALA A 58 2.30 -8.96 -2.96
N CYS A 59 1.23 -8.24 -2.76
CA CYS A 59 -0.09 -8.71 -3.26
C CYS A 59 -0.09 -8.79 -4.78
N PHE A 60 0.52 -7.84 -5.43
CA PHE A 60 0.56 -7.87 -6.93
C PHE A 60 0.96 -9.26 -7.40
N ASN A 61 1.99 -9.82 -6.82
CA ASN A 61 2.44 -11.18 -7.23
C ASN A 61 1.34 -12.20 -6.87
N ASP A 62 0.56 -11.92 -5.87
CA ASP A 62 -0.53 -12.87 -5.49
C ASP A 62 -1.69 -12.78 -6.47
N LEU A 63 -1.84 -11.65 -7.11
CA LEU A 63 -2.97 -11.49 -8.09
C LEU A 63 -2.45 -11.60 -9.52
N GLN A 64 -1.23 -11.19 -9.75
CA GLN A 64 -0.66 -11.26 -11.13
C GLN A 64 0.00 -12.62 -11.34
N GLY A 65 0.14 -13.39 -10.30
CA GLY A 65 0.78 -14.73 -10.45
C GLY A 65 1.82 -14.93 -9.34
ZN ZN B . 8.91 1.90 0.80
ZN ZN C . -0.54 -6.34 -0.15
N ARG A 1 -6.55 -3.10 16.60
CA ARG A 1 -5.51 -3.07 17.67
C ARG A 1 -4.78 -4.42 17.74
N LYS A 2 -4.36 -4.91 16.61
CA LYS A 2 -3.64 -6.22 16.60
C LYS A 2 -2.12 -6.00 16.43
N TRP A 3 -1.73 -5.40 15.35
CA TRP A 3 -0.27 -5.14 15.13
C TRP A 3 -0.07 -3.82 14.39
N ALA A 4 1.01 -3.67 13.68
CA ALA A 4 1.26 -2.39 12.94
C ALA A 4 0.09 -2.11 11.99
N GLU A 5 -0.97 -1.55 12.49
CA GLU A 5 -2.14 -1.25 11.61
C GLU A 5 -2.35 0.27 11.51
N ASP A 6 -2.24 0.96 12.60
CA ASP A 6 -2.43 2.44 12.56
C ASP A 6 -2.20 3.05 13.95
N ASN A 7 -1.38 2.43 14.75
CA ASN A 7 -1.12 2.97 16.12
C ASN A 7 -0.12 4.13 16.05
N GLU A 8 0.83 4.03 15.18
CA GLU A 8 1.86 5.12 15.06
C GLU A 8 2.73 4.85 13.83
N VAL A 9 2.15 4.36 12.77
CA VAL A 9 2.95 4.07 11.55
C VAL A 9 3.21 5.35 10.77
N GLN A 10 3.64 6.40 11.42
CA GLN A 10 3.91 7.67 10.71
C GLN A 10 4.98 7.45 9.64
N ASN A 11 5.69 6.36 9.73
CA ASN A 11 6.76 6.07 8.73
C ASN A 11 6.51 4.72 8.06
N CYS A 12 6.77 4.62 6.79
CA CYS A 12 6.56 3.33 6.07
C CYS A 12 7.01 2.14 6.94
N MET A 13 6.33 1.03 6.86
CA MET A 13 6.73 -0.15 7.66
C MET A 13 7.72 -1.01 6.87
N ALA A 14 7.89 -0.71 5.60
CA ALA A 14 8.84 -1.50 4.78
C ALA A 14 10.14 -0.72 4.59
N CYS A 15 10.06 0.49 4.09
CA CYS A 15 11.29 1.30 3.89
C CYS A 15 11.61 2.12 5.14
N GLY A 16 10.63 2.38 5.95
CA GLY A 16 10.88 3.18 7.19
C GLY A 16 11.01 4.66 6.84
N LYS A 17 10.35 5.10 5.81
CA LYS A 17 10.44 6.55 5.42
C LYS A 17 9.41 7.36 6.21
N GLY A 18 9.74 8.59 6.54
CA GLY A 18 8.79 9.43 7.31
C GLY A 18 7.87 10.17 6.35
N PHE A 19 6.62 9.80 6.29
CA PHE A 19 5.68 10.49 5.36
C PHE A 19 5.77 12.00 5.56
N SER A 20 6.34 12.69 4.62
CA SER A 20 6.47 14.18 4.75
C SER A 20 5.40 14.88 3.90
N VAL A 21 5.25 16.16 4.07
CA VAL A 21 4.23 16.91 3.28
C VAL A 21 4.36 16.58 1.79
N THR A 22 5.54 16.25 1.35
CA THR A 22 5.74 15.93 -0.09
C THR A 22 5.54 14.43 -0.34
N VAL A 23 5.04 13.70 0.62
CA VAL A 23 4.84 12.24 0.42
C VAL A 23 3.47 11.81 0.96
N ARG A 24 2.63 11.26 0.13
CA ARG A 24 1.30 10.81 0.60
C ARG A 24 1.37 9.37 1.12
N ARG A 25 0.62 9.05 2.14
CA ARG A 25 0.66 7.68 2.69
C ARG A 25 -0.32 6.76 1.95
N HIS A 26 0.08 5.55 1.66
CA HIS A 26 -0.83 4.60 0.93
C HIS A 26 -0.56 3.17 1.38
N HIS A 27 -1.51 2.54 2.02
CA HIS A 27 -1.31 1.14 2.49
C HIS A 27 -1.85 0.16 1.46
N CYS A 28 -1.33 -1.05 1.42
CA CYS A 28 -1.82 -2.04 0.44
C CYS A 28 -3.24 -2.47 0.81
N ARG A 29 -4.16 -2.35 -0.11
CA ARG A 29 -5.57 -2.74 0.18
C ARG A 29 -5.69 -4.26 0.23
N GLN A 30 -4.83 -4.96 -0.46
CA GLN A 30 -4.90 -6.45 -0.45
C GLN A 30 -4.46 -6.99 0.91
N CYS A 31 -3.21 -6.87 1.24
CA CYS A 31 -2.71 -7.37 2.55
C CYS A 31 -3.15 -6.45 3.68
N GLY A 32 -3.07 -5.17 3.47
CA GLY A 32 -3.47 -4.21 4.53
C GLY A 32 -2.23 -3.72 5.28
N ASN A 33 -1.20 -3.33 4.57
CA ASN A 33 0.03 -2.85 5.25
C ASN A 33 0.31 -1.40 4.89
N ILE A 34 0.97 -0.67 5.76
CA ILE A 34 1.27 0.76 5.47
C ILE A 34 2.55 0.88 4.65
N PHE A 35 2.43 1.16 3.39
CA PHE A 35 3.65 1.28 2.53
C PHE A 35 3.71 2.67 1.90
N CYS A 36 4.86 3.06 1.42
CA CYS A 36 4.99 4.40 0.77
C CYS A 36 5.01 4.23 -0.75
N ALA A 37 5.16 5.30 -1.47
CA ALA A 37 5.18 5.19 -2.96
C ALA A 37 6.06 4.02 -3.42
N GLU A 38 7.25 3.93 -2.88
CA GLU A 38 8.18 2.83 -3.29
C GLU A 38 7.47 1.47 -3.24
N CYS A 39 7.23 0.97 -2.05
CA CYS A 39 6.57 -0.37 -1.92
C CYS A 39 5.31 -0.45 -2.79
N SER A 40 4.40 0.48 -2.66
CA SER A 40 3.14 0.42 -3.47
C SER A 40 3.29 1.16 -4.80
N ALA A 41 4.49 1.26 -5.32
CA ALA A 41 4.69 1.97 -6.62
C ALA A 41 3.85 1.32 -7.73
N LYS A 42 3.63 0.04 -7.65
CA LYS A 42 2.83 -0.66 -8.71
C LYS A 42 1.37 -0.81 -8.28
N ASN A 43 0.49 -1.03 -9.22
CA ASN A 43 -0.96 -1.18 -8.88
C ASN A 43 -1.61 -2.26 -9.75
N ALA A 44 -2.66 -2.88 -9.27
CA ALA A 44 -3.34 -3.94 -10.06
C ALA A 44 -4.85 -3.71 -10.07
N LEU A 45 -5.55 -4.29 -11.00
CA LEU A 45 -7.03 -4.10 -11.06
C LEU A 45 -7.76 -5.34 -10.55
N THR A 46 -8.84 -5.17 -9.86
CA THR A 46 -9.58 -6.35 -9.33
C THR A 46 -10.62 -6.81 -10.35
N PRO A 47 -10.74 -8.09 -10.49
CA PRO A 47 -11.71 -8.68 -11.45
C PRO A 47 -13.14 -8.46 -10.94
N SER A 48 -13.29 -8.07 -9.70
CA SER A 48 -14.66 -7.84 -9.16
C SER A 48 -15.12 -6.42 -9.52
N SER A 49 -14.28 -5.45 -9.33
CA SER A 49 -14.67 -4.05 -9.67
C SER A 49 -14.05 -3.64 -11.00
N LYS A 50 -14.00 -2.37 -11.28
CA LYS A 50 -13.40 -1.91 -12.57
C LYS A 50 -12.37 -0.81 -12.31
N LYS A 51 -11.59 -0.94 -11.27
CA LYS A 51 -10.57 0.10 -10.97
C LYS A 51 -9.27 -0.55 -10.48
N PRO A 52 -8.18 0.10 -10.77
CA PRO A 52 -6.85 -0.41 -10.36
C PRO A 52 -6.55 -0.05 -8.91
N VAL A 53 -6.37 -1.04 -8.06
CA VAL A 53 -6.07 -0.73 -6.63
C VAL A 53 -4.55 -0.76 -6.41
N ARG A 54 -4.06 0.05 -5.51
CA ARG A 54 -2.59 0.08 -5.26
C ARG A 54 -2.17 -1.13 -4.43
N VAL A 55 -1.42 -2.03 -5.00
CA VAL A 55 -0.97 -3.23 -4.24
C VAL A 55 0.56 -3.33 -4.28
N CYS A 56 1.14 -4.07 -3.38
CA CYS A 56 2.62 -4.21 -3.37
C CYS A 56 3.06 -5.27 -4.39
N ASP A 57 4.26 -5.17 -4.90
CA ASP A 57 4.76 -6.16 -5.91
C ASP A 57 4.24 -7.57 -5.59
N ALA A 58 4.38 -8.00 -4.36
CA ALA A 58 3.89 -9.36 -4.00
C ALA A 58 2.43 -9.53 -4.45
N CYS A 59 1.55 -8.71 -3.94
CA CYS A 59 0.12 -8.81 -4.35
C CYS A 59 0.01 -8.92 -5.87
N PHE A 60 0.73 -8.10 -6.57
CA PHE A 60 0.68 -8.13 -8.06
C PHE A 60 0.88 -9.56 -8.57
N ASN A 61 1.97 -10.18 -8.18
CA ASN A 61 2.23 -11.59 -8.64
C ASN A 61 1.01 -12.46 -8.36
N ASP A 62 0.37 -12.26 -7.25
CA ASP A 62 -0.83 -13.07 -6.91
C ASP A 62 -2.08 -12.46 -7.53
N LEU A 63 -1.93 -11.45 -8.33
CA LEU A 63 -3.12 -10.81 -8.95
C LEU A 63 -2.98 -10.76 -10.47
N GLN A 64 -1.77 -10.72 -10.96
CA GLN A 64 -1.57 -10.67 -12.44
C GLN A 64 -1.68 -12.08 -13.03
N GLY A 65 -1.96 -13.06 -12.20
CA GLY A 65 -2.09 -14.45 -12.73
C GLY A 65 -0.70 -15.10 -12.78
ZN ZN B . 7.97 1.26 1.23
ZN ZN C . -0.15 -5.82 -0.33
N ARG A 1 -6.14 -0.29 20.75
CA ARG A 1 -4.79 -0.30 20.10
C ARG A 1 -4.46 -1.71 19.60
N LYS A 2 -4.31 -1.88 18.32
CA LYS A 2 -3.99 -3.23 17.77
C LYS A 2 -3.77 -3.15 16.26
N TRP A 3 -2.92 -3.98 15.72
CA TRP A 3 -2.65 -3.97 14.26
C TRP A 3 -2.15 -2.59 13.83
N ALA A 4 -1.34 -2.53 12.80
CA ALA A 4 -0.83 -1.22 12.32
C ALA A 4 -1.97 -0.40 11.71
N GLU A 5 -3.01 -0.15 12.47
CA GLU A 5 -4.14 0.64 11.93
C GLU A 5 -3.83 2.14 11.99
N ASP A 6 -2.73 2.55 11.44
CA ASP A 6 -2.37 4.00 11.46
C ASP A 6 -2.22 4.49 12.90
N ASN A 7 -2.18 3.58 13.85
CA ASN A 7 -2.03 4.01 15.26
C ASN A 7 -0.57 4.38 15.55
N GLU A 8 0.33 4.03 14.68
CA GLU A 8 1.77 4.38 14.91
C GLU A 8 2.64 3.92 13.74
N VAL A 9 2.14 3.97 12.53
CA VAL A 9 2.95 3.54 11.37
C VAL A 9 3.36 4.76 10.53
N GLN A 10 4.25 5.57 11.04
CA GLN A 10 4.69 6.77 10.26
C GLN A 10 5.90 6.41 9.40
N ASN A 11 6.07 5.15 9.11
CA ASN A 11 7.22 4.73 8.28
C ASN A 11 6.85 3.46 7.50
N CYS A 12 6.80 3.54 6.19
CA CYS A 12 6.43 2.34 5.38
C CYS A 12 7.07 1.09 5.96
N MET A 13 6.34 0.35 6.76
CA MET A 13 6.90 -0.88 7.37
C MET A 13 7.64 -1.72 6.31
N ALA A 14 7.25 -1.60 5.08
CA ALA A 14 7.93 -2.40 4.01
C ALA A 14 9.31 -1.81 3.68
N CYS A 15 9.34 -0.74 2.93
CA CYS A 15 10.65 -0.13 2.56
C CYS A 15 11.18 0.73 3.71
N GLY A 16 10.34 1.16 4.60
CA GLY A 16 10.81 2.00 5.73
C GLY A 16 10.73 3.48 5.35
N LYS A 17 10.17 3.78 4.21
CA LYS A 17 10.05 5.20 3.79
C LYS A 17 9.66 6.10 4.96
N GLY A 18 10.40 7.15 5.20
CA GLY A 18 10.06 8.06 6.32
C GLY A 18 8.93 8.98 5.91
N PHE A 19 7.71 8.62 6.21
CA PHE A 19 6.56 9.48 5.81
C PHE A 19 6.72 10.89 6.36
N SER A 20 6.22 11.86 5.66
CA SER A 20 6.33 13.27 6.13
C SER A 20 5.26 14.13 5.45
N VAL A 21 5.03 15.31 5.95
CA VAL A 21 3.99 16.18 5.32
C VAL A 21 4.26 16.33 3.83
N THR A 22 5.46 16.05 3.39
CA THR A 22 5.78 16.18 1.94
C THR A 22 5.50 14.87 1.20
N VAL A 23 5.12 13.84 1.90
CA VAL A 23 4.84 12.54 1.21
C VAL A 23 3.61 11.85 1.81
N ARG A 24 2.49 11.96 1.15
CA ARG A 24 1.26 11.29 1.67
C ARG A 24 1.42 9.77 1.49
N ARG A 25 1.46 9.03 2.55
CA ARG A 25 1.63 7.56 2.44
C ARG A 25 0.38 6.90 1.84
N HIS A 26 0.53 5.78 1.19
CA HIS A 26 -0.64 5.08 0.59
C HIS A 26 -0.76 3.68 1.19
N HIS A 27 -1.96 3.24 1.46
CA HIS A 27 -2.12 1.87 2.06
C HIS A 27 -2.58 0.87 0.98
N CYS A 28 -2.18 -0.36 1.11
CA CYS A 28 -2.60 -1.37 0.10
C CYS A 28 -4.05 -1.79 0.34
N ARG A 29 -4.90 -1.60 -0.63
CA ARG A 29 -6.34 -1.98 -0.45
C ARG A 29 -6.49 -3.50 -0.50
N GLN A 30 -5.45 -4.21 -0.85
CA GLN A 30 -5.55 -5.69 -0.91
C GLN A 30 -5.40 -6.28 0.50
N CYS A 31 -4.22 -6.25 1.04
CA CYS A 31 -4.02 -6.79 2.42
C CYS A 31 -4.42 -5.75 3.46
N GLY A 32 -4.19 -4.50 3.17
CA GLY A 32 -4.56 -3.42 4.14
C GLY A 32 -3.31 -3.03 4.92
N ASN A 33 -2.30 -2.57 4.26
CA ASN A 33 -1.05 -2.16 4.96
C ASN A 33 -0.60 -0.77 4.52
N ILE A 34 0.09 -0.06 5.36
CA ILE A 34 0.56 1.31 4.99
C ILE A 34 1.81 1.22 4.10
N PHE A 35 1.77 1.85 2.95
CA PHE A 35 2.95 1.80 2.03
C PHE A 35 3.23 3.19 1.44
N CYS A 36 4.42 3.39 0.94
CA CYS A 36 4.76 4.72 0.35
C CYS A 36 4.68 4.67 -1.19
N ALA A 37 5.16 5.69 -1.84
CA ALA A 37 5.11 5.72 -3.34
C ALA A 37 6.02 4.65 -3.92
N GLU A 38 6.79 3.99 -3.11
CA GLU A 38 7.70 2.93 -3.63
C GLU A 38 6.98 1.58 -3.68
N CYS A 39 6.52 1.11 -2.56
CA CYS A 39 5.81 -0.21 -2.54
C CYS A 39 4.53 -0.13 -3.38
N SER A 40 3.77 0.92 -3.24
CA SER A 40 2.52 1.04 -4.03
C SER A 40 2.79 1.74 -5.35
N ALA A 41 3.99 1.58 -5.87
CA ALA A 41 4.33 2.23 -7.17
C ALA A 41 3.73 1.43 -8.34
N LYS A 42 3.04 0.36 -8.05
CA LYS A 42 2.46 -0.45 -9.16
C LYS A 42 0.96 -0.70 -8.90
N ASN A 43 0.21 -0.94 -9.94
CA ASN A 43 -1.26 -1.18 -9.75
C ASN A 43 -1.66 -2.48 -10.44
N ALA A 44 -2.69 -3.12 -9.94
CA ALA A 44 -3.14 -4.40 -10.57
C ALA A 44 -4.67 -4.41 -10.72
N LEU A 45 -5.18 -5.23 -11.58
CA LEU A 45 -6.66 -5.28 -11.77
C LEU A 45 -7.27 -6.46 -11.01
N THR A 46 -8.13 -6.19 -10.07
CA THR A 46 -8.75 -7.30 -9.30
C THR A 46 -10.21 -7.50 -9.76
N PRO A 47 -10.68 -8.71 -9.60
CA PRO A 47 -12.06 -9.04 -10.01
C PRO A 47 -13.08 -8.41 -9.06
N SER A 48 -12.64 -7.94 -7.92
CA SER A 48 -13.59 -7.31 -6.96
C SER A 48 -14.22 -6.05 -7.57
N SER A 49 -13.46 -5.29 -8.31
CA SER A 49 -14.02 -4.06 -8.93
C SER A 49 -13.45 -3.85 -10.33
N LYS A 50 -12.76 -4.83 -10.86
CA LYS A 50 -12.19 -4.69 -12.22
C LYS A 50 -11.56 -3.31 -12.39
N LYS A 51 -10.40 -3.11 -11.82
CA LYS A 51 -9.73 -1.79 -11.93
C LYS A 51 -8.28 -1.90 -11.47
N PRO A 52 -7.42 -1.13 -12.08
CA PRO A 52 -5.98 -1.15 -11.71
C PRO A 52 -5.82 -0.59 -10.30
N VAL A 53 -6.17 -1.37 -9.32
CA VAL A 53 -6.07 -0.91 -7.91
C VAL A 53 -4.60 -0.79 -7.49
N ARG A 54 -4.23 0.33 -6.92
CA ARG A 54 -2.82 0.49 -6.48
C ARG A 54 -2.55 -0.40 -5.28
N VAL A 55 -1.43 -1.10 -5.27
CA VAL A 55 -1.12 -1.99 -4.12
C VAL A 55 0.38 -2.23 -4.01
N CYS A 56 0.88 -2.46 -2.83
CA CYS A 56 2.33 -2.71 -2.66
C CYS A 56 2.81 -3.72 -3.70
N ASP A 57 3.99 -3.54 -4.23
CA ASP A 57 4.51 -4.48 -5.26
C ASP A 57 4.51 -5.91 -4.71
N ALA A 58 4.71 -6.07 -3.43
CA ALA A 58 4.71 -7.43 -2.83
C ALA A 58 3.41 -8.16 -3.18
N CYS A 59 2.30 -7.64 -2.72
CA CYS A 59 0.99 -8.30 -3.03
C CYS A 59 0.67 -8.17 -4.50
N PHE A 60 0.85 -7.00 -5.05
CA PHE A 60 0.57 -6.79 -6.50
C PHE A 60 1.05 -8.01 -7.30
N ASN A 61 2.15 -8.59 -6.91
CA ASN A 61 2.65 -9.79 -7.63
C ASN A 61 1.86 -11.02 -7.18
N ASP A 62 1.46 -11.07 -5.94
CA ASP A 62 0.67 -12.23 -5.46
C ASP A 62 -0.76 -12.10 -5.99
N LEU A 63 -1.12 -10.92 -6.41
CA LEU A 63 -2.48 -10.70 -6.96
C LEU A 63 -2.59 -11.34 -8.35
N GLN A 64 -1.53 -11.30 -9.11
CA GLN A 64 -1.57 -11.91 -10.48
C GLN A 64 -0.84 -13.25 -10.48
N GLY A 65 -0.04 -13.51 -9.48
CA GLY A 65 0.70 -14.80 -9.43
C GLY A 65 0.49 -15.47 -8.07
ZN ZN B . 7.52 1.13 0.33
ZN ZN C . -0.93 -5.84 0.34
N ARG A 1 -5.64 7.05 14.89
CA ARG A 1 -6.50 6.00 15.50
C ARG A 1 -7.47 5.44 14.46
N LYS A 2 -7.87 6.25 13.51
CA LYS A 2 -8.82 5.77 12.46
C LYS A 2 -8.37 4.41 11.92
N TRP A 3 -7.22 4.34 11.33
CA TRP A 3 -6.74 3.04 10.78
C TRP A 3 -5.93 2.26 11.82
N ALA A 4 -5.40 1.13 11.44
CA ALA A 4 -4.61 0.31 12.40
C ALA A 4 -3.42 1.12 12.94
N GLU A 5 -3.64 1.91 13.95
CA GLU A 5 -2.52 2.72 14.52
C GLU A 5 -1.79 3.47 13.42
N ASP A 6 -2.51 4.10 12.53
CA ASP A 6 -1.84 4.85 11.43
C ASP A 6 -0.93 5.94 12.01
N ASN A 7 -1.09 6.26 13.26
CA ASN A 7 -0.23 7.30 13.88
C ASN A 7 1.05 6.66 14.44
N GLU A 8 1.06 5.37 14.60
CA GLU A 8 2.28 4.70 15.13
C GLU A 8 3.15 4.17 13.99
N VAL A 9 2.64 4.20 12.79
CA VAL A 9 3.44 3.70 11.63
C VAL A 9 4.00 4.87 10.83
N GLN A 10 5.00 5.54 11.35
CA GLN A 10 5.59 6.68 10.61
C GLN A 10 6.71 6.19 9.69
N ASN A 11 6.70 4.93 9.37
CA ASN A 11 7.76 4.37 8.49
C ASN A 11 7.17 3.34 7.53
N CYS A 12 7.56 3.38 6.28
CA CYS A 12 7.02 2.41 5.29
C CYS A 12 7.63 1.02 5.54
N MET A 13 6.85 0.09 6.02
CA MET A 13 7.39 -1.27 6.30
C MET A 13 8.00 -1.89 5.03
N ALA A 14 7.72 -1.33 3.88
CA ALA A 14 8.27 -1.90 2.63
C ALA A 14 9.74 -1.49 2.44
N CYS A 15 9.98 -0.31 1.93
CA CYS A 15 11.38 0.14 1.72
C CYS A 15 11.94 0.78 2.99
N GLY A 16 11.10 1.43 3.76
CA GLY A 16 11.58 2.07 5.01
C GLY A 16 11.66 3.59 4.83
N LYS A 17 10.87 4.15 3.94
CA LYS A 17 10.93 5.62 3.74
C LYS A 17 10.27 6.33 4.92
N GLY A 18 10.81 7.43 5.34
CA GLY A 18 10.23 8.16 6.50
C GLY A 18 8.99 8.94 6.05
N PHE A 19 7.83 8.54 6.50
CA PHE A 19 6.58 9.25 6.11
C PHE A 19 6.68 10.74 6.49
N SER A 20 6.36 11.61 5.59
CA SER A 20 6.44 13.07 5.91
C SER A 20 5.61 13.89 4.90
N VAL A 21 5.42 15.15 5.17
CA VAL A 21 4.62 16.00 4.23
C VAL A 21 5.12 15.80 2.79
N THR A 22 6.40 15.57 2.62
CA THR A 22 6.94 15.36 1.25
C THR A 22 6.52 13.99 0.73
N VAL A 23 6.01 13.15 1.59
CA VAL A 23 5.58 11.79 1.15
C VAL A 23 4.20 11.46 1.74
N ARG A 24 3.21 11.31 0.90
CA ARG A 24 1.85 10.99 1.41
C ARG A 24 1.80 9.56 1.96
N ARG A 25 0.92 9.31 2.89
CA ARG A 25 0.83 7.93 3.47
C ARG A 25 -0.37 7.18 2.87
N HIS A 26 -0.11 6.08 2.21
CA HIS A 26 -1.24 5.30 1.60
C HIS A 26 -1.22 3.88 2.14
N HIS A 27 -2.35 3.22 2.14
CA HIS A 27 -2.40 1.82 2.65
C HIS A 27 -2.62 0.83 1.49
N CYS A 28 -2.56 -0.44 1.78
CA CYS A 28 -2.78 -1.45 0.70
C CYS A 28 -4.19 -2.04 0.83
N ARG A 29 -5.01 -1.84 -0.17
CA ARG A 29 -6.41 -2.37 -0.11
C ARG A 29 -6.41 -3.90 -0.28
N GLN A 30 -5.40 -4.45 -0.91
CA GLN A 30 -5.37 -5.92 -1.10
C GLN A 30 -5.11 -6.62 0.25
N CYS A 31 -3.92 -6.50 0.77
CA CYS A 31 -3.60 -7.14 2.08
C CYS A 31 -4.22 -6.32 3.21
N GLY A 32 -3.85 -5.08 3.30
CA GLY A 32 -4.40 -4.21 4.38
C GLY A 32 -3.24 -3.73 5.26
N ASN A 33 -2.45 -2.82 4.77
CA ASN A 33 -1.30 -2.32 5.58
C ASN A 33 -0.87 -0.93 5.10
N ILE A 34 -0.20 -0.18 5.93
CA ILE A 34 0.25 1.18 5.53
C ILE A 34 1.38 1.07 4.49
N PHE A 35 1.54 2.06 3.66
CA PHE A 35 2.61 1.98 2.62
C PHE A 35 2.99 3.38 2.08
N CYS A 36 4.14 3.48 1.48
CA CYS A 36 4.60 4.80 0.93
C CYS A 36 4.49 4.79 -0.60
N ALA A 37 4.60 5.95 -1.21
CA ALA A 37 4.50 6.02 -2.70
C ALA A 37 5.40 4.99 -3.38
N GLU A 38 6.69 5.18 -3.33
CA GLU A 38 7.63 4.22 -4.00
C GLU A 38 7.14 2.79 -3.84
N CYS A 39 6.62 2.46 -2.69
CA CYS A 39 6.12 1.07 -2.47
C CYS A 39 4.72 0.91 -3.07
N SER A 40 3.87 1.88 -2.86
CA SER A 40 2.48 1.79 -3.40
C SER A 40 2.44 2.40 -4.81
N ALA A 41 3.57 2.55 -5.43
CA ALA A 41 3.60 3.15 -6.80
C ALA A 41 3.08 2.14 -7.84
N LYS A 42 2.89 0.92 -7.45
CA LYS A 42 2.40 -0.10 -8.42
C LYS A 42 0.93 -0.43 -8.15
N ASN A 43 0.14 -0.53 -9.18
CA ASN A 43 -1.31 -0.85 -8.99
C ASN A 43 -1.68 -2.12 -9.74
N ALA A 44 -2.62 -2.87 -9.25
CA ALA A 44 -3.03 -4.13 -9.95
C ALA A 44 -4.54 -4.12 -10.19
N LEU A 45 -5.00 -4.87 -11.15
CA LEU A 45 -6.47 -4.91 -11.43
C LEU A 45 -7.12 -6.09 -10.69
N THR A 46 -8.40 -6.04 -10.49
CA THR A 46 -9.09 -7.15 -9.79
C THR A 46 -10.18 -7.77 -10.68
N PRO A 47 -10.34 -9.05 -10.56
CA PRO A 47 -11.35 -9.78 -11.36
C PRO A 47 -12.76 -9.43 -10.87
N SER A 48 -12.88 -8.95 -9.66
CA SER A 48 -14.23 -8.59 -9.13
C SER A 48 -14.66 -7.24 -9.70
N SER A 49 -13.71 -6.41 -10.03
CA SER A 49 -14.03 -5.07 -10.60
C SER A 49 -13.07 -4.76 -11.75
N LYS A 50 -13.59 -4.52 -12.92
CA LYS A 50 -12.69 -4.22 -14.08
C LYS A 50 -11.98 -2.87 -13.87
N LYS A 51 -11.27 -2.73 -12.79
CA LYS A 51 -10.56 -1.45 -12.53
C LYS A 51 -9.24 -1.71 -11.80
N PRO A 52 -8.22 -0.98 -12.18
CA PRO A 52 -6.90 -1.13 -11.55
C PRO A 52 -6.86 -0.39 -10.22
N VAL A 53 -6.52 -1.07 -9.16
CA VAL A 53 -6.46 -0.41 -7.82
C VAL A 53 -5.01 -0.29 -7.36
N ARG A 54 -4.71 0.67 -6.54
CA ARG A 54 -3.30 0.82 -6.06
C ARG A 54 -3.02 -0.11 -4.89
N VAL A 55 -2.06 -0.99 -5.03
CA VAL A 55 -1.73 -1.93 -3.92
C VAL A 55 -0.22 -2.02 -3.75
N CYS A 56 0.23 -2.40 -2.57
CA CYS A 56 1.70 -2.52 -2.36
C CYS A 56 2.29 -3.53 -3.33
N ASP A 57 3.58 -3.48 -3.55
CA ASP A 57 4.22 -4.44 -4.49
C ASP A 57 4.04 -5.88 -4.01
N ALA A 58 4.12 -6.11 -2.72
CA ALA A 58 3.96 -7.49 -2.20
C ALA A 58 2.67 -8.11 -2.73
N CYS A 59 1.53 -7.64 -2.29
CA CYS A 59 0.26 -8.23 -2.79
C CYS A 59 0.26 -8.20 -4.31
N PHE A 60 0.87 -7.20 -4.88
CA PHE A 60 0.93 -7.12 -6.37
C PHE A 60 1.45 -8.44 -6.93
N ASN A 61 2.46 -9.00 -6.32
CA ASN A 61 3.00 -10.29 -6.83
C ASN A 61 2.12 -11.45 -6.35
N ASP A 62 1.45 -11.28 -5.24
CA ASP A 62 0.57 -12.36 -4.72
C ASP A 62 -0.64 -12.56 -5.64
N LEU A 63 -1.07 -11.52 -6.30
CA LEU A 63 -2.24 -11.66 -7.21
C LEU A 63 -1.79 -11.66 -8.67
N GLN A 64 -0.66 -11.06 -8.93
CA GLN A 64 -0.15 -11.04 -10.34
C GLN A 64 0.63 -12.32 -10.62
N GLY A 65 0.48 -13.32 -9.80
CA GLY A 65 1.20 -14.59 -10.02
C GLY A 65 0.93 -15.11 -11.44
ZN ZN B . 8.23 3.77 1.03
ZN ZN C . -0.70 -6.44 0.13
N ARG A 1 -9.87 5.09 10.92
CA ARG A 1 -9.80 5.14 12.41
C ARG A 1 -10.27 3.81 13.00
N LYS A 2 -11.38 3.30 12.53
CA LYS A 2 -11.89 2.00 13.07
C LYS A 2 -11.14 0.83 12.42
N TRP A 3 -10.42 1.07 11.36
CA TRP A 3 -9.69 -0.02 10.68
C TRP A 3 -8.18 0.23 10.76
N ALA A 4 -7.39 -0.74 10.39
CA ALA A 4 -5.90 -0.57 10.45
C ALA A 4 -5.47 0.62 9.57
N GLU A 5 -5.66 1.81 10.04
CA GLU A 5 -5.25 3.00 9.23
C GLU A 5 -3.92 3.55 9.77
N ASP A 6 -3.76 3.54 11.06
CA ASP A 6 -2.50 4.05 11.67
C ASP A 6 -2.25 5.49 11.23
N ASN A 7 -3.08 6.42 11.63
CA ASN A 7 -2.88 7.84 11.23
C ASN A 7 -1.56 8.36 11.80
N GLU A 8 -1.04 7.70 12.79
CA GLU A 8 0.25 8.15 13.39
C GLU A 8 1.41 7.34 12.80
N VAL A 9 1.19 6.70 11.68
CA VAL A 9 2.28 5.89 11.06
C VAL A 9 3.34 6.80 10.45
N GLN A 10 4.59 6.57 10.77
CA GLN A 10 5.68 7.41 10.21
C GLN A 10 6.91 6.55 9.91
N ASN A 11 6.71 5.35 9.43
CA ASN A 11 7.85 4.46 9.12
C ASN A 11 7.45 3.38 8.11
N CYS A 12 7.68 3.61 6.85
CA CYS A 12 7.30 2.59 5.83
C CYS A 12 7.82 1.21 6.23
N MET A 13 6.97 0.38 6.78
CA MET A 13 7.41 -0.98 7.19
C MET A 13 8.20 -1.65 6.06
N ALA A 14 7.94 -1.26 4.84
CA ALA A 14 8.67 -1.87 3.69
C ALA A 14 10.11 -1.36 3.64
N CYS A 15 10.32 -0.21 3.06
CA CYS A 15 11.70 0.35 2.97
C CYS A 15 12.07 1.08 4.26
N GLY A 16 11.09 1.65 4.92
CA GLY A 16 11.38 2.38 6.18
C GLY A 16 11.30 3.89 5.92
N LYS A 17 10.95 4.28 4.73
CA LYS A 17 10.86 5.73 4.42
C LYS A 17 10.11 6.46 5.53
N GLY A 18 10.64 7.56 5.99
CA GLY A 18 9.95 8.32 7.08
C GLY A 18 8.88 9.23 6.46
N PHE A 19 7.63 8.95 6.72
CA PHE A 19 6.55 9.80 6.14
C PHE A 19 6.67 11.24 6.64
N SER A 20 6.14 12.17 5.90
CA SER A 20 6.21 13.60 6.32
C SER A 20 5.21 14.41 5.50
N VAL A 21 5.31 15.72 5.56
CA VAL A 21 4.35 16.56 4.79
C VAL A 21 4.78 16.64 3.31
N THR A 22 5.97 16.19 3.02
CA THR A 22 6.44 16.24 1.59
C THR A 22 6.08 14.95 0.86
N VAL A 23 5.67 13.94 1.58
CA VAL A 23 5.30 12.65 0.93
C VAL A 23 3.90 12.23 1.37
N ARG A 24 3.00 12.04 0.45
CA ARG A 24 1.63 11.61 0.83
C ARG A 24 1.69 10.19 1.37
N ARG A 25 0.70 9.75 2.10
CA ARG A 25 0.74 8.37 2.64
C ARG A 25 0.28 7.36 1.59
N HIS A 26 0.62 6.12 1.76
CA HIS A 26 0.22 5.08 0.78
C HIS A 26 -0.09 3.78 1.52
N HIS A 27 -1.27 3.26 1.38
CA HIS A 27 -1.61 1.99 2.08
C HIS A 27 -1.98 0.91 1.07
N CYS A 28 -1.67 -0.34 1.37
CA CYS A 28 -2.01 -1.43 0.41
C CYS A 28 -3.51 -1.72 0.48
N ARG A 29 -4.19 -1.65 -0.63
CA ARG A 29 -5.66 -1.92 -0.64
C ARG A 29 -5.95 -3.41 -0.56
N GLN A 30 -4.97 -4.25 -0.81
CA GLN A 30 -5.23 -5.72 -0.75
C GLN A 30 -5.24 -6.19 0.71
N CYS A 31 -4.08 -6.29 1.33
CA CYS A 31 -4.05 -6.75 2.75
C CYS A 31 -4.42 -5.60 3.69
N GLY A 32 -4.04 -4.40 3.35
CA GLY A 32 -4.37 -3.24 4.22
C GLY A 32 -3.18 -2.90 5.12
N ASN A 33 -2.11 -2.44 4.55
CA ASN A 33 -0.92 -2.10 5.38
C ASN A 33 -0.36 -0.72 4.99
N ILE A 34 0.39 -0.10 5.86
CA ILE A 34 0.97 1.23 5.52
C ILE A 34 2.16 1.04 4.56
N PHE A 35 2.26 1.86 3.56
CA PHE A 35 3.40 1.71 2.60
C PHE A 35 3.76 3.06 1.99
N CYS A 36 4.97 3.20 1.53
CA CYS A 36 5.37 4.49 0.91
C CYS A 36 4.97 4.49 -0.57
N ALA A 37 5.22 5.57 -1.26
CA ALA A 37 4.85 5.62 -2.71
C ALA A 37 5.48 4.44 -3.46
N GLU A 38 6.77 4.31 -3.40
CA GLU A 38 7.45 3.19 -4.12
C GLU A 38 6.69 1.86 -3.89
N CYS A 39 6.83 1.28 -2.73
CA CYS A 39 6.14 -0.01 -2.46
C CYS A 39 4.68 0.03 -2.94
N SER A 40 3.98 1.11 -2.69
CA SER A 40 2.56 1.19 -3.14
C SER A 40 2.47 1.77 -4.55
N ALA A 41 3.56 1.77 -5.27
CA ALA A 41 3.54 2.32 -6.66
C ALA A 41 3.13 1.22 -7.64
N LYS A 42 2.56 0.16 -7.16
CA LYS A 42 2.14 -0.95 -8.06
C LYS A 42 0.62 -0.94 -8.23
N ASN A 43 0.15 -1.14 -9.43
CA ASN A 43 -1.32 -1.14 -9.66
C ASN A 43 -1.73 -2.43 -10.40
N ALA A 44 -2.64 -3.19 -9.84
CA ALA A 44 -3.08 -4.43 -10.52
C ALA A 44 -4.60 -4.42 -10.70
N LEU A 45 -5.11 -5.18 -11.64
CA LEU A 45 -6.58 -5.20 -11.86
C LEU A 45 -7.24 -6.28 -11.01
N THR A 46 -8.52 -6.15 -10.76
CA THR A 46 -9.22 -7.17 -9.94
C THR A 46 -10.35 -7.82 -10.76
N PRO A 47 -10.39 -9.11 -10.73
CA PRO A 47 -11.44 -9.86 -11.47
C PRO A 47 -12.80 -9.65 -10.84
N SER A 48 -12.84 -9.07 -9.67
CA SER A 48 -14.15 -8.83 -8.99
C SER A 48 -14.86 -7.64 -9.64
N SER A 49 -14.12 -6.71 -10.16
CA SER A 49 -14.75 -5.52 -10.80
C SER A 49 -13.91 -5.05 -11.98
N LYS A 50 -14.42 -4.13 -12.76
CA LYS A 50 -13.64 -3.63 -13.93
C LYS A 50 -12.82 -2.41 -13.52
N LYS A 51 -12.06 -2.51 -12.47
CA LYS A 51 -11.23 -1.36 -12.02
C LYS A 51 -9.93 -1.85 -11.38
N PRO A 52 -8.87 -1.14 -11.64
CA PRO A 52 -7.55 -1.51 -11.08
C PRO A 52 -7.42 -1.00 -9.64
N VAL A 53 -6.78 -1.76 -8.81
CA VAL A 53 -6.60 -1.33 -7.39
C VAL A 53 -5.12 -1.15 -7.06
N ARG A 54 -4.81 -0.30 -6.12
CA ARG A 54 -3.37 -0.09 -5.76
C ARG A 54 -2.99 -0.94 -4.56
N VAL A 55 -1.98 -1.76 -4.69
CA VAL A 55 -1.54 -2.61 -3.54
C VAL A 55 -0.02 -2.74 -3.53
N CYS A 56 0.56 -2.94 -2.39
CA CYS A 56 2.05 -3.06 -2.32
C CYS A 56 2.52 -4.04 -3.40
N ASP A 57 3.74 -3.89 -3.86
CA ASP A 57 4.26 -4.82 -4.91
C ASP A 57 4.01 -6.28 -4.50
N ALA A 58 4.14 -6.59 -3.24
CA ALA A 58 3.90 -7.99 -2.80
C ALA A 58 2.54 -8.48 -3.28
N CYS A 59 1.47 -7.90 -2.81
CA CYS A 59 0.12 -8.33 -3.24
C CYS A 59 -0.07 -8.02 -4.73
N PHE A 60 0.55 -6.97 -5.21
CA PHE A 60 0.40 -6.61 -6.64
C PHE A 60 0.79 -7.80 -7.53
N ASN A 61 1.93 -8.40 -7.29
CA ASN A 61 2.34 -9.56 -8.12
C ASN A 61 1.48 -10.78 -7.78
N ASP A 62 1.20 -10.99 -6.52
CA ASP A 62 0.37 -12.15 -6.12
C ASP A 62 -0.85 -12.28 -7.03
N LEU A 63 -1.50 -11.19 -7.33
CA LEU A 63 -2.69 -11.25 -8.22
C LEU A 63 -2.26 -11.34 -9.69
N GLN A 64 -1.18 -10.68 -10.02
CA GLN A 64 -0.69 -10.72 -11.43
C GLN A 64 -0.04 -12.07 -11.73
N GLY A 65 0.05 -12.93 -10.75
CA GLY A 65 0.67 -14.26 -10.98
C GLY A 65 1.42 -14.71 -9.73
ZN ZN B . 8.79 0.71 0.93
ZN ZN C . -0.61 -6.10 0.62
#